data_3ELI
# 
_entry.id   3ELI 
# 
_audit_conform.dict_name       mmcif_pdbx.dic 
_audit_conform.dict_version    5.397 
_audit_conform.dict_location   http://mmcif.pdb.org/dictionaries/ascii/mmcif_pdbx.dic 
# 
loop_
_database_2.database_id 
_database_2.database_code 
_database_2.pdbx_database_accession 
_database_2.pdbx_DOI 
PDB   3ELI         pdb_00003eli 10.2210/pdb3eli/pdb 
RCSB  RCSB049472   ?            ?                   
WWPDB D_1000049472 ?            ?                   
# 
loop_
_pdbx_audit_revision_history.ordinal 
_pdbx_audit_revision_history.data_content_type 
_pdbx_audit_revision_history.major_revision 
_pdbx_audit_revision_history.minor_revision 
_pdbx_audit_revision_history.revision_date 
1 'Structure model' 1 0 2008-09-30 
2 'Structure model' 1 1 2011-07-13 
3 'Structure model' 1 2 2024-10-30 
# 
_pdbx_audit_revision_details.ordinal             1 
_pdbx_audit_revision_details.revision_ordinal    1 
_pdbx_audit_revision_details.data_content_type   'Structure model' 
_pdbx_audit_revision_details.provider            repository 
_pdbx_audit_revision_details.type                'Initial release' 
_pdbx_audit_revision_details.description         ? 
_pdbx_audit_revision_details.details             ? 
# 
loop_
_pdbx_audit_revision_group.ordinal 
_pdbx_audit_revision_group.revision_ordinal 
_pdbx_audit_revision_group.data_content_type 
_pdbx_audit_revision_group.group 
1 2 'Structure model' 'Version format compliance' 
2 3 'Structure model' 'Data collection'           
3 3 'Structure model' 'Database references'       
4 3 'Structure model' 'Derived calculations'      
5 3 'Structure model' 'Structure summary'         
# 
loop_
_pdbx_audit_revision_category.ordinal 
_pdbx_audit_revision_category.revision_ordinal 
_pdbx_audit_revision_category.data_content_type 
_pdbx_audit_revision_category.category 
1 3 'Structure model' chem_comp_atom            
2 3 'Structure model' chem_comp_bond            
3 3 'Structure model' database_2                
4 3 'Structure model' pdbx_entry_details        
5 3 'Structure model' pdbx_modification_feature 
6 3 'Structure model' struct_conn               
# 
loop_
_pdbx_audit_revision_item.ordinal 
_pdbx_audit_revision_item.revision_ordinal 
_pdbx_audit_revision_item.data_content_type 
_pdbx_audit_revision_item.item 
1 3 'Structure model' '_database_2.pdbx_DOI'                
2 3 'Structure model' '_database_2.pdbx_database_accession' 
3 3 'Structure model' '_struct_conn.pdbx_leaving_atom_flag' 
# 
_pdbx_database_status.status_code                     REL 
_pdbx_database_status.entry_id                        3ELI 
_pdbx_database_status.recvd_initial_deposition_date   2008-09-22 
_pdbx_database_status.deposit_site                    RCSB 
_pdbx_database_status.process_site                    RCSB 
_pdbx_database_status.status_code_sf                  REL 
_pdbx_database_status.status_code_mr                  ? 
_pdbx_database_status.SG_entry                        Y 
_pdbx_database_status.pdb_format_compatible           Y 
_pdbx_database_status.status_code_cs                  ? 
_pdbx_database_status.status_code_nmr_data            ? 
_pdbx_database_status.methods_development_category    ? 
# 
_pdbx_database_related.db_name        TargetDB 
_pdbx_database_related.db_id          SiR160 
_pdbx_database_related.details        . 
_pdbx_database_related.content_type   unspecified 
# 
loop_
_audit_author.name 
_audit_author.pdbx_ordinal 
'Forouhar, F.'                                    1  
'Su, M.'                                          2  
'Seetharaman, J.'                                 3  
'Janjua, H.'                                      4  
'Xiao, R.'                                        5  
'Ciccosanti, C.'                                  6  
'Foote, E.L.'                                     7  
'Wang, D.'                                        8  
'Tong, S.'                                        9  
'Everett, J.K.'                                   10 
'Acton, T.B.'                                     11 
'Montelione, G.T.'                                12 
'Hunt, J.F.'                                      13 
'Tong, L.'                                        14 
'Northeast Structural Genomics Consortium (NESG)' 15 
# 
_citation.id                        primary 
_citation.title                     
'Crystal structure of the AHSA1 (SPO3351) protein from Silicibacter pomeroyi, Northeast Structural Genomics Consortium Target SiR160' 
_citation.journal_abbrev            'To be Published' 
_citation.journal_volume            ? 
_citation.page_first                ? 
_citation.page_last                 ? 
_citation.year                      ? 
_citation.journal_id_ASTM           ? 
_citation.country                   ? 
_citation.journal_id_ISSN           ? 
_citation.journal_id_CSD            0353 
_citation.book_publisher            ? 
_citation.pdbx_database_id_PubMed   ? 
_citation.pdbx_database_id_DOI      ? 
# 
loop_
_citation_author.citation_id 
_citation_author.name 
_citation_author.ordinal 
_citation_author.identifier_ORCID 
primary 'Forouhar, F.'     1  ? 
primary 'Su, M.'           2  ? 
primary 'Seetharaman, J.'  3  ? 
primary 'Janjua, H.'       4  ? 
primary 'Xiao, R.'         5  ? 
primary 'Ciccosanti, C.'   6  ? 
primary 'Foote, E.L.'      7  ? 
primary 'Wang, D.'         8  ? 
primary 'Tong, S.'         9  ? 
primary 'Everett, J.K.'    10 ? 
primary 'Acton, T.B.'      11 ? 
primary 'Montelione, G.T.' 12 ? 
primary 'Hunt, J.F.'       13 ? 
primary 'Tong, L.'         14 ? 
# 
loop_
_entity.id 
_entity.type 
_entity.src_method 
_entity.pdbx_description 
_entity.formula_weight 
_entity.pdbx_number_of_molecules 
_entity.pdbx_ec 
_entity.pdbx_mutation 
_entity.pdbx_fragment 
_entity.details 
1 polymer man 'Aha1 domain protein' 17585.045 1  ? ? ? ? 
2 water   nat water                 18.015    10 ? ? ? ? 
# 
_entity_name_com.entity_id   1 
_entity_name_com.name        AHSA1 
# 
_entity_poly.entity_id                      1 
_entity_poly.type                           'polypeptide(L)' 
_entity_poly.nstd_linkage                   no 
_entity_poly.nstd_monomer                   yes 
_entity_poly.pdbx_seq_one_letter_code       
;(MSE)ADLRLEREFAVAPEALFAWVSDGAKLLQWWGPEGLHVPADQHDLDFTRLGPWFSV(MSE)VNGEGQRYKVSGQVT
HVKPPQSVGFTWGWHDDDDRRGAESHV(MSE)FIVEPCAKGARLILDHRELGDDE(MSE)SLRHEEGWTSSLRKLAAELA
LEHHHHHH
;
_entity_poly.pdbx_seq_one_letter_code_can   
;MADLRLEREFAVAPEALFAWVSDGAKLLQWWGPEGLHVPADQHDLDFTRLGPWFSVMVNGEGQRYKVSGQVTHVKPPQSV
GFTWGWHDDDDRRGAESHVMFIVEPCAKGARLILDHRELGDDEMSLRHEEGWTSSLRKLAAELALEHHHHHH
;
_entity_poly.pdbx_strand_id                 A 
_entity_poly.pdbx_target_identifier         SiR160 
# 
_pdbx_entity_nonpoly.entity_id   2 
_pdbx_entity_nonpoly.name        water 
_pdbx_entity_nonpoly.comp_id     HOH 
# 
loop_
_entity_poly_seq.entity_id 
_entity_poly_seq.num 
_entity_poly_seq.mon_id 
_entity_poly_seq.hetero 
1 1   MSE n 
1 2   ALA n 
1 3   ASP n 
1 4   LEU n 
1 5   ARG n 
1 6   LEU n 
1 7   GLU n 
1 8   ARG n 
1 9   GLU n 
1 10  PHE n 
1 11  ALA n 
1 12  VAL n 
1 13  ALA n 
1 14  PRO n 
1 15  GLU n 
1 16  ALA n 
1 17  LEU n 
1 18  PHE n 
1 19  ALA n 
1 20  TRP n 
1 21  VAL n 
1 22  SER n 
1 23  ASP n 
1 24  GLY n 
1 25  ALA n 
1 26  LYS n 
1 27  LEU n 
1 28  LEU n 
1 29  GLN n 
1 30  TRP n 
1 31  TRP n 
1 32  GLY n 
1 33  PRO n 
1 34  GLU n 
1 35  GLY n 
1 36  LEU n 
1 37  HIS n 
1 38  VAL n 
1 39  PRO n 
1 40  ALA n 
1 41  ASP n 
1 42  GLN n 
1 43  HIS n 
1 44  ASP n 
1 45  LEU n 
1 46  ASP n 
1 47  PHE n 
1 48  THR n 
1 49  ARG n 
1 50  LEU n 
1 51  GLY n 
1 52  PRO n 
1 53  TRP n 
1 54  PHE n 
1 55  SER n 
1 56  VAL n 
1 57  MSE n 
1 58  VAL n 
1 59  ASN n 
1 60  GLY n 
1 61  GLU n 
1 62  GLY n 
1 63  GLN n 
1 64  ARG n 
1 65  TYR n 
1 66  LYS n 
1 67  VAL n 
1 68  SER n 
1 69  GLY n 
1 70  GLN n 
1 71  VAL n 
1 72  THR n 
1 73  HIS n 
1 74  VAL n 
1 75  LYS n 
1 76  PRO n 
1 77  PRO n 
1 78  GLN n 
1 79  SER n 
1 80  VAL n 
1 81  GLY n 
1 82  PHE n 
1 83  THR n 
1 84  TRP n 
1 85  GLY n 
1 86  TRP n 
1 87  HIS n 
1 88  ASP n 
1 89  ASP n 
1 90  ASP n 
1 91  ASP n 
1 92  ARG n 
1 93  ARG n 
1 94  GLY n 
1 95  ALA n 
1 96  GLU n 
1 97  SER n 
1 98  HIS n 
1 99  VAL n 
1 100 MSE n 
1 101 PHE n 
1 102 ILE n 
1 103 VAL n 
1 104 GLU n 
1 105 PRO n 
1 106 CYS n 
1 107 ALA n 
1 108 LYS n 
1 109 GLY n 
1 110 ALA n 
1 111 ARG n 
1 112 LEU n 
1 113 ILE n 
1 114 LEU n 
1 115 ASP n 
1 116 HIS n 
1 117 ARG n 
1 118 GLU n 
1 119 LEU n 
1 120 GLY n 
1 121 ASP n 
1 122 ASP n 
1 123 GLU n 
1 124 MSE n 
1 125 SER n 
1 126 LEU n 
1 127 ARG n 
1 128 HIS n 
1 129 GLU n 
1 130 GLU n 
1 131 GLY n 
1 132 TRP n 
1 133 THR n 
1 134 SER n 
1 135 SER n 
1 136 LEU n 
1 137 ARG n 
1 138 LYS n 
1 139 LEU n 
1 140 ALA n 
1 141 ALA n 
1 142 GLU n 
1 143 LEU n 
1 144 ALA n 
1 145 LEU n 
1 146 GLU n 
1 147 HIS n 
1 148 HIS n 
1 149 HIS n 
1 150 HIS n 
1 151 HIS n 
1 152 HIS n 
# 
_entity_src_gen.entity_id                          1 
_entity_src_gen.pdbx_src_id                        1 
_entity_src_gen.pdbx_alt_source_flag               sample 
_entity_src_gen.pdbx_seq_type                      ? 
_entity_src_gen.pdbx_beg_seq_num                   ? 
_entity_src_gen.pdbx_end_seq_num                   ? 
_entity_src_gen.gene_src_common_name               ? 
_entity_src_gen.gene_src_genus                     ? 
_entity_src_gen.pdbx_gene_src_gene                 SPO3351 
_entity_src_gen.gene_src_species                   ? 
_entity_src_gen.gene_src_strain                    DSS-3 
_entity_src_gen.gene_src_tissue                    ? 
_entity_src_gen.gene_src_tissue_fraction           ? 
_entity_src_gen.gene_src_details                   ? 
_entity_src_gen.pdbx_gene_src_fragment             ? 
_entity_src_gen.pdbx_gene_src_scientific_name      'Silicibacter pomeroyi' 
_entity_src_gen.pdbx_gene_src_ncbi_taxonomy_id     89184 
_entity_src_gen.pdbx_gene_src_variant              ? 
_entity_src_gen.pdbx_gene_src_cell_line            ? 
_entity_src_gen.pdbx_gene_src_atcc                 ? 
_entity_src_gen.pdbx_gene_src_organ                ? 
_entity_src_gen.pdbx_gene_src_organelle            ? 
_entity_src_gen.pdbx_gene_src_cell                 ? 
_entity_src_gen.pdbx_gene_src_cellular_location    ? 
_entity_src_gen.host_org_common_name               ? 
_entity_src_gen.pdbx_host_org_scientific_name      'Escherichia coli' 
_entity_src_gen.pdbx_host_org_ncbi_taxonomy_id     562 
_entity_src_gen.host_org_genus                     ? 
_entity_src_gen.pdbx_host_org_gene                 ? 
_entity_src_gen.pdbx_host_org_organ                ? 
_entity_src_gen.host_org_species                   ? 
_entity_src_gen.pdbx_host_org_tissue               ? 
_entity_src_gen.pdbx_host_org_tissue_fraction      ? 
_entity_src_gen.pdbx_host_org_strain               'BL21(DE3)+Magic' 
_entity_src_gen.pdbx_host_org_variant              ? 
_entity_src_gen.pdbx_host_org_cell_line            ? 
_entity_src_gen.pdbx_host_org_atcc                 ? 
_entity_src_gen.pdbx_host_org_culture_collection   ? 
_entity_src_gen.pdbx_host_org_cell                 ? 
_entity_src_gen.pdbx_host_org_organelle            ? 
_entity_src_gen.pdbx_host_org_cellular_location    ? 
_entity_src_gen.pdbx_host_org_vector_type          plasmid 
_entity_src_gen.pdbx_host_org_vector               ? 
_entity_src_gen.host_org_details                   ? 
_entity_src_gen.expression_system_id               ? 
_entity_src_gen.plasmid_name                       pET21 
_entity_src_gen.plasmid_details                    ? 
_entity_src_gen.pdbx_description                   ? 
# 
loop_
_chem_comp.id 
_chem_comp.type 
_chem_comp.mon_nstd_flag 
_chem_comp.name 
_chem_comp.pdbx_synonyms 
_chem_comp.formula 
_chem_comp.formula_weight 
ALA 'L-peptide linking' y ALANINE          ? 'C3 H7 N O2'     89.093  
ARG 'L-peptide linking' y ARGININE         ? 'C6 H15 N4 O2 1' 175.209 
ASN 'L-peptide linking' y ASPARAGINE       ? 'C4 H8 N2 O3'    132.118 
ASP 'L-peptide linking' y 'ASPARTIC ACID'  ? 'C4 H7 N O4'     133.103 
CYS 'L-peptide linking' y CYSTEINE         ? 'C3 H7 N O2 S'   121.158 
GLN 'L-peptide linking' y GLUTAMINE        ? 'C5 H10 N2 O3'   146.144 
GLU 'L-peptide linking' y 'GLUTAMIC ACID'  ? 'C5 H9 N O4'     147.129 
GLY 'peptide linking'   y GLYCINE          ? 'C2 H5 N O2'     75.067  
HIS 'L-peptide linking' y HISTIDINE        ? 'C6 H10 N3 O2 1' 156.162 
HOH non-polymer         . WATER            ? 'H2 O'           18.015  
ILE 'L-peptide linking' y ISOLEUCINE       ? 'C6 H13 N O2'    131.173 
LEU 'L-peptide linking' y LEUCINE          ? 'C6 H13 N O2'    131.173 
LYS 'L-peptide linking' y LYSINE           ? 'C6 H15 N2 O2 1' 147.195 
MSE 'L-peptide linking' n SELENOMETHIONINE ? 'C5 H11 N O2 Se' 196.106 
PHE 'L-peptide linking' y PHENYLALANINE    ? 'C9 H11 N O2'    165.189 
PRO 'L-peptide linking' y PROLINE          ? 'C5 H9 N O2'     115.130 
SER 'L-peptide linking' y SERINE           ? 'C3 H7 N O3'     105.093 
THR 'L-peptide linking' y THREONINE        ? 'C4 H9 N O3'     119.119 
TRP 'L-peptide linking' y TRYPTOPHAN       ? 'C11 H12 N2 O2'  204.225 
TYR 'L-peptide linking' y TYROSINE         ? 'C9 H11 N O3'    181.189 
VAL 'L-peptide linking' y VALINE           ? 'C5 H11 N O2'    117.146 
# 
loop_
_pdbx_poly_seq_scheme.asym_id 
_pdbx_poly_seq_scheme.entity_id 
_pdbx_poly_seq_scheme.seq_id 
_pdbx_poly_seq_scheme.mon_id 
_pdbx_poly_seq_scheme.ndb_seq_num 
_pdbx_poly_seq_scheme.pdb_seq_num 
_pdbx_poly_seq_scheme.auth_seq_num 
_pdbx_poly_seq_scheme.pdb_mon_id 
_pdbx_poly_seq_scheme.auth_mon_id 
_pdbx_poly_seq_scheme.pdb_strand_id 
_pdbx_poly_seq_scheme.pdb_ins_code 
_pdbx_poly_seq_scheme.hetero 
A 1 1   MSE 1   1   ?   ?   ?   A . n 
A 1 2   ALA 2   2   2   ALA ALA A . n 
A 1 3   ASP 3   3   3   ASP ASP A . n 
A 1 4   LEU 4   4   4   LEU LEU A . n 
A 1 5   ARG 5   5   5   ARG ARG A . n 
A 1 6   LEU 6   6   6   LEU LEU A . n 
A 1 7   GLU 7   7   7   GLU GLU A . n 
A 1 8   ARG 8   8   8   ARG ARG A . n 
A 1 9   GLU 9   9   9   GLU GLU A . n 
A 1 10  PHE 10  10  10  PHE PHE A . n 
A 1 11  ALA 11  11  11  ALA ALA A . n 
A 1 12  VAL 12  12  12  VAL VAL A . n 
A 1 13  ALA 13  13  13  ALA ALA A . n 
A 1 14  PRO 14  14  14  PRO PRO A . n 
A 1 15  GLU 15  15  15  GLU GLU A . n 
A 1 16  ALA 16  16  16  ALA ALA A . n 
A 1 17  LEU 17  17  17  LEU LEU A . n 
A 1 18  PHE 18  18  18  PHE PHE A . n 
A 1 19  ALA 19  19  19  ALA ALA A . n 
A 1 20  TRP 20  20  20  TRP TRP A . n 
A 1 21  VAL 21  21  21  VAL VAL A . n 
A 1 22  SER 22  22  22  SER SER A . n 
A 1 23  ASP 23  23  23  ASP ASP A . n 
A 1 24  GLY 24  24  24  GLY GLY A . n 
A 1 25  ALA 25  25  25  ALA ALA A . n 
A 1 26  LYS 26  26  26  LYS LYS A . n 
A 1 27  LEU 27  27  27  LEU LEU A . n 
A 1 28  LEU 28  28  28  LEU LEU A . n 
A 1 29  GLN 29  29  29  GLN GLN A . n 
A 1 30  TRP 30  30  30  TRP TRP A . n 
A 1 31  TRP 31  31  31  TRP TRP A . n 
A 1 32  GLY 32  32  32  GLY GLY A . n 
A 1 33  PRO 33  33  33  PRO PRO A . n 
A 1 34  GLU 34  34  34  GLU GLU A . n 
A 1 35  GLY 35  35  35  GLY GLY A . n 
A 1 36  LEU 36  36  36  LEU LEU A . n 
A 1 37  HIS 37  37  37  HIS HIS A . n 
A 1 38  VAL 38  38  38  VAL VAL A . n 
A 1 39  PRO 39  39  39  PRO PRO A . n 
A 1 40  ALA 40  40  40  ALA ALA A . n 
A 1 41  ASP 41  41  41  ASP ASP A . n 
A 1 42  GLN 42  42  42  GLN GLN A . n 
A 1 43  HIS 43  43  43  HIS HIS A . n 
A 1 44  ASP 44  44  44  ASP ASP A . n 
A 1 45  LEU 45  45  45  LEU LEU A . n 
A 1 46  ASP 46  46  46  ASP ASP A . n 
A 1 47  PHE 47  47  47  PHE PHE A . n 
A 1 48  THR 48  48  48  THR THR A . n 
A 1 49  ARG 49  49  49  ARG ARG A . n 
A 1 50  LEU 50  50  50  LEU LEU A . n 
A 1 51  GLY 51  51  51  GLY GLY A . n 
A 1 52  PRO 52  52  52  PRO PRO A . n 
A 1 53  TRP 53  53  53  TRP TRP A . n 
A 1 54  PHE 54  54  54  PHE PHE A . n 
A 1 55  SER 55  55  55  SER SER A . n 
A 1 56  VAL 56  56  56  VAL VAL A . n 
A 1 57  MSE 57  57  57  MSE MSE A . n 
A 1 58  VAL 58  58  58  VAL VAL A . n 
A 1 59  ASN 59  59  59  ASN ASN A . n 
A 1 60  GLY 60  60  60  GLY GLY A . n 
A 1 61  GLU 61  61  61  GLU GLU A . n 
A 1 62  GLY 62  62  62  GLY GLY A . n 
A 1 63  GLN 63  63  63  GLN GLN A . n 
A 1 64  ARG 64  64  64  ARG ARG A . n 
A 1 65  TYR 65  65  65  TYR TYR A . n 
A 1 66  LYS 66  66  66  LYS LYS A . n 
A 1 67  VAL 67  67  67  VAL VAL A . n 
A 1 68  SER 68  68  68  SER SER A . n 
A 1 69  GLY 69  69  69  GLY GLY A . n 
A 1 70  GLN 70  70  70  GLN GLN A . n 
A 1 71  VAL 71  71  71  VAL VAL A . n 
A 1 72  THR 72  72  72  THR THR A . n 
A 1 73  HIS 73  73  73  HIS HIS A . n 
A 1 74  VAL 74  74  74  VAL VAL A . n 
A 1 75  LYS 75  75  75  LYS LYS A . n 
A 1 76  PRO 76  76  76  PRO PRO A . n 
A 1 77  PRO 77  77  77  PRO PRO A . n 
A 1 78  GLN 78  78  78  GLN GLN A . n 
A 1 79  SER 79  79  79  SER SER A . n 
A 1 80  VAL 80  80  80  VAL VAL A . n 
A 1 81  GLY 81  81  81  GLY GLY A . n 
A 1 82  PHE 82  82  82  PHE PHE A . n 
A 1 83  THR 83  83  83  THR THR A . n 
A 1 84  TRP 84  84  84  TRP TRP A . n 
A 1 85  GLY 85  85  85  GLY GLY A . n 
A 1 86  TRP 86  86  86  TRP TRP A . n 
A 1 87  HIS 87  87  87  HIS HIS A . n 
A 1 88  ASP 88  88  88  ASP ASP A . n 
A 1 89  ASP 89  89  89  ASP ASP A . n 
A 1 90  ASP 90  90  90  ASP ASP A . n 
A 1 91  ASP 91  91  91  ASP ASP A . n 
A 1 92  ARG 92  92  92  ARG ARG A . n 
A 1 93  ARG 93  93  93  ARG ARG A . n 
A 1 94  GLY 94  94  94  GLY GLY A . n 
A 1 95  ALA 95  95  95  ALA ALA A . n 
A 1 96  GLU 96  96  96  GLU GLU A . n 
A 1 97  SER 97  97  97  SER SER A . n 
A 1 98  HIS 98  98  98  HIS HIS A . n 
A 1 99  VAL 99  99  99  VAL VAL A . n 
A 1 100 MSE 100 100 100 MSE MSE A . n 
A 1 101 PHE 101 101 101 PHE PHE A . n 
A 1 102 ILE 102 102 102 ILE ILE A . n 
A 1 103 VAL 103 103 103 VAL VAL A . n 
A 1 104 GLU 104 104 104 GLU GLU A . n 
A 1 105 PRO 105 105 105 PRO PRO A . n 
A 1 106 CYS 106 106 106 CYS CYS A . n 
A 1 107 ALA 107 107 ?   ?   ?   A . n 
A 1 108 LYS 108 108 ?   ?   ?   A . n 
A 1 109 GLY 109 109 109 GLY GLY A . n 
A 1 110 ALA 110 110 110 ALA ALA A . n 
A 1 111 ARG 111 111 111 ARG ARG A . n 
A 1 112 LEU 112 112 112 LEU LEU A . n 
A 1 113 ILE 113 113 113 ILE ILE A . n 
A 1 114 LEU 114 114 114 LEU LEU A . n 
A 1 115 ASP 115 115 115 ASP ASP A . n 
A 1 116 HIS 116 116 116 HIS HIS A . n 
A 1 117 ARG 117 117 117 ARG ARG A . n 
A 1 118 GLU 118 118 118 GLU GLU A . n 
A 1 119 LEU 119 119 119 LEU LEU A . n 
A 1 120 GLY 120 120 120 GLY GLY A . n 
A 1 121 ASP 121 121 121 ASP ASP A . n 
A 1 122 ASP 122 122 122 ASP ASP A . n 
A 1 123 GLU 123 123 123 GLU GLU A . n 
A 1 124 MSE 124 124 124 MSE MSE A . n 
A 1 125 SER 125 125 125 SER SER A . n 
A 1 126 LEU 126 126 126 LEU LEU A . n 
A 1 127 ARG 127 127 127 ARG ARG A . n 
A 1 128 HIS 128 128 128 HIS HIS A . n 
A 1 129 GLU 129 129 129 GLU GLU A . n 
A 1 130 GLU 130 130 130 GLU GLU A . n 
A 1 131 GLY 131 131 131 GLY GLY A . n 
A 1 132 TRP 132 132 132 TRP TRP A . n 
A 1 133 THR 133 133 133 THR THR A . n 
A 1 134 SER 134 134 134 SER SER A . n 
A 1 135 SER 135 135 135 SER SER A . n 
A 1 136 LEU 136 136 136 LEU LEU A . n 
A 1 137 ARG 137 137 137 ARG ARG A . n 
A 1 138 LYS 138 138 138 LYS LYS A . n 
A 1 139 LEU 139 139 139 LEU LEU A . n 
A 1 140 ALA 140 140 140 ALA ALA A . n 
A 1 141 ALA 141 141 141 ALA ALA A . n 
A 1 142 GLU 142 142 142 GLU GLU A . n 
A 1 143 LEU 143 143 143 LEU LEU A . n 
A 1 144 ALA 144 144 144 ALA ALA A . n 
A 1 145 LEU 145 145 145 LEU LEU A . n 
A 1 146 GLU 146 146 146 GLU GLU A . n 
A 1 147 HIS 147 147 147 HIS HIS A . n 
A 1 148 HIS 148 148 ?   ?   ?   A . n 
A 1 149 HIS 149 149 ?   ?   ?   A . n 
A 1 150 HIS 150 150 ?   ?   ?   A . n 
A 1 151 HIS 151 151 ?   ?   ?   A . n 
A 1 152 HIS 152 152 ?   ?   ?   A . n 
# 
loop_
_pdbx_nonpoly_scheme.asym_id 
_pdbx_nonpoly_scheme.entity_id 
_pdbx_nonpoly_scheme.mon_id 
_pdbx_nonpoly_scheme.ndb_seq_num 
_pdbx_nonpoly_scheme.pdb_seq_num 
_pdbx_nonpoly_scheme.auth_seq_num 
_pdbx_nonpoly_scheme.pdb_mon_id 
_pdbx_nonpoly_scheme.auth_mon_id 
_pdbx_nonpoly_scheme.pdb_strand_id 
_pdbx_nonpoly_scheme.pdb_ins_code 
B 2 HOH 1  153 1  HOH HOH A . 
B 2 HOH 2  154 2  HOH HOH A . 
B 2 HOH 3  155 3  HOH HOH A . 
B 2 HOH 4  156 4  HOH HOH A . 
B 2 HOH 5  157 5  HOH HOH A . 
B 2 HOH 6  158 6  HOH HOH A . 
B 2 HOH 7  159 7  HOH HOH A . 
B 2 HOH 8  160 8  HOH HOH A . 
B 2 HOH 9  161 9  HOH HOH A . 
B 2 HOH 10 162 10 HOH HOH A . 
# 
loop_
_software.name 
_software.classification 
_software.version 
_software.citation_id 
_software.pdbx_ordinal 
ADSC      'data collection' Quantum              ? 1 
SHELX     'model building'  'then SOLVE/RESOLVE' ? 2 
CNS       refinement        '1.2 & XtalView'     ? 3 
HKL-2000  'data reduction'  .                    ? 4 
SCALEPACK 'data scaling'    .                    ? 5 
SHELX     phasing           'then SOLVE/RESOLVE' ? 6 
# 
_cell.entry_id           3ELI 
_cell.length_a           73.348 
_cell.length_b           73.348 
_cell.length_c           91.891 
_cell.angle_alpha        90.00 
_cell.angle_beta         90.00 
_cell.angle_gamma        90.00 
_cell.Z_PDB              8 
_cell.pdbx_unique_axis   ? 
_cell.length_a_esd       ? 
_cell.length_b_esd       ? 
_cell.length_c_esd       ? 
_cell.angle_alpha_esd    ? 
_cell.angle_beta_esd     ? 
_cell.angle_gamma_esd    ? 
# 
_symmetry.entry_id                         3ELI 
_symmetry.space_group_name_H-M             'P 43 21 2' 
_symmetry.pdbx_full_space_group_name_H-M   ? 
_symmetry.cell_setting                     ? 
_symmetry.Int_Tables_number                96 
_symmetry.space_group_name_Hall            ? 
# 
_exptl.entry_id          3ELI 
_exptl.method            'X-RAY DIFFRACTION' 
_exptl.crystals_number   1 
# 
_exptl_crystal.id                    1 
_exptl_crystal.density_meas          ? 
_exptl_crystal.density_Matthews      3.51 
_exptl_crystal.density_percent_sol   65.00 
_exptl_crystal.description           ? 
_exptl_crystal.F_000                 ? 
_exptl_crystal.preparation           ? 
# 
_exptl_crystal_grow.crystal_id      1 
_exptl_crystal_grow.method          'VAPOR DIFFUSION, HANGING DROP' 
_exptl_crystal_grow.temp            ? 
_exptl_crystal_grow.temp_details    ? 
_exptl_crystal_grow.pH              7.5 
_exptl_crystal_grow.pdbx_details    
;Protein solution: 10 mM Tris (pH 7.5), 100 mM sodium chloride, and 5 mM DTT. Reservoir solution: 100 mM TAPS (pH 9) and 8.64 M potassium acetate.  VAPOR DIFFUSION, HANGING DROP.
;
_exptl_crystal_grow.pdbx_pH_range   ? 
# 
_diffrn.id                     1 
_diffrn.ambient_temp           100 
_diffrn.ambient_temp_details   ? 
_diffrn.crystal_id             1 
# 
_diffrn_detector.diffrn_id              1 
_diffrn_detector.detector               CCD 
_diffrn_detector.type                   'MAR CCD 165 mm' 
_diffrn_detector.pdbx_collection_date   2008-08-19 
_diffrn_detector.details                mirrors 
# 
_diffrn_radiation.diffrn_id                        1 
_diffrn_radiation.wavelength_id                    1 
_diffrn_radiation.pdbx_monochromatic_or_laue_m_l   M 
_diffrn_radiation.monochromator                    'Si 111 CHANNEL' 
_diffrn_radiation.pdbx_diffrn_protocol             'SINGLE WAVELENGTH' 
_diffrn_radiation.pdbx_scattering_type             x-ray 
# 
_diffrn_radiation_wavelength.id           1 
_diffrn_radiation_wavelength.wavelength   0.97845 
_diffrn_radiation_wavelength.wt           1.0 
# 
_diffrn_source.diffrn_id                   1 
_diffrn_source.source                      SYNCHROTRON 
_diffrn_source.type                        'NSLS BEAMLINE X4C' 
_diffrn_source.pdbx_synchrotron_site       NSLS 
_diffrn_source.pdbx_synchrotron_beamline   X4C 
_diffrn_source.pdbx_wavelength             ? 
_diffrn_source.pdbx_wavelength_list        0.97845 
# 
_reflns.entry_id                     3ELI 
_reflns.observed_criterion_sigma_I   0 
_reflns.observed_criterion_sigma_F   0 
_reflns.d_resolution_low             30 
_reflns.d_resolution_high            2.8 
_reflns.number_obs                   11776 
_reflns.number_all                   11787 
_reflns.percent_possible_obs         99.9 
_reflns.pdbx_Rmerge_I_obs            0.147 
_reflns.pdbx_Rsym_value              0.117 
_reflns.pdbx_netI_over_sigmaI        21.7 
_reflns.B_iso_Wilson_estimate        53.0 
_reflns.pdbx_redundancy              13.8 
_reflns.R_free_details               ? 
_reflns.limit_h_max                  ? 
_reflns.limit_h_min                  ? 
_reflns.limit_k_max                  ? 
_reflns.limit_k_min                  ? 
_reflns.limit_l_max                  ? 
_reflns.limit_l_min                  ? 
_reflns.observed_criterion_F_max     ? 
_reflns.observed_criterion_F_min     ? 
_reflns.pdbx_chi_squared             ? 
_reflns.pdbx_scaling_rejects         ? 
_reflns.pdbx_diffrn_id               1 
_reflns.pdbx_ordinal                 1 
# 
_reflns_shell.d_res_high             2.8 
_reflns_shell.d_res_low              2.9 
_reflns_shell.percent_possible_all   99.1 
_reflns_shell.Rmerge_I_obs           0.581 
_reflns_shell.pdbx_Rsym_value        0.368 
_reflns_shell.meanI_over_sigI_obs    2.2 
_reflns_shell.pdbx_redundancy        8.2 
_reflns_shell.percent_possible_obs   ? 
_reflns_shell.number_unique_all      1164 
_reflns_shell.number_measured_all    ? 
_reflns_shell.number_measured_obs    ? 
_reflns_shell.number_unique_obs      ? 
_reflns_shell.pdbx_chi_squared       ? 
_reflns_shell.pdbx_diffrn_id         ? 
_reflns_shell.pdbx_ordinal           1 
# 
_refine.entry_id                                 3ELI 
_refine.ls_number_reflns_obs                     9335 
_refine.ls_number_reflns_all                     11756 
_refine.pdbx_ls_sigma_I                          2.0 
_refine.pdbx_ls_sigma_F                          2.0 
_refine.pdbx_data_cutoff_high_absF               192372.42 
_refine.pdbx_data_cutoff_low_absF                0.000000 
_refine.pdbx_data_cutoff_high_rms_absF           ? 
_refine.ls_d_res_low                             19.86 
_refine.ls_d_res_high                            2.80 
_refine.ls_percent_reflns_obs                    79.4 
_refine.ls_R_factor_obs                          0.217 
_refine.ls_R_factor_all                          0.218 
_refine.ls_R_factor_R_work                       0.217 
_refine.ls_R_factor_R_free                       0.265 
_refine.ls_R_factor_R_free_error                 0.012 
_refine.ls_R_factor_R_free_error_details         ? 
_refine.ls_percent_reflns_R_free                 5.2 
_refine.ls_number_reflns_R_free                  484 
_refine.ls_number_parameters                     ? 
_refine.ls_number_restraints                     ? 
_refine.occupancy_min                            ? 
_refine.occupancy_max                            ? 
_refine.correlation_coeff_Fo_to_Fc               ? 
_refine.correlation_coeff_Fo_to_Fc_free          ? 
_refine.B_iso_mean                               63.6 
_refine.aniso_B[1][1]                            15.48 
_refine.aniso_B[2][2]                            15.48 
_refine.aniso_B[3][3]                            -30.95 
_refine.aniso_B[1][2]                            0.00 
_refine.aniso_B[1][3]                            0.00 
_refine.aniso_B[2][3]                            0.00 
_refine.solvent_model_details                    'FLAT MODEL' 
_refine.solvent_model_param_ksol                 0.4 
_refine.solvent_model_param_bsol                 51.6233 
_refine.pdbx_solvent_vdw_probe_radii             ? 
_refine.pdbx_solvent_ion_probe_radii             ? 
_refine.pdbx_solvent_shrinkage_radii             ? 
_refine.pdbx_ls_cross_valid_method               THROUGHOUT 
_refine.details                                  ? 
_refine.pdbx_starting_model                      ? 
_refine.pdbx_method_to_determine_struct          SAD 
_refine.pdbx_isotropic_thermal_model             RESTRAINED 
_refine.pdbx_stereochemistry_target_values       'Engh & Huber' 
_refine.pdbx_stereochem_target_val_spec_case     ? 
_refine.pdbx_R_Free_selection_details            RANDOM 
_refine.pdbx_overall_ESU_R                       ? 
_refine.pdbx_overall_ESU_R_Free                  ? 
_refine.overall_SU_ML                            ? 
_refine.overall_SU_B                             ? 
_refine.ls_redundancy_reflns_obs                 ? 
_refine.B_iso_min                                ? 
_refine.B_iso_max                                ? 
_refine.overall_SU_R_Cruickshank_DPI             ? 
_refine.overall_SU_R_free                        ? 
_refine.ls_wR_factor_R_free                      ? 
_refine.ls_wR_factor_R_work                      ? 
_refine.overall_FOM_free_R_set                   ? 
_refine.overall_FOM_work_R_set                   ? 
_refine.pdbx_overall_phase_error                 ? 
_refine.pdbx_refine_id                           'X-RAY DIFFRACTION' 
_refine.pdbx_diffrn_id                           1 
_refine.pdbx_TLS_residual_ADP_flag               ? 
_refine.pdbx_overall_SU_R_free_Cruickshank_DPI   ? 
_refine.pdbx_overall_SU_R_Blow_DPI               ? 
_refine.pdbx_overall_SU_R_free_Blow_DPI          ? 
# 
_refine_analyze.entry_id                        3ELI 
_refine_analyze.Luzzati_coordinate_error_obs    0.33 
_refine_analyze.Luzzati_sigma_a_obs             0.41 
_refine_analyze.Luzzati_d_res_low_obs           5.00 
_refine_analyze.Luzzati_coordinate_error_free   0.46 
_refine_analyze.Luzzati_sigma_a_free            0.52 
_refine_analyze.Luzzati_d_res_low_free          ? 
_refine_analyze.number_disordered_residues      ? 
_refine_analyze.occupancy_sum_hydrogen          ? 
_refine_analyze.occupancy_sum_non_hydrogen      ? 
_refine_analyze.pdbx_Luzzati_d_res_high_obs     ? 
_refine_analyze.pdbx_refine_id                  'X-RAY DIFFRACTION' 
# 
_refine_hist.pdbx_refine_id                   'X-RAY DIFFRACTION' 
_refine_hist.cycle_id                         LAST 
_refine_hist.pdbx_number_atoms_protein        1156 
_refine_hist.pdbx_number_atoms_nucleic_acid   0 
_refine_hist.pdbx_number_atoms_ligand         0 
_refine_hist.number_atoms_solvent             10 
_refine_hist.number_atoms_total               1166 
_refine_hist.d_res_high                       2.80 
_refine_hist.d_res_low                        19.86 
# 
loop_
_refine_ls_restr.type 
_refine_ls_restr.dev_ideal 
_refine_ls_restr.dev_ideal_target 
_refine_ls_restr.weight 
_refine_ls_restr.number 
_refine_ls_restr.pdbx_refine_id 
_refine_ls_restr.pdbx_restraint_function 
c_bond_d           0.008 ? ? ? 'X-RAY DIFFRACTION' ? 
c_angle_deg        1.3   ? ? ? 'X-RAY DIFFRACTION' ? 
c_dihedral_angle_d 25.4  ? ? ? 'X-RAY DIFFRACTION' ? 
c_improper_angle_d 1.00  ? ? ? 'X-RAY DIFFRACTION' ? 
# 
_refine_ls_shell.pdbx_total_number_of_bins_used   10 
_refine_ls_shell.d_res_high                       2.80 
_refine_ls_shell.d_res_low                        2.90 
_refine_ls_shell.number_reflns_R_work             443 
_refine_ls_shell.R_factor_R_work                  0.277 
_refine_ls_shell.percent_reflns_obs               40.3 
_refine_ls_shell.R_factor_R_free                  0.353 
_refine_ls_shell.R_factor_R_free_error            0.066 
_refine_ls_shell.percent_reflns_R_free            6.1 
_refine_ls_shell.number_reflns_R_free             29 
_refine_ls_shell.number_reflns_all                ? 
_refine_ls_shell.R_factor_all                     ? 
_refine_ls_shell.number_reflns_obs                443 
_refine_ls_shell.redundancy_reflns_obs            ? 
_refine_ls_shell.pdbx_refine_id                   'X-RAY DIFFRACTION' 
# 
_struct.entry_id                  3ELI 
_struct.title                     
'Crystal structure of the AHSA1 (SPO3351) protein from Silicibacter pomeroyi, Northeast Structural Genomics Consortium Target SiR160' 
_struct.pdbx_model_details        ? 
_struct.pdbx_CASP_flag            ? 
_struct.pdbx_model_type_details   ? 
# 
_struct_keywords.entry_id        3ELI 
_struct_keywords.pdbx_keywords   'structural genomics, unknown function' 
_struct_keywords.text            
;alpha-beta protein, Structural Genomics, PSI-2, Protein Structure Initiative, Northeast Structural Genomics Consortium, NESG, unknown function
;
# 
loop_
_struct_asym.id 
_struct_asym.pdbx_blank_PDB_chainid_flag 
_struct_asym.pdbx_modified 
_struct_asym.entity_id 
_struct_asym.details 
A N N 1 ? 
B N N 2 ? 
# 
_struct_ref.id                         1 
_struct_ref.db_name                    UNP 
_struct_ref.db_code                    Q5LN61_SILPO 
_struct_ref.pdbx_db_accession          Q5LN61 
_struct_ref.entity_id                  1 
_struct_ref.pdbx_seq_one_letter_code   
;MADLRLEREFAVAPEALFAWVSDGAKLLQWWGPEGLHVPADQHDLDFTRLGPWFSVMVNGEGQRYKVSGQVTHVKPPQSV
GFTWGWHDDDDRRGAESHVMFIVEPCAKGARLILDHRELGDDEMSLRHEEGWTSSLRKLAAELA
;
_struct_ref.pdbx_align_begin           1 
_struct_ref.pdbx_db_isoform            ? 
# 
_struct_ref_seq.align_id                      1 
_struct_ref_seq.ref_id                        1 
_struct_ref_seq.pdbx_PDB_id_code              3ELI 
_struct_ref_seq.pdbx_strand_id                A 
_struct_ref_seq.seq_align_beg                 1 
_struct_ref_seq.pdbx_seq_align_beg_ins_code   ? 
_struct_ref_seq.seq_align_end                 144 
_struct_ref_seq.pdbx_seq_align_end_ins_code   ? 
_struct_ref_seq.pdbx_db_accession             Q5LN61 
_struct_ref_seq.db_align_beg                  1 
_struct_ref_seq.pdbx_db_align_beg_ins_code    ? 
_struct_ref_seq.db_align_end                  144 
_struct_ref_seq.pdbx_db_align_end_ins_code    ? 
_struct_ref_seq.pdbx_auth_seq_align_beg       1 
_struct_ref_seq.pdbx_auth_seq_align_end       144 
# 
loop_
_struct_ref_seq_dif.align_id 
_struct_ref_seq_dif.pdbx_pdb_id_code 
_struct_ref_seq_dif.mon_id 
_struct_ref_seq_dif.pdbx_pdb_strand_id 
_struct_ref_seq_dif.seq_num 
_struct_ref_seq_dif.pdbx_pdb_ins_code 
_struct_ref_seq_dif.pdbx_seq_db_name 
_struct_ref_seq_dif.pdbx_seq_db_accession_code 
_struct_ref_seq_dif.db_mon_id 
_struct_ref_seq_dif.pdbx_seq_db_seq_num 
_struct_ref_seq_dif.details 
_struct_ref_seq_dif.pdbx_auth_seq_num 
_struct_ref_seq_dif.pdbx_ordinal 
1 3ELI LEU A 145 ? UNP Q5LN61 ? ? 'expression tag' 145 1 
1 3ELI GLU A 146 ? UNP Q5LN61 ? ? 'expression tag' 146 2 
1 3ELI HIS A 147 ? UNP Q5LN61 ? ? 'expression tag' 147 3 
1 3ELI HIS A 148 ? UNP Q5LN61 ? ? 'expression tag' 148 4 
1 3ELI HIS A 149 ? UNP Q5LN61 ? ? 'expression tag' 149 5 
1 3ELI HIS A 150 ? UNP Q5LN61 ? ? 'expression tag' 150 6 
1 3ELI HIS A 151 ? UNP Q5LN61 ? ? 'expression tag' 151 7 
1 3ELI HIS A 152 ? UNP Q5LN61 ? ? 'expression tag' 152 8 
# 
_pdbx_struct_assembly.id                   1 
_pdbx_struct_assembly.details              author_and_software_defined_assembly 
_pdbx_struct_assembly.method_details       PISA 
_pdbx_struct_assembly.oligomeric_details   monomeric 
_pdbx_struct_assembly.oligomeric_count     1 
# 
_pdbx_struct_assembly_gen.assembly_id       1 
_pdbx_struct_assembly_gen.oper_expression   1 
_pdbx_struct_assembly_gen.asym_id_list      A,B 
# 
_pdbx_struct_oper_list.id                   1 
_pdbx_struct_oper_list.type                 'identity operation' 
_pdbx_struct_oper_list.name                 1_555 
_pdbx_struct_oper_list.symmetry_operation   x,y,z 
_pdbx_struct_oper_list.matrix[1][1]         1.0000000000 
_pdbx_struct_oper_list.matrix[1][2]         0.0000000000 
_pdbx_struct_oper_list.matrix[1][3]         0.0000000000 
_pdbx_struct_oper_list.vector[1]            0.0000000000 
_pdbx_struct_oper_list.matrix[2][1]         0.0000000000 
_pdbx_struct_oper_list.matrix[2][2]         1.0000000000 
_pdbx_struct_oper_list.matrix[2][3]         0.0000000000 
_pdbx_struct_oper_list.vector[2]            0.0000000000 
_pdbx_struct_oper_list.matrix[3][1]         0.0000000000 
_pdbx_struct_oper_list.matrix[3][2]         0.0000000000 
_pdbx_struct_oper_list.matrix[3][3]         1.0000000000 
_pdbx_struct_oper_list.vector[3]            0.0000000000 
# 
_struct_biol.id   1 
# 
loop_
_struct_conf.conf_type_id 
_struct_conf.id 
_struct_conf.pdbx_PDB_helix_id 
_struct_conf.beg_label_comp_id 
_struct_conf.beg_label_asym_id 
_struct_conf.beg_label_seq_id 
_struct_conf.pdbx_beg_PDB_ins_code 
_struct_conf.end_label_comp_id 
_struct_conf.end_label_asym_id 
_struct_conf.end_label_seq_id 
_struct_conf.pdbx_end_PDB_ins_code 
_struct_conf.beg_auth_comp_id 
_struct_conf.beg_auth_asym_id 
_struct_conf.beg_auth_seq_id 
_struct_conf.end_auth_comp_id 
_struct_conf.end_auth_asym_id 
_struct_conf.end_auth_seq_id 
_struct_conf.pdbx_PDB_helix_class 
_struct_conf.details 
_struct_conf.pdbx_PDB_helix_length 
HELX_P HELX_P1 1 ALA A 13  ? VAL A 21  ? ALA A 13  VAL A 21  1 ? 9  
HELX_P HELX_P2 2 ASP A 23  ? TRP A 31  ? ASP A 23  TRP A 31  1 ? 9  
HELX_P HELX_P3 3 ASP A 121 ? LEU A 145 ? ASP A 121 LEU A 145 1 ? 25 
# 
_struct_conf_type.id          HELX_P 
_struct_conf_type.criteria    ? 
_struct_conf_type.reference   ? 
# 
loop_
_struct_conn.id 
_struct_conn.conn_type_id 
_struct_conn.pdbx_leaving_atom_flag 
_struct_conn.pdbx_PDB_id 
_struct_conn.ptnr1_label_asym_id 
_struct_conn.ptnr1_label_comp_id 
_struct_conn.ptnr1_label_seq_id 
_struct_conn.ptnr1_label_atom_id 
_struct_conn.pdbx_ptnr1_label_alt_id 
_struct_conn.pdbx_ptnr1_PDB_ins_code 
_struct_conn.pdbx_ptnr1_standard_comp_id 
_struct_conn.ptnr1_symmetry 
_struct_conn.ptnr2_label_asym_id 
_struct_conn.ptnr2_label_comp_id 
_struct_conn.ptnr2_label_seq_id 
_struct_conn.ptnr2_label_atom_id 
_struct_conn.pdbx_ptnr2_label_alt_id 
_struct_conn.pdbx_ptnr2_PDB_ins_code 
_struct_conn.ptnr1_auth_asym_id 
_struct_conn.ptnr1_auth_comp_id 
_struct_conn.ptnr1_auth_seq_id 
_struct_conn.ptnr2_auth_asym_id 
_struct_conn.ptnr2_auth_comp_id 
_struct_conn.ptnr2_auth_seq_id 
_struct_conn.ptnr2_symmetry 
_struct_conn.pdbx_ptnr3_label_atom_id 
_struct_conn.pdbx_ptnr3_label_seq_id 
_struct_conn.pdbx_ptnr3_label_comp_id 
_struct_conn.pdbx_ptnr3_label_asym_id 
_struct_conn.pdbx_ptnr3_label_alt_id 
_struct_conn.pdbx_ptnr3_PDB_ins_code 
_struct_conn.details 
_struct_conn.pdbx_dist_value 
_struct_conn.pdbx_value_order 
_struct_conn.pdbx_role 
covale1 covale both ? A VAL 56  C ? ? ? 1_555 A MSE 57  N ? ? A VAL 56  A MSE 57  1_555 ? ? ? ? ? ? ? 1.321 ? ? 
covale2 covale both ? A MSE 57  C ? ? ? 1_555 A VAL 58  N ? ? A MSE 57  A VAL 58  1_555 ? ? ? ? ? ? ? 1.321 ? ? 
covale3 covale both ? A VAL 99  C ? ? ? 1_555 A MSE 100 N ? ? A VAL 99  A MSE 100 1_555 ? ? ? ? ? ? ? 1.328 ? ? 
covale4 covale both ? A MSE 100 C ? ? ? 1_555 A PHE 101 N ? ? A MSE 100 A PHE 101 1_555 ? ? ? ? ? ? ? 1.328 ? ? 
covale5 covale both ? A GLU 123 C ? ? ? 1_555 A MSE 124 N ? ? A GLU 123 A MSE 124 1_555 ? ? ? ? ? ? ? 1.330 ? ? 
covale6 covale both ? A MSE 124 C ? ? ? 1_555 A SER 125 N ? ? A MSE 124 A SER 125 1_555 ? ? ? ? ? ? ? 1.333 ? ? 
# 
_struct_conn_type.id          covale 
_struct_conn_type.criteria    ? 
_struct_conn_type.reference   ? 
# 
loop_
_pdbx_modification_feature.ordinal 
_pdbx_modification_feature.label_comp_id 
_pdbx_modification_feature.label_asym_id 
_pdbx_modification_feature.label_seq_id 
_pdbx_modification_feature.label_alt_id 
_pdbx_modification_feature.modified_residue_label_comp_id 
_pdbx_modification_feature.modified_residue_label_asym_id 
_pdbx_modification_feature.modified_residue_label_seq_id 
_pdbx_modification_feature.modified_residue_label_alt_id 
_pdbx_modification_feature.auth_comp_id 
_pdbx_modification_feature.auth_asym_id 
_pdbx_modification_feature.auth_seq_id 
_pdbx_modification_feature.PDB_ins_code 
_pdbx_modification_feature.symmetry 
_pdbx_modification_feature.modified_residue_auth_comp_id 
_pdbx_modification_feature.modified_residue_auth_asym_id 
_pdbx_modification_feature.modified_residue_auth_seq_id 
_pdbx_modification_feature.modified_residue_PDB_ins_code 
_pdbx_modification_feature.modified_residue_symmetry 
_pdbx_modification_feature.comp_id_linking_atom 
_pdbx_modification_feature.modified_residue_id_linking_atom 
_pdbx_modification_feature.modified_residue_id 
_pdbx_modification_feature.ref_pcm_id 
_pdbx_modification_feature.ref_comp_id 
_pdbx_modification_feature.type 
_pdbx_modification_feature.category 
1 MSE A 57  ? . . . . MSE A 57  ? 1_555 . . . . . . . MET 1 MSE Selenomethionine 'Named protein modification' 
2 MSE A 100 ? . . . . MSE A 100 ? 1_555 . . . . . . . MET 1 MSE Selenomethionine 'Named protein modification' 
3 MSE A 124 ? . . . . MSE A 124 ? 1_555 . . . . . . . MET 1 MSE Selenomethionine 'Named protein modification' 
# 
_struct_sheet.id               A 
_struct_sheet.type             ? 
_struct_sheet.number_strands   6 
_struct_sheet.details          ? 
# 
loop_
_struct_sheet_order.sheet_id 
_struct_sheet_order.range_id_1 
_struct_sheet_order.range_id_2 
_struct_sheet_order.offset 
_struct_sheet_order.sense 
A 1 2 ? anti-parallel 
A 2 3 ? anti-parallel 
A 3 4 ? anti-parallel 
A 4 5 ? anti-parallel 
A 5 6 ? anti-parallel 
# 
loop_
_struct_sheet_range.sheet_id 
_struct_sheet_range.id 
_struct_sheet_range.beg_label_comp_id 
_struct_sheet_range.beg_label_asym_id 
_struct_sheet_range.beg_label_seq_id 
_struct_sheet_range.pdbx_beg_PDB_ins_code 
_struct_sheet_range.end_label_comp_id 
_struct_sheet_range.end_label_asym_id 
_struct_sheet_range.end_label_seq_id 
_struct_sheet_range.pdbx_end_PDB_ins_code 
_struct_sheet_range.beg_auth_comp_id 
_struct_sheet_range.beg_auth_asym_id 
_struct_sheet_range.beg_auth_seq_id 
_struct_sheet_range.end_auth_comp_id 
_struct_sheet_range.end_auth_asym_id 
_struct_sheet_range.end_auth_seq_id 
A 1 ASP A 3   ? PHE A 10  ? ASP A 3   PHE A 10  
A 2 ALA A 110 ? ARG A 117 ? ALA A 110 ARG A 117 
A 3 ARG A 93  ? ILE A 102 ? ARG A 93  ILE A 102 
A 4 SER A 79  ? HIS A 87  ? SER A 79  HIS A 87  
A 5 ARG A 64  ? LYS A 75  ? ARG A 64  LYS A 75  
A 6 GLY A 51  ? VAL A 58  ? GLY A 51  VAL A 58  
# 
loop_
_pdbx_struct_sheet_hbond.sheet_id 
_pdbx_struct_sheet_hbond.range_id_1 
_pdbx_struct_sheet_hbond.range_id_2 
_pdbx_struct_sheet_hbond.range_1_label_atom_id 
_pdbx_struct_sheet_hbond.range_1_label_comp_id 
_pdbx_struct_sheet_hbond.range_1_label_asym_id 
_pdbx_struct_sheet_hbond.range_1_label_seq_id 
_pdbx_struct_sheet_hbond.range_1_PDB_ins_code 
_pdbx_struct_sheet_hbond.range_1_auth_atom_id 
_pdbx_struct_sheet_hbond.range_1_auth_comp_id 
_pdbx_struct_sheet_hbond.range_1_auth_asym_id 
_pdbx_struct_sheet_hbond.range_1_auth_seq_id 
_pdbx_struct_sheet_hbond.range_2_label_atom_id 
_pdbx_struct_sheet_hbond.range_2_label_comp_id 
_pdbx_struct_sheet_hbond.range_2_label_asym_id 
_pdbx_struct_sheet_hbond.range_2_label_seq_id 
_pdbx_struct_sheet_hbond.range_2_PDB_ins_code 
_pdbx_struct_sheet_hbond.range_2_auth_atom_id 
_pdbx_struct_sheet_hbond.range_2_auth_comp_id 
_pdbx_struct_sheet_hbond.range_2_auth_asym_id 
_pdbx_struct_sheet_hbond.range_2_auth_seq_id 
A 1 2 N LEU A 6   ? N LEU A 6   O LEU A 114 ? O LEU A 114 
A 2 3 O ILE A 113 ? O ILE A 113 N ILE A 102 ? N ILE A 102 
A 3 4 O VAL A 99  ? O VAL A 99  N PHE A 82  ? N PHE A 82  
A 4 5 O GLY A 85  ? O GLY A 85  N SER A 68  ? N SER A 68  
A 5 6 O TYR A 65  ? O TYR A 65  N MSE A 57  ? N MSE A 57  
# 
_pdbx_entry_details.entry_id                   3ELI 
_pdbx_entry_details.compound_details           ? 
_pdbx_entry_details.source_details             ? 
_pdbx_entry_details.nonpolymer_details         ? 
_pdbx_entry_details.sequence_details           ? 
_pdbx_entry_details.has_ligand_of_interest     ? 
_pdbx_entry_details.has_protein_modification   Y 
# 
loop_
_pdbx_validate_torsion.id 
_pdbx_validate_torsion.PDB_model_num 
_pdbx_validate_torsion.auth_comp_id 
_pdbx_validate_torsion.auth_asym_id 
_pdbx_validate_torsion.auth_seq_id 
_pdbx_validate_torsion.PDB_ins_code 
_pdbx_validate_torsion.label_alt_id 
_pdbx_validate_torsion.phi 
_pdbx_validate_torsion.psi 
1  1 ALA A 11  ? ? -79.62  44.57   
2  1 SER A 22  ? ? -133.23 -32.52  
3  1 LEU A 28  ? ? -60.40  0.19    
4  1 ASP A 44  ? ? -149.21 50.67   
5  1 ASP A 46  ? ? -169.96 116.84  
6  1 SER A 55  ? ? -173.28 125.02  
7  1 PRO A 76  ? ? -8.12   -59.48  
8  1 GLN A 78  ? ? -63.79  -77.74  
9  1 ASP A 88  ? ? -67.23  -177.17 
10 1 VAL A 103 ? ? -88.31  -107.60 
11 1 GLU A 104 ? ? 90.70   106.93  
12 1 PRO A 105 ? ? -69.31  -178.90 
13 1 ALA A 110 ? ? -174.07 142.21  
14 1 ASP A 121 ? ? -171.29 -152.49 
15 1 LEU A 126 ? ? -90.18  -60.92  
# 
_pdbx_SG_project.id                    1 
_pdbx_SG_project.project_name          'PSI, Protein Structure Initiative' 
_pdbx_SG_project.full_name_of_center   'Northeast Structural Genomics Consortium' 
_pdbx_SG_project.initial_of_center     NESG 
# 
loop_
_pdbx_struct_mod_residue.id 
_pdbx_struct_mod_residue.label_asym_id 
_pdbx_struct_mod_residue.label_comp_id 
_pdbx_struct_mod_residue.label_seq_id 
_pdbx_struct_mod_residue.auth_asym_id 
_pdbx_struct_mod_residue.auth_comp_id 
_pdbx_struct_mod_residue.auth_seq_id 
_pdbx_struct_mod_residue.PDB_ins_code 
_pdbx_struct_mod_residue.parent_comp_id 
_pdbx_struct_mod_residue.details 
1 A MSE 57  A MSE 57  ? MET SELENOMETHIONINE 
2 A MSE 100 A MSE 100 ? MET SELENOMETHIONINE 
3 A MSE 124 A MSE 124 ? MET SELENOMETHIONINE 
# 
loop_
_pdbx_unobs_or_zero_occ_residues.id 
_pdbx_unobs_or_zero_occ_residues.PDB_model_num 
_pdbx_unobs_or_zero_occ_residues.polymer_flag 
_pdbx_unobs_or_zero_occ_residues.occupancy_flag 
_pdbx_unobs_or_zero_occ_residues.auth_asym_id 
_pdbx_unobs_or_zero_occ_residues.auth_comp_id 
_pdbx_unobs_or_zero_occ_residues.auth_seq_id 
_pdbx_unobs_or_zero_occ_residues.PDB_ins_code 
_pdbx_unobs_or_zero_occ_residues.label_asym_id 
_pdbx_unobs_or_zero_occ_residues.label_comp_id 
_pdbx_unobs_or_zero_occ_residues.label_seq_id 
1 1 Y 1 A MSE 1   ? A MSE 1   
2 1 Y 1 A ALA 107 ? A ALA 107 
3 1 Y 1 A LYS 108 ? A LYS 108 
4 1 Y 1 A HIS 148 ? A HIS 148 
5 1 Y 1 A HIS 149 ? A HIS 149 
6 1 Y 1 A HIS 150 ? A HIS 150 
7 1 Y 1 A HIS 151 ? A HIS 151 
8 1 Y 1 A HIS 152 ? A HIS 152 
# 
loop_
_chem_comp_atom.comp_id 
_chem_comp_atom.atom_id 
_chem_comp_atom.type_symbol 
_chem_comp_atom.pdbx_aromatic_flag 
_chem_comp_atom.pdbx_stereo_config 
_chem_comp_atom.pdbx_ordinal 
ALA N    N  N N 1   
ALA CA   C  N S 2   
ALA C    C  N N 3   
ALA O    O  N N 4   
ALA CB   C  N N 5   
ALA OXT  O  N N 6   
ALA H    H  N N 7   
ALA H2   H  N N 8   
ALA HA   H  N N 9   
ALA HB1  H  N N 10  
ALA HB2  H  N N 11  
ALA HB3  H  N N 12  
ALA HXT  H  N N 13  
ARG N    N  N N 14  
ARG CA   C  N S 15  
ARG C    C  N N 16  
ARG O    O  N N 17  
ARG CB   C  N N 18  
ARG CG   C  N N 19  
ARG CD   C  N N 20  
ARG NE   N  N N 21  
ARG CZ   C  N N 22  
ARG NH1  N  N N 23  
ARG NH2  N  N N 24  
ARG OXT  O  N N 25  
ARG H    H  N N 26  
ARG H2   H  N N 27  
ARG HA   H  N N 28  
ARG HB2  H  N N 29  
ARG HB3  H  N N 30  
ARG HG2  H  N N 31  
ARG HG3  H  N N 32  
ARG HD2  H  N N 33  
ARG HD3  H  N N 34  
ARG HE   H  N N 35  
ARG HH11 H  N N 36  
ARG HH12 H  N N 37  
ARG HH21 H  N N 38  
ARG HH22 H  N N 39  
ARG HXT  H  N N 40  
ASN N    N  N N 41  
ASN CA   C  N S 42  
ASN C    C  N N 43  
ASN O    O  N N 44  
ASN CB   C  N N 45  
ASN CG   C  N N 46  
ASN OD1  O  N N 47  
ASN ND2  N  N N 48  
ASN OXT  O  N N 49  
ASN H    H  N N 50  
ASN H2   H  N N 51  
ASN HA   H  N N 52  
ASN HB2  H  N N 53  
ASN HB3  H  N N 54  
ASN HD21 H  N N 55  
ASN HD22 H  N N 56  
ASN HXT  H  N N 57  
ASP N    N  N N 58  
ASP CA   C  N S 59  
ASP C    C  N N 60  
ASP O    O  N N 61  
ASP CB   C  N N 62  
ASP CG   C  N N 63  
ASP OD1  O  N N 64  
ASP OD2  O  N N 65  
ASP OXT  O  N N 66  
ASP H    H  N N 67  
ASP H2   H  N N 68  
ASP HA   H  N N 69  
ASP HB2  H  N N 70  
ASP HB3  H  N N 71  
ASP HD2  H  N N 72  
ASP HXT  H  N N 73  
CYS N    N  N N 74  
CYS CA   C  N R 75  
CYS C    C  N N 76  
CYS O    O  N N 77  
CYS CB   C  N N 78  
CYS SG   S  N N 79  
CYS OXT  O  N N 80  
CYS H    H  N N 81  
CYS H2   H  N N 82  
CYS HA   H  N N 83  
CYS HB2  H  N N 84  
CYS HB3  H  N N 85  
CYS HG   H  N N 86  
CYS HXT  H  N N 87  
GLN N    N  N N 88  
GLN CA   C  N S 89  
GLN C    C  N N 90  
GLN O    O  N N 91  
GLN CB   C  N N 92  
GLN CG   C  N N 93  
GLN CD   C  N N 94  
GLN OE1  O  N N 95  
GLN NE2  N  N N 96  
GLN OXT  O  N N 97  
GLN H    H  N N 98  
GLN H2   H  N N 99  
GLN HA   H  N N 100 
GLN HB2  H  N N 101 
GLN HB3  H  N N 102 
GLN HG2  H  N N 103 
GLN HG3  H  N N 104 
GLN HE21 H  N N 105 
GLN HE22 H  N N 106 
GLN HXT  H  N N 107 
GLU N    N  N N 108 
GLU CA   C  N S 109 
GLU C    C  N N 110 
GLU O    O  N N 111 
GLU CB   C  N N 112 
GLU CG   C  N N 113 
GLU CD   C  N N 114 
GLU OE1  O  N N 115 
GLU OE2  O  N N 116 
GLU OXT  O  N N 117 
GLU H    H  N N 118 
GLU H2   H  N N 119 
GLU HA   H  N N 120 
GLU HB2  H  N N 121 
GLU HB3  H  N N 122 
GLU HG2  H  N N 123 
GLU HG3  H  N N 124 
GLU HE2  H  N N 125 
GLU HXT  H  N N 126 
GLY N    N  N N 127 
GLY CA   C  N N 128 
GLY C    C  N N 129 
GLY O    O  N N 130 
GLY OXT  O  N N 131 
GLY H    H  N N 132 
GLY H2   H  N N 133 
GLY HA2  H  N N 134 
GLY HA3  H  N N 135 
GLY HXT  H  N N 136 
HIS N    N  N N 137 
HIS CA   C  N S 138 
HIS C    C  N N 139 
HIS O    O  N N 140 
HIS CB   C  N N 141 
HIS CG   C  Y N 142 
HIS ND1  N  Y N 143 
HIS CD2  C  Y N 144 
HIS CE1  C  Y N 145 
HIS NE2  N  Y N 146 
HIS OXT  O  N N 147 
HIS H    H  N N 148 
HIS H2   H  N N 149 
HIS HA   H  N N 150 
HIS HB2  H  N N 151 
HIS HB3  H  N N 152 
HIS HD1  H  N N 153 
HIS HD2  H  N N 154 
HIS HE1  H  N N 155 
HIS HE2  H  N N 156 
HIS HXT  H  N N 157 
HOH O    O  N N 158 
HOH H1   H  N N 159 
HOH H2   H  N N 160 
ILE N    N  N N 161 
ILE CA   C  N S 162 
ILE C    C  N N 163 
ILE O    O  N N 164 
ILE CB   C  N S 165 
ILE CG1  C  N N 166 
ILE CG2  C  N N 167 
ILE CD1  C  N N 168 
ILE OXT  O  N N 169 
ILE H    H  N N 170 
ILE H2   H  N N 171 
ILE HA   H  N N 172 
ILE HB   H  N N 173 
ILE HG12 H  N N 174 
ILE HG13 H  N N 175 
ILE HG21 H  N N 176 
ILE HG22 H  N N 177 
ILE HG23 H  N N 178 
ILE HD11 H  N N 179 
ILE HD12 H  N N 180 
ILE HD13 H  N N 181 
ILE HXT  H  N N 182 
LEU N    N  N N 183 
LEU CA   C  N S 184 
LEU C    C  N N 185 
LEU O    O  N N 186 
LEU CB   C  N N 187 
LEU CG   C  N N 188 
LEU CD1  C  N N 189 
LEU CD2  C  N N 190 
LEU OXT  O  N N 191 
LEU H    H  N N 192 
LEU H2   H  N N 193 
LEU HA   H  N N 194 
LEU HB2  H  N N 195 
LEU HB3  H  N N 196 
LEU HG   H  N N 197 
LEU HD11 H  N N 198 
LEU HD12 H  N N 199 
LEU HD13 H  N N 200 
LEU HD21 H  N N 201 
LEU HD22 H  N N 202 
LEU HD23 H  N N 203 
LEU HXT  H  N N 204 
LYS N    N  N N 205 
LYS CA   C  N S 206 
LYS C    C  N N 207 
LYS O    O  N N 208 
LYS CB   C  N N 209 
LYS CG   C  N N 210 
LYS CD   C  N N 211 
LYS CE   C  N N 212 
LYS NZ   N  N N 213 
LYS OXT  O  N N 214 
LYS H    H  N N 215 
LYS H2   H  N N 216 
LYS HA   H  N N 217 
LYS HB2  H  N N 218 
LYS HB3  H  N N 219 
LYS HG2  H  N N 220 
LYS HG3  H  N N 221 
LYS HD2  H  N N 222 
LYS HD3  H  N N 223 
LYS HE2  H  N N 224 
LYS HE3  H  N N 225 
LYS HZ1  H  N N 226 
LYS HZ2  H  N N 227 
LYS HZ3  H  N N 228 
LYS HXT  H  N N 229 
MSE N    N  N N 230 
MSE CA   C  N S 231 
MSE C    C  N N 232 
MSE O    O  N N 233 
MSE OXT  O  N N 234 
MSE CB   C  N N 235 
MSE CG   C  N N 236 
MSE SE   SE N N 237 
MSE CE   C  N N 238 
MSE H    H  N N 239 
MSE H2   H  N N 240 
MSE HA   H  N N 241 
MSE HXT  H  N N 242 
MSE HB2  H  N N 243 
MSE HB3  H  N N 244 
MSE HG2  H  N N 245 
MSE HG3  H  N N 246 
MSE HE1  H  N N 247 
MSE HE2  H  N N 248 
MSE HE3  H  N N 249 
PHE N    N  N N 250 
PHE CA   C  N S 251 
PHE C    C  N N 252 
PHE O    O  N N 253 
PHE CB   C  N N 254 
PHE CG   C  Y N 255 
PHE CD1  C  Y N 256 
PHE CD2  C  Y N 257 
PHE CE1  C  Y N 258 
PHE CE2  C  Y N 259 
PHE CZ   C  Y N 260 
PHE OXT  O  N N 261 
PHE H    H  N N 262 
PHE H2   H  N N 263 
PHE HA   H  N N 264 
PHE HB2  H  N N 265 
PHE HB3  H  N N 266 
PHE HD1  H  N N 267 
PHE HD2  H  N N 268 
PHE HE1  H  N N 269 
PHE HE2  H  N N 270 
PHE HZ   H  N N 271 
PHE HXT  H  N N 272 
PRO N    N  N N 273 
PRO CA   C  N S 274 
PRO C    C  N N 275 
PRO O    O  N N 276 
PRO CB   C  N N 277 
PRO CG   C  N N 278 
PRO CD   C  N N 279 
PRO OXT  O  N N 280 
PRO H    H  N N 281 
PRO HA   H  N N 282 
PRO HB2  H  N N 283 
PRO HB3  H  N N 284 
PRO HG2  H  N N 285 
PRO HG3  H  N N 286 
PRO HD2  H  N N 287 
PRO HD3  H  N N 288 
PRO HXT  H  N N 289 
SER N    N  N N 290 
SER CA   C  N S 291 
SER C    C  N N 292 
SER O    O  N N 293 
SER CB   C  N N 294 
SER OG   O  N N 295 
SER OXT  O  N N 296 
SER H    H  N N 297 
SER H2   H  N N 298 
SER HA   H  N N 299 
SER HB2  H  N N 300 
SER HB3  H  N N 301 
SER HG   H  N N 302 
SER HXT  H  N N 303 
THR N    N  N N 304 
THR CA   C  N S 305 
THR C    C  N N 306 
THR O    O  N N 307 
THR CB   C  N R 308 
THR OG1  O  N N 309 
THR CG2  C  N N 310 
THR OXT  O  N N 311 
THR H    H  N N 312 
THR H2   H  N N 313 
THR HA   H  N N 314 
THR HB   H  N N 315 
THR HG1  H  N N 316 
THR HG21 H  N N 317 
THR HG22 H  N N 318 
THR HG23 H  N N 319 
THR HXT  H  N N 320 
TRP N    N  N N 321 
TRP CA   C  N S 322 
TRP C    C  N N 323 
TRP O    O  N N 324 
TRP CB   C  N N 325 
TRP CG   C  Y N 326 
TRP CD1  C  Y N 327 
TRP CD2  C  Y N 328 
TRP NE1  N  Y N 329 
TRP CE2  C  Y N 330 
TRP CE3  C  Y N 331 
TRP CZ2  C  Y N 332 
TRP CZ3  C  Y N 333 
TRP CH2  C  Y N 334 
TRP OXT  O  N N 335 
TRP H    H  N N 336 
TRP H2   H  N N 337 
TRP HA   H  N N 338 
TRP HB2  H  N N 339 
TRP HB3  H  N N 340 
TRP HD1  H  N N 341 
TRP HE1  H  N N 342 
TRP HE3  H  N N 343 
TRP HZ2  H  N N 344 
TRP HZ3  H  N N 345 
TRP HH2  H  N N 346 
TRP HXT  H  N N 347 
TYR N    N  N N 348 
TYR CA   C  N S 349 
TYR C    C  N N 350 
TYR O    O  N N 351 
TYR CB   C  N N 352 
TYR CG   C  Y N 353 
TYR CD1  C  Y N 354 
TYR CD2  C  Y N 355 
TYR CE1  C  Y N 356 
TYR CE2  C  Y N 357 
TYR CZ   C  Y N 358 
TYR OH   O  N N 359 
TYR OXT  O  N N 360 
TYR H    H  N N 361 
TYR H2   H  N N 362 
TYR HA   H  N N 363 
TYR HB2  H  N N 364 
TYR HB3  H  N N 365 
TYR HD1  H  N N 366 
TYR HD2  H  N N 367 
TYR HE1  H  N N 368 
TYR HE2  H  N N 369 
TYR HH   H  N N 370 
TYR HXT  H  N N 371 
VAL N    N  N N 372 
VAL CA   C  N S 373 
VAL C    C  N N 374 
VAL O    O  N N 375 
VAL CB   C  N N 376 
VAL CG1  C  N N 377 
VAL CG2  C  N N 378 
VAL OXT  O  N N 379 
VAL H    H  N N 380 
VAL H2   H  N N 381 
VAL HA   H  N N 382 
VAL HB   H  N N 383 
VAL HG11 H  N N 384 
VAL HG12 H  N N 385 
VAL HG13 H  N N 386 
VAL HG21 H  N N 387 
VAL HG22 H  N N 388 
VAL HG23 H  N N 389 
VAL HXT  H  N N 390 
# 
loop_
_chem_comp_bond.comp_id 
_chem_comp_bond.atom_id_1 
_chem_comp_bond.atom_id_2 
_chem_comp_bond.value_order 
_chem_comp_bond.pdbx_aromatic_flag 
_chem_comp_bond.pdbx_stereo_config 
_chem_comp_bond.pdbx_ordinal 
ALA N   CA   sing N N 1   
ALA N   H    sing N N 2   
ALA N   H2   sing N N 3   
ALA CA  C    sing N N 4   
ALA CA  CB   sing N N 5   
ALA CA  HA   sing N N 6   
ALA C   O    doub N N 7   
ALA C   OXT  sing N N 8   
ALA CB  HB1  sing N N 9   
ALA CB  HB2  sing N N 10  
ALA CB  HB3  sing N N 11  
ALA OXT HXT  sing N N 12  
ARG N   CA   sing N N 13  
ARG N   H    sing N N 14  
ARG N   H2   sing N N 15  
ARG CA  C    sing N N 16  
ARG CA  CB   sing N N 17  
ARG CA  HA   sing N N 18  
ARG C   O    doub N N 19  
ARG C   OXT  sing N N 20  
ARG CB  CG   sing N N 21  
ARG CB  HB2  sing N N 22  
ARG CB  HB3  sing N N 23  
ARG CG  CD   sing N N 24  
ARG CG  HG2  sing N N 25  
ARG CG  HG3  sing N N 26  
ARG CD  NE   sing N N 27  
ARG CD  HD2  sing N N 28  
ARG CD  HD3  sing N N 29  
ARG NE  CZ   sing N N 30  
ARG NE  HE   sing N N 31  
ARG CZ  NH1  sing N N 32  
ARG CZ  NH2  doub N N 33  
ARG NH1 HH11 sing N N 34  
ARG NH1 HH12 sing N N 35  
ARG NH2 HH21 sing N N 36  
ARG NH2 HH22 sing N N 37  
ARG OXT HXT  sing N N 38  
ASN N   CA   sing N N 39  
ASN N   H    sing N N 40  
ASN N   H2   sing N N 41  
ASN CA  C    sing N N 42  
ASN CA  CB   sing N N 43  
ASN CA  HA   sing N N 44  
ASN C   O    doub N N 45  
ASN C   OXT  sing N N 46  
ASN CB  CG   sing N N 47  
ASN CB  HB2  sing N N 48  
ASN CB  HB3  sing N N 49  
ASN CG  OD1  doub N N 50  
ASN CG  ND2  sing N N 51  
ASN ND2 HD21 sing N N 52  
ASN ND2 HD22 sing N N 53  
ASN OXT HXT  sing N N 54  
ASP N   CA   sing N N 55  
ASP N   H    sing N N 56  
ASP N   H2   sing N N 57  
ASP CA  C    sing N N 58  
ASP CA  CB   sing N N 59  
ASP CA  HA   sing N N 60  
ASP C   O    doub N N 61  
ASP C   OXT  sing N N 62  
ASP CB  CG   sing N N 63  
ASP CB  HB2  sing N N 64  
ASP CB  HB3  sing N N 65  
ASP CG  OD1  doub N N 66  
ASP CG  OD2  sing N N 67  
ASP OD2 HD2  sing N N 68  
ASP OXT HXT  sing N N 69  
CYS N   CA   sing N N 70  
CYS N   H    sing N N 71  
CYS N   H2   sing N N 72  
CYS CA  C    sing N N 73  
CYS CA  CB   sing N N 74  
CYS CA  HA   sing N N 75  
CYS C   O    doub N N 76  
CYS C   OXT  sing N N 77  
CYS CB  SG   sing N N 78  
CYS CB  HB2  sing N N 79  
CYS CB  HB3  sing N N 80  
CYS SG  HG   sing N N 81  
CYS OXT HXT  sing N N 82  
GLN N   CA   sing N N 83  
GLN N   H    sing N N 84  
GLN N   H2   sing N N 85  
GLN CA  C    sing N N 86  
GLN CA  CB   sing N N 87  
GLN CA  HA   sing N N 88  
GLN C   O    doub N N 89  
GLN C   OXT  sing N N 90  
GLN CB  CG   sing N N 91  
GLN CB  HB2  sing N N 92  
GLN CB  HB3  sing N N 93  
GLN CG  CD   sing N N 94  
GLN CG  HG2  sing N N 95  
GLN CG  HG3  sing N N 96  
GLN CD  OE1  doub N N 97  
GLN CD  NE2  sing N N 98  
GLN NE2 HE21 sing N N 99  
GLN NE2 HE22 sing N N 100 
GLN OXT HXT  sing N N 101 
GLU N   CA   sing N N 102 
GLU N   H    sing N N 103 
GLU N   H2   sing N N 104 
GLU CA  C    sing N N 105 
GLU CA  CB   sing N N 106 
GLU CA  HA   sing N N 107 
GLU C   O    doub N N 108 
GLU C   OXT  sing N N 109 
GLU CB  CG   sing N N 110 
GLU CB  HB2  sing N N 111 
GLU CB  HB3  sing N N 112 
GLU CG  CD   sing N N 113 
GLU CG  HG2  sing N N 114 
GLU CG  HG3  sing N N 115 
GLU CD  OE1  doub N N 116 
GLU CD  OE2  sing N N 117 
GLU OE2 HE2  sing N N 118 
GLU OXT HXT  sing N N 119 
GLY N   CA   sing N N 120 
GLY N   H    sing N N 121 
GLY N   H2   sing N N 122 
GLY CA  C    sing N N 123 
GLY CA  HA2  sing N N 124 
GLY CA  HA3  sing N N 125 
GLY C   O    doub N N 126 
GLY C   OXT  sing N N 127 
GLY OXT HXT  sing N N 128 
HIS N   CA   sing N N 129 
HIS N   H    sing N N 130 
HIS N   H2   sing N N 131 
HIS CA  C    sing N N 132 
HIS CA  CB   sing N N 133 
HIS CA  HA   sing N N 134 
HIS C   O    doub N N 135 
HIS C   OXT  sing N N 136 
HIS CB  CG   sing N N 137 
HIS CB  HB2  sing N N 138 
HIS CB  HB3  sing N N 139 
HIS CG  ND1  sing Y N 140 
HIS CG  CD2  doub Y N 141 
HIS ND1 CE1  doub Y N 142 
HIS ND1 HD1  sing N N 143 
HIS CD2 NE2  sing Y N 144 
HIS CD2 HD2  sing N N 145 
HIS CE1 NE2  sing Y N 146 
HIS CE1 HE1  sing N N 147 
HIS NE2 HE2  sing N N 148 
HIS OXT HXT  sing N N 149 
HOH O   H1   sing N N 150 
HOH O   H2   sing N N 151 
ILE N   CA   sing N N 152 
ILE N   H    sing N N 153 
ILE N   H2   sing N N 154 
ILE CA  C    sing N N 155 
ILE CA  CB   sing N N 156 
ILE CA  HA   sing N N 157 
ILE C   O    doub N N 158 
ILE C   OXT  sing N N 159 
ILE CB  CG1  sing N N 160 
ILE CB  CG2  sing N N 161 
ILE CB  HB   sing N N 162 
ILE CG1 CD1  sing N N 163 
ILE CG1 HG12 sing N N 164 
ILE CG1 HG13 sing N N 165 
ILE CG2 HG21 sing N N 166 
ILE CG2 HG22 sing N N 167 
ILE CG2 HG23 sing N N 168 
ILE CD1 HD11 sing N N 169 
ILE CD1 HD12 sing N N 170 
ILE CD1 HD13 sing N N 171 
ILE OXT HXT  sing N N 172 
LEU N   CA   sing N N 173 
LEU N   H    sing N N 174 
LEU N   H2   sing N N 175 
LEU CA  C    sing N N 176 
LEU CA  CB   sing N N 177 
LEU CA  HA   sing N N 178 
LEU C   O    doub N N 179 
LEU C   OXT  sing N N 180 
LEU CB  CG   sing N N 181 
LEU CB  HB2  sing N N 182 
LEU CB  HB3  sing N N 183 
LEU CG  CD1  sing N N 184 
LEU CG  CD2  sing N N 185 
LEU CG  HG   sing N N 186 
LEU CD1 HD11 sing N N 187 
LEU CD1 HD12 sing N N 188 
LEU CD1 HD13 sing N N 189 
LEU CD2 HD21 sing N N 190 
LEU CD2 HD22 sing N N 191 
LEU CD2 HD23 sing N N 192 
LEU OXT HXT  sing N N 193 
LYS N   CA   sing N N 194 
LYS N   H    sing N N 195 
LYS N   H2   sing N N 196 
LYS CA  C    sing N N 197 
LYS CA  CB   sing N N 198 
LYS CA  HA   sing N N 199 
LYS C   O    doub N N 200 
LYS C   OXT  sing N N 201 
LYS CB  CG   sing N N 202 
LYS CB  HB2  sing N N 203 
LYS CB  HB3  sing N N 204 
LYS CG  CD   sing N N 205 
LYS CG  HG2  sing N N 206 
LYS CG  HG3  sing N N 207 
LYS CD  CE   sing N N 208 
LYS CD  HD2  sing N N 209 
LYS CD  HD3  sing N N 210 
LYS CE  NZ   sing N N 211 
LYS CE  HE2  sing N N 212 
LYS CE  HE3  sing N N 213 
LYS NZ  HZ1  sing N N 214 
LYS NZ  HZ2  sing N N 215 
LYS NZ  HZ3  sing N N 216 
LYS OXT HXT  sing N N 217 
MSE N   CA   sing N N 218 
MSE N   H    sing N N 219 
MSE N   H2   sing N N 220 
MSE CA  C    sing N N 221 
MSE CA  CB   sing N N 222 
MSE CA  HA   sing N N 223 
MSE C   O    doub N N 224 
MSE C   OXT  sing N N 225 
MSE OXT HXT  sing N N 226 
MSE CB  CG   sing N N 227 
MSE CB  HB2  sing N N 228 
MSE CB  HB3  sing N N 229 
MSE CG  SE   sing N N 230 
MSE CG  HG2  sing N N 231 
MSE CG  HG3  sing N N 232 
MSE SE  CE   sing N N 233 
MSE CE  HE1  sing N N 234 
MSE CE  HE2  sing N N 235 
MSE CE  HE3  sing N N 236 
PHE N   CA   sing N N 237 
PHE N   H    sing N N 238 
PHE N   H2   sing N N 239 
PHE CA  C    sing N N 240 
PHE CA  CB   sing N N 241 
PHE CA  HA   sing N N 242 
PHE C   O    doub N N 243 
PHE C   OXT  sing N N 244 
PHE CB  CG   sing N N 245 
PHE CB  HB2  sing N N 246 
PHE CB  HB3  sing N N 247 
PHE CG  CD1  doub Y N 248 
PHE CG  CD2  sing Y N 249 
PHE CD1 CE1  sing Y N 250 
PHE CD1 HD1  sing N N 251 
PHE CD2 CE2  doub Y N 252 
PHE CD2 HD2  sing N N 253 
PHE CE1 CZ   doub Y N 254 
PHE CE1 HE1  sing N N 255 
PHE CE2 CZ   sing Y N 256 
PHE CE2 HE2  sing N N 257 
PHE CZ  HZ   sing N N 258 
PHE OXT HXT  sing N N 259 
PRO N   CA   sing N N 260 
PRO N   CD   sing N N 261 
PRO N   H    sing N N 262 
PRO CA  C    sing N N 263 
PRO CA  CB   sing N N 264 
PRO CA  HA   sing N N 265 
PRO C   O    doub N N 266 
PRO C   OXT  sing N N 267 
PRO CB  CG   sing N N 268 
PRO CB  HB2  sing N N 269 
PRO CB  HB3  sing N N 270 
PRO CG  CD   sing N N 271 
PRO CG  HG2  sing N N 272 
PRO CG  HG3  sing N N 273 
PRO CD  HD2  sing N N 274 
PRO CD  HD3  sing N N 275 
PRO OXT HXT  sing N N 276 
SER N   CA   sing N N 277 
SER N   H    sing N N 278 
SER N   H2   sing N N 279 
SER CA  C    sing N N 280 
SER CA  CB   sing N N 281 
SER CA  HA   sing N N 282 
SER C   O    doub N N 283 
SER C   OXT  sing N N 284 
SER CB  OG   sing N N 285 
SER CB  HB2  sing N N 286 
SER CB  HB3  sing N N 287 
SER OG  HG   sing N N 288 
SER OXT HXT  sing N N 289 
THR N   CA   sing N N 290 
THR N   H    sing N N 291 
THR N   H2   sing N N 292 
THR CA  C    sing N N 293 
THR CA  CB   sing N N 294 
THR CA  HA   sing N N 295 
THR C   O    doub N N 296 
THR C   OXT  sing N N 297 
THR CB  OG1  sing N N 298 
THR CB  CG2  sing N N 299 
THR CB  HB   sing N N 300 
THR OG1 HG1  sing N N 301 
THR CG2 HG21 sing N N 302 
THR CG2 HG22 sing N N 303 
THR CG2 HG23 sing N N 304 
THR OXT HXT  sing N N 305 
TRP N   CA   sing N N 306 
TRP N   H    sing N N 307 
TRP N   H2   sing N N 308 
TRP CA  C    sing N N 309 
TRP CA  CB   sing N N 310 
TRP CA  HA   sing N N 311 
TRP C   O    doub N N 312 
TRP C   OXT  sing N N 313 
TRP CB  CG   sing N N 314 
TRP CB  HB2  sing N N 315 
TRP CB  HB3  sing N N 316 
TRP CG  CD1  doub Y N 317 
TRP CG  CD2  sing Y N 318 
TRP CD1 NE1  sing Y N 319 
TRP CD1 HD1  sing N N 320 
TRP CD2 CE2  doub Y N 321 
TRP CD2 CE3  sing Y N 322 
TRP NE1 CE2  sing Y N 323 
TRP NE1 HE1  sing N N 324 
TRP CE2 CZ2  sing Y N 325 
TRP CE3 CZ3  doub Y N 326 
TRP CE3 HE3  sing N N 327 
TRP CZ2 CH2  doub Y N 328 
TRP CZ2 HZ2  sing N N 329 
TRP CZ3 CH2  sing Y N 330 
TRP CZ3 HZ3  sing N N 331 
TRP CH2 HH2  sing N N 332 
TRP OXT HXT  sing N N 333 
TYR N   CA   sing N N 334 
TYR N   H    sing N N 335 
TYR N   H2   sing N N 336 
TYR CA  C    sing N N 337 
TYR CA  CB   sing N N 338 
TYR CA  HA   sing N N 339 
TYR C   O    doub N N 340 
TYR C   OXT  sing N N 341 
TYR CB  CG   sing N N 342 
TYR CB  HB2  sing N N 343 
TYR CB  HB3  sing N N 344 
TYR CG  CD1  doub Y N 345 
TYR CG  CD2  sing Y N 346 
TYR CD1 CE1  sing Y N 347 
TYR CD1 HD1  sing N N 348 
TYR CD2 CE2  doub Y N 349 
TYR CD2 HD2  sing N N 350 
TYR CE1 CZ   doub Y N 351 
TYR CE1 HE1  sing N N 352 
TYR CE2 CZ   sing Y N 353 
TYR CE2 HE2  sing N N 354 
TYR CZ  OH   sing N N 355 
TYR OH  HH   sing N N 356 
TYR OXT HXT  sing N N 357 
VAL N   CA   sing N N 358 
VAL N   H    sing N N 359 
VAL N   H2   sing N N 360 
VAL CA  C    sing N N 361 
VAL CA  CB   sing N N 362 
VAL CA  HA   sing N N 363 
VAL C   O    doub N N 364 
VAL C   OXT  sing N N 365 
VAL CB  CG1  sing N N 366 
VAL CB  CG2  sing N N 367 
VAL CB  HB   sing N N 368 
VAL CG1 HG11 sing N N 369 
VAL CG1 HG12 sing N N 370 
VAL CG1 HG13 sing N N 371 
VAL CG2 HG21 sing N N 372 
VAL CG2 HG22 sing N N 373 
VAL CG2 HG23 sing N N 374 
VAL OXT HXT  sing N N 375 
# 
_atom_sites.entry_id                    3ELI 
_atom_sites.fract_transf_matrix[1][1]   0.00959255 
_atom_sites.fract_transf_matrix[1][2]   -0.00277325 
_atom_sites.fract_transf_matrix[1][3]   -0.00928321 
_atom_sites.fract_transf_matrix[2][1]   -0.00178403 
_atom_sites.fract_transf_matrix[2][2]   0.01233456 
_atom_sites.fract_transf_matrix[2][3]   -0.00552828 
_atom_sites.fract_transf_matrix[3][1]   0.00760074 
_atom_sites.fract_transf_matrix[3][2]   0.00407400 
_atom_sites.fract_transf_matrix[3][3]   0.00663696 
_atom_sites.fract_transf_vector[1]      1.119905 
_atom_sites.fract_transf_vector[2]      0.381680 
_atom_sites.fract_transf_vector[3]      -0.085598 
# 
loop_
_atom_type.symbol 
C  
N  
O  
S  
SE 
# 
loop_
_atom_site.group_PDB 
_atom_site.id 
_atom_site.type_symbol 
_atom_site.label_atom_id 
_atom_site.label_alt_id 
_atom_site.label_comp_id 
_atom_site.label_asym_id 
_atom_site.label_entity_id 
_atom_site.label_seq_id 
_atom_site.pdbx_PDB_ins_code 
_atom_site.Cartn_x 
_atom_site.Cartn_y 
_atom_site.Cartn_z 
_atom_site.occupancy 
_atom_site.B_iso_or_equiv 
_atom_site.pdbx_formal_charge 
_atom_site.auth_seq_id 
_atom_site.auth_comp_id 
_atom_site.auth_asym_id 
_atom_site.auth_atom_id 
_atom_site.pdbx_PDB_model_num 
ATOM   1    N  N   . ALA A 1 2   ? -17.860 -1.571  1.736   1.00 66.78  ? 2   ALA A N   1 
ATOM   2    C  CA  . ALA A 1 2   ? -16.994 -2.212  0.707   1.00 67.29  ? 2   ALA A CA  1 
ATOM   3    C  C   . ALA A 1 2   ? -16.128 -1.172  0.001   1.00 69.34  ? 2   ALA A C   1 
ATOM   4    O  O   . ALA A 1 2   ? -15.544 -1.455  -1.040  1.00 75.48  ? 2   ALA A O   1 
ATOM   5    C  CB  . ALA A 1 2   ? -17.868 -2.946  -0.311  1.00 57.93  ? 2   ALA A CB  1 
ATOM   6    N  N   . ASP A 1 3   ? -16.040 0.024   0.580   1.00 68.42  ? 3   ASP A N   1 
ATOM   7    C  CA  . ASP A 1 3   ? -15.270 1.122   -0.005  1.00 66.98  ? 3   ASP A CA  1 
ATOM   8    C  C   . ASP A 1 3   ? -14.719 2.052   1.093   1.00 71.35  ? 3   ASP A C   1 
ATOM   9    O  O   . ASP A 1 3   ? -15.490 2.678   1.834   1.00 75.91  ? 3   ASP A O   1 
ATOM   10   C  CB  . ASP A 1 3   ? -16.180 1.909   -0.957  1.00 64.62  ? 3   ASP A CB  1 
ATOM   11   C  CG  . ASP A 1 3   ? -15.464 3.047   -1.666  1.00 82.60  ? 3   ASP A CG  1 
ATOM   12   O  OD1 . ASP A 1 3   ? -14.373 3.455   -1.209  1.00 90.87  ? 3   ASP A OD1 1 
ATOM   13   O  OD2 . ASP A 1 3   ? -16.002 3.552   -2.681  1.00 77.79  ? 3   ASP A OD2 1 
ATOM   14   N  N   . LEU A 1 4   ? -13.392 2.156   1.182   1.00 62.23  ? 4   LEU A N   1 
ATOM   15   C  CA  . LEU A 1 4   ? -12.761 3.003   2.198   1.00 60.49  ? 4   LEU A CA  1 
ATOM   16   C  C   . LEU A 1 4   ? -11.906 4.143   1.642   1.00 54.40  ? 4   LEU A C   1 
ATOM   17   O  O   . LEU A 1 4   ? -11.372 4.062   0.538   1.00 57.33  ? 4   LEU A O   1 
ATOM   18   C  CB  . LEU A 1 4   ? -11.925 2.142   3.155   1.00 64.27  ? 4   LEU A CB  1 
ATOM   19   C  CG  . LEU A 1 4   ? -10.620 1.533   2.638   1.00 68.83  ? 4   LEU A CG  1 
ATOM   20   C  CD1 . LEU A 1 4   ? -9.511  2.562   2.769   1.00 70.11  ? 4   LEU A CD1 1 
ATOM   21   C  CD2 . LEU A 1 4   ? -10.262 0.282   3.435   1.00 63.91  ? 4   LEU A CD2 1 
ATOM   22   N  N   . ARG A 1 5   ? -11.790 5.204   2.430   1.00 49.77  ? 5   ARG A N   1 
ATOM   23   C  CA  . ARG A 1 5   ? -11.023 6.382   2.051   1.00 51.30  ? 5   ARG A CA  1 
ATOM   24   C  C   . ARG A 1 5   ? -10.202 6.918   3.217   1.00 47.63  ? 5   ARG A C   1 
ATOM   25   O  O   . ARG A 1 5   ? -10.724 7.162   4.303   1.00 48.34  ? 5   ARG A O   1 
ATOM   26   C  CB  . ARG A 1 5   ? -11.959 7.484   1.553   1.00 43.49  ? 5   ARG A CB  1 
ATOM   27   C  CG  . ARG A 1 5   ? -11.340 8.878   1.543   1.00 49.07  ? 5   ARG A CG  1 
ATOM   28   C  CD  . ARG A 1 5   ? -10.130 8.945   0.630   1.00 61.87  ? 5   ARG A CD  1 
ATOM   29   N  NE  . ARG A 1 5   ? -10.492 8.778   -0.777  1.00 65.35  ? 5   ARG A NE  1 
ATOM   30   C  CZ  . ARG A 1 5   ? -11.211 9.657   -1.470  1.00 57.76  ? 5   ARG A CZ  1 
ATOM   31   N  NH1 . ARG A 1 5   ? -11.498 9.429   -2.743  1.00 57.57  ? 5   ARG A NH1 1 
ATOM   32   N  NH2 . ARG A 1 5   ? -11.639 10.767  -0.888  1.00 65.18  ? 5   ARG A NH2 1 
ATOM   33   N  N   . LEU A 1 6   ? -8.914  7.108   2.973   1.00 49.32  ? 6   LEU A N   1 
ATOM   34   C  CA  . LEU A 1 6   ? -8.002  7.628   3.982   1.00 53.48  ? 6   LEU A CA  1 
ATOM   35   C  C   . LEU A 1 6   ? -7.156  8.693   3.346   1.00 51.29  ? 6   LEU A C   1 
ATOM   36   O  O   . LEU A 1 6   ? -6.920  8.662   2.139   1.00 52.72  ? 6   LEU A O   1 
ATOM   37   C  CB  . LEU A 1 6   ? -7.073  6.534   4.496   1.00 49.30  ? 6   LEU A CB  1 
ATOM   38   C  CG  . LEU A 1 6   ? -7.340  5.968   5.879   1.00 54.86  ? 6   LEU A CG  1 
ATOM   39   C  CD1 . LEU A 1 6   ? -8.794  5.551   6.024   1.00 62.35  ? 6   LEU A CD1 1 
ATOM   40   C  CD2 . LEU A 1 6   ? -6.416  4.786   6.083   1.00 62.31  ? 6   LEU A CD2 1 
ATOM   41   N  N   . GLU A 1 7   ? -6.706  9.644   4.153   1.00 51.17  ? 7   GLU A N   1 
ATOM   42   C  CA  . GLU A 1 7   ? -5.836  10.688  3.646   1.00 57.95  ? 7   GLU A CA  1 
ATOM   43   C  C   . GLU A 1 7   ? -5.060  11.385  4.739   1.00 57.80  ? 7   GLU A C   1 
ATOM   44   O  O   . GLU A 1 7   ? -5.503  11.466  5.884   1.00 53.40  ? 7   GLU A O   1 
ATOM   45   C  CB  . GLU A 1 7   ? -6.613  11.701  2.808   1.00 63.19  ? 7   GLU A CB  1 
ATOM   46   C  CG  . GLU A 1 7   ? -7.885  12.257  3.404   1.00 76.24  ? 7   GLU A CG  1 
ATOM   47   C  CD  . GLU A 1 7   ? -8.667  13.086  2.379   1.00 90.92  ? 7   GLU A CD  1 
ATOM   48   O  OE1 . GLU A 1 7   ? -9.151  12.498  1.373   1.00 75.87  ? 7   GLU A OE1 1 
ATOM   49   O  OE2 . GLU A 1 7   ? -8.788  14.323  2.577   1.00 95.76  ? 7   GLU A OE2 1 
ATOM   50   N  N   . ARG A 1 8   ? -3.868  11.839  4.375   1.00 53.98  ? 8   ARG A N   1 
ATOM   51   C  CA  . ARG A 1 8   ? -3.003  12.537  5.301   1.00 57.93  ? 8   ARG A CA  1 
ATOM   52   C  C   . ARG A 1 8   ? -2.107  13.482  4.507   1.00 65.21  ? 8   ARG A C   1 
ATOM   53   O  O   . ARG A 1 8   ? -1.805  13.222  3.344   1.00 63.78  ? 8   ARG A O   1 
ATOM   54   C  CB  . ARG A 1 8   ? -2.147  11.550  6.111   1.00 51.26  ? 8   ARG A CB  1 
ATOM   55   C  CG  . ARG A 1 8   ? -2.586  10.099  6.058   1.00 41.40  ? 8   ARG A CG  1 
ATOM   56   C  CD  . ARG A 1 8   ? -2.711  9.468   7.442   1.00 44.22  ? 8   ARG A CD  1 
ATOM   57   N  NE  . ARG A 1 8   ? -4.113  9.261   7.828   1.00 51.85  ? 8   ARG A NE  1 
ATOM   58   C  CZ  . ARG A 1 8   ? -4.562  8.254   8.574   1.00 53.61  ? 8   ARG A CZ  1 
ATOM   59   N  NH1 . ARG A 1 8   ? -5.853  8.173   8.864   1.00 49.97  ? 8   ARG A NH1 1 
ATOM   60   N  NH2 . ARG A 1 8   ? -3.725  7.323   9.024   1.00 62.39  ? 8   ARG A NH2 1 
ATOM   61   N  N   . GLU A 1 9   ? -1.725  14.598  5.131   1.00 74.89  ? 9   GLU A N   1 
ATOM   62   C  CA  . GLU A 1 9   ? -0.851  15.594  4.509   1.00 72.84  ? 9   GLU A CA  1 
ATOM   63   C  C   . GLU A 1 9   ? 0.566   15.409  5.054   1.00 71.62  ? 9   GLU A C   1 
ATOM   64   O  O   . GLU A 1 9   ? 0.762   14.905  6.171   1.00 70.86  ? 9   GLU A O   1 
ATOM   65   C  CB  . GLU A 1 9   ? -1.353  17.019  4.807   1.00 74.62  ? 9   GLU A CB  1 
ATOM   66   C  CG  . GLU A 1 9   ? -0.449  18.132  4.229   1.00 101.44 ? 9   GLU A CG  1 
ATOM   67   C  CD  . GLU A 1 9   ? -0.869  19.580  4.597   1.00 108.13 ? 9   GLU A CD  1 
ATOM   68   O  OE1 . GLU A 1 9   ? -0.083  20.521  4.303   1.00 99.46  ? 9   GLU A OE1 1 
ATOM   69   O  OE2 . GLU A 1 9   ? -1.969  19.780  5.167   1.00 111.90 ? 9   GLU A OE2 1 
ATOM   70   N  N   . PHE A 1 10  ? 1.551   15.807  4.256   1.00 68.68  ? 10  PHE A N   1 
ATOM   71   C  CA  . PHE A 1 10  ? 2.951   15.685  4.653   1.00 67.20  ? 10  PHE A CA  1 
ATOM   72   C  C   . PHE A 1 10  ? 3.768   16.895  4.249   1.00 67.53  ? 10  PHE A C   1 
ATOM   73   O  O   . PHE A 1 10  ? 3.536   17.496  3.197   1.00 65.98  ? 10  PHE A O   1 
ATOM   74   C  CB  . PHE A 1 10  ? 3.582   14.438  4.038   1.00 63.14  ? 10  PHE A CB  1 
ATOM   75   C  CG  . PHE A 1 10  ? 2.871   13.176  4.384   1.00 53.25  ? 10  PHE A CG  1 
ATOM   76   C  CD1 . PHE A 1 10  ? 1.854   12.697  3.575   1.00 46.55  ? 10  PHE A CD1 1 
ATOM   77   C  CD2 . PHE A 1 10  ? 3.206   12.475  5.535   1.00 54.20  ? 10  PHE A CD2 1 
ATOM   78   C  CE1 . PHE A 1 10  ? 1.181   11.531  3.906   1.00 50.13  ? 10  PHE A CE1 1 
ATOM   79   C  CE2 . PHE A 1 10  ? 2.542   11.309  5.877   1.00 49.54  ? 10  PHE A CE2 1 
ATOM   80   C  CZ  . PHE A 1 10  ? 1.528   10.835  5.062   1.00 48.27  ? 10  PHE A CZ  1 
ATOM   81   N  N   . ALA A 1 11  ? 4.740   17.243  5.085   1.00 70.81  ? 11  ALA A N   1 
ATOM   82   C  CA  . ALA A 1 11  ? 5.588   18.396  4.812   1.00 72.46  ? 11  ALA A CA  1 
ATOM   83   C  C   . ALA A 1 11  ? 6.679   18.073  3.797   1.00 68.44  ? 11  ALA A C   1 
ATOM   84   O  O   . ALA A 1 11  ? 7.838   18.435  3.988   1.00 71.17  ? 11  ALA A O   1 
ATOM   85   C  CB  . ALA A 1 11  ? 6.210   18.912  6.110   1.00 65.29  ? 11  ALA A CB  1 
ATOM   86   N  N   . VAL A 1 12  ? 6.305   17.381  2.726   1.00 68.60  ? 12  VAL A N   1 
ATOM   87   C  CA  . VAL A 1 12  ? 7.257   17.039  1.675   1.00 69.66  ? 12  VAL A CA  1 
ATOM   88   C  C   . VAL A 1 12  ? 6.682   17.460  0.321   1.00 71.95  ? 12  VAL A C   1 
ATOM   89   O  O   . VAL A 1 12  ? 5.521   17.878  0.228   1.00 71.82  ? 12  VAL A O   1 
ATOM   90   C  CB  . VAL A 1 12  ? 7.579   15.517  1.656   1.00 62.53  ? 12  VAL A CB  1 
ATOM   91   C  CG1 . VAL A 1 12  ? 8.152   15.087  2.995   1.00 57.21  ? 12  VAL A CG1 1 
ATOM   92   C  CG2 . VAL A 1 12  ? 6.328   14.723  1.330   1.00 66.61  ? 12  VAL A CG2 1 
ATOM   93   N  N   . ALA A 1 13  ? 7.498   17.365  -0.723  1.00 72.93  ? 13  ALA A N   1 
ATOM   94   C  CA  . ALA A 1 13  ? 7.057   17.743  -2.060  1.00 74.19  ? 13  ALA A CA  1 
ATOM   95   C  C   . ALA A 1 13  ? 6.284   16.614  -2.721  1.00 68.88  ? 13  ALA A C   1 
ATOM   96   O  O   . ALA A 1 13  ? 6.654   15.445  -2.606  1.00 64.81  ? 13  ALA A O   1 
ATOM   97   C  CB  . ALA A 1 13  ? 8.256   18.120  -2.921  1.00 78.55  ? 13  ALA A CB  1 
ATOM   98   N  N   . PRO A 1 14  ? 5.199   16.945  -3.433  1.00 65.74  ? 14  PRO A N   1 
ATOM   99   C  CA  . PRO A 1 14  ? 4.439   15.876  -4.079  1.00 60.96  ? 14  PRO A CA  1 
ATOM   100  C  C   . PRO A 1 14  ? 5.317   14.884  -4.841  1.00 55.10  ? 14  PRO A C   1 
ATOM   101  O  O   . PRO A 1 14  ? 5.053   13.682  -4.811  1.00 54.91  ? 14  PRO A O   1 
ATOM   102  C  CB  . PRO A 1 14  ? 3.459   16.637  -4.973  1.00 53.18  ? 14  PRO A CB  1 
ATOM   103  C  CG  . PRO A 1 14  ? 4.132   17.962  -5.190  1.00 58.21  ? 14  PRO A CG  1 
ATOM   104  C  CD  . PRO A 1 14  ? 4.695   18.267  -3.840  1.00 59.63  ? 14  PRO A CD  1 
ATOM   105  N  N   . GLU A 1 15  ? 6.363   15.369  -5.507  1.00 58.25  ? 15  GLU A N   1 
ATOM   106  C  CA  . GLU A 1 15  ? 7.247   14.463  -6.247  1.00 64.34  ? 15  GLU A CA  1 
ATOM   107  C  C   . GLU A 1 15  ? 7.795   13.416  -5.303  1.00 59.76  ? 15  GLU A C   1 
ATOM   108  O  O   . GLU A 1 15  ? 7.838   12.225  -5.630  1.00 63.97  ? 15  GLU A O   1 
ATOM   109  C  CB  . GLU A 1 15  ? 8.426   15.208  -6.884  1.00 68.04  ? 15  GLU A CB  1 
ATOM   110  C  CG  . GLU A 1 15  ? 8.069   16.023  -8.107  1.00 76.49  ? 15  GLU A CG  1 
ATOM   111  C  CD  . GLU A 1 15  ? 7.515   17.390  -7.756  1.00 85.93  ? 15  GLU A CD  1 
ATOM   112  O  OE1 . GLU A 1 15  ? 7.105   17.593  -6.586  1.00 79.40  ? 15  GLU A OE1 1 
ATOM   113  O  OE2 . GLU A 1 15  ? 7.489   18.261  -8.659  1.00 91.42  ? 15  GLU A OE2 1 
ATOM   114  N  N   . ALA A 1 16  ? 8.219   13.877  -4.129  1.00 54.65  ? 16  ALA A N   1 
ATOM   115  C  CA  . ALA A 1 16  ? 8.768   13.002  -3.098  1.00 52.80  ? 16  ALA A CA  1 
ATOM   116  C  C   . ALA A 1 16  ? 7.709   12.026  -2.583  1.00 51.77  ? 16  ALA A C   1 
ATOM   117  O  O   . ALA A 1 16  ? 7.936   10.817  -2.564  1.00 46.86  ? 16  ALA A O   1 
ATOM   118  C  CB  . ALA A 1 16  ? 9.310   13.835  -1.948  1.00 34.04  ? 16  ALA A CB  1 
ATOM   119  N  N   . LEU A 1 17  ? 6.553   12.551  -2.178  1.00 45.97  ? 17  LEU A N   1 
ATOM   120  C  CA  . LEU A 1 17  ? 5.491   11.705  -1.663  1.00 48.47  ? 17  LEU A CA  1 
ATOM   121  C  C   . LEU A 1 17  ? 5.154   10.590  -2.644  1.00 51.71  ? 17  LEU A C   1 
ATOM   122  O  O   . LEU A 1 17  ? 4.977   9.433   -2.256  1.00 51.64  ? 17  LEU A O   1 
ATOM   123  C  CB  . LEU A 1 17  ? 4.237   12.532  -1.351  1.00 44.79  ? 17  LEU A CB  1 
ATOM   124  C  CG  . LEU A 1 17  ? 3.031   11.784  -0.736  1.00 49.44  ? 17  LEU A CG  1 
ATOM   125  C  CD1 . LEU A 1 17  ? 3.469   10.900  0.416   1.00 48.12  ? 17  LEU A CD1 1 
ATOM   126  C  CD2 . LEU A 1 17  ? 1.993   12.781  -0.266  1.00 47.13  ? 17  LEU A CD2 1 
ATOM   127  N  N   . PHE A 1 18  ? 5.084   10.928  -3.924  1.00 56.96  ? 18  PHE A N   1 
ATOM   128  C  CA  . PHE A 1 18  ? 4.762   9.930   -4.928  1.00 58.51  ? 18  PHE A CA  1 
ATOM   129  C  C   . PHE A 1 18  ? 5.831   8.827   -5.016  1.00 58.26  ? 18  PHE A C   1 
ATOM   130  O  O   . PHE A 1 18  ? 5.511   7.628   -5.098  1.00 54.80  ? 18  PHE A O   1 
ATOM   131  C  CB  . PHE A 1 18  ? 4.569   10.606  -6.274  1.00 46.02  ? 18  PHE A CB  1 
ATOM   132  C  CG  . PHE A 1 18  ? 4.111   9.672   -7.335  1.00 56.91  ? 18  PHE A CG  1 
ATOM   133  C  CD1 . PHE A 1 18  ? 5.024   8.832   -7.979  1.00 53.38  ? 18  PHE A CD1 1 
ATOM   134  C  CD2 . PHE A 1 18  ? 2.764   9.605   -7.684  1.00 52.09  ? 18  PHE A CD2 1 
ATOM   135  C  CE1 . PHE A 1 18  ? 4.607   7.939   -8.959  1.00 39.05  ? 18  PHE A CE1 1 
ATOM   136  C  CE2 . PHE A 1 18  ? 2.330   8.719   -8.660  1.00 40.29  ? 18  PHE A CE2 1 
ATOM   137  C  CZ  . PHE A 1 18  ? 3.257   7.884   -9.300  1.00 39.99  ? 18  PHE A CZ  1 
ATOM   138  N  N   . ALA A 1 19  ? 7.097   9.236   -4.997  1.00 55.02  ? 19  ALA A N   1 
ATOM   139  C  CA  . ALA A 1 19  ? 8.209   8.285   -5.039  1.00 59.01  ? 19  ALA A CA  1 
ATOM   140  C  C   . ALA A 1 19  ? 8.124   7.338   -3.831  1.00 55.27  ? 19  ALA A C   1 
ATOM   141  O  O   . ALA A 1 19  ? 8.465   6.155   -3.922  1.00 45.51  ? 19  ALA A O   1 
ATOM   142  C  CB  . ALA A 1 19  ? 9.543   9.038   -5.024  1.00 55.46  ? 19  ALA A CB  1 
ATOM   143  N  N   . TRP A 1 20  ? 7.650   7.875   -2.708  1.00 51.26  ? 20  TRP A N   1 
ATOM   144  C  CA  . TRP A 1 20  ? 7.501   7.102   -1.480  1.00 47.78  ? 20  TRP A CA  1 
ATOM   145  C  C   . TRP A 1 20  ? 6.347   6.110   -1.488  1.00 47.92  ? 20  TRP A C   1 
ATOM   146  O  O   . TRP A 1 20  ? 6.291   5.210   -0.646  1.00 42.70  ? 20  TRP A O   1 
ATOM   147  C  CB  . TRP A 1 20  ? 7.333   8.028   -0.283  1.00 41.63  ? 20  TRP A CB  1 
ATOM   148  C  CG  . TRP A 1 20  ? 8.636   8.344   0.323   1.00 47.78  ? 20  TRP A CG  1 
ATOM   149  C  CD1 . TRP A 1 20  ? 9.403   9.429   0.069   1.00 40.02  ? 20  TRP A CD1 1 
ATOM   150  C  CD2 . TRP A 1 20  ? 9.406   7.493   1.180   1.00 47.91  ? 20  TRP A CD2 1 
ATOM   151  N  NE1 . TRP A 1 20  ? 10.613  9.311   0.703   1.00 47.22  ? 20  TRP A NE1 1 
ATOM   152  C  CE2 . TRP A 1 20  ? 10.644  8.128   1.394   1.00 46.88  ? 20  TRP A CE2 1 
ATOM   153  C  CE3 . TRP A 1 20  ? 9.173   6.249   1.783   1.00 45.85  ? 20  TRP A CE3 1 
ATOM   154  C  CZ2 . TRP A 1 20  ? 11.656  7.564   2.185   1.00 41.99  ? 20  TRP A CZ2 1 
ATOM   155  C  CZ3 . TRP A 1 20  ? 10.183  5.688   2.572   1.00 49.71  ? 20  TRP A CZ3 1 
ATOM   156  C  CH2 . TRP A 1 20  ? 11.404  6.348   2.761   1.00 36.57  ? 20  TRP A CH2 1 
ATOM   157  N  N   . VAL A 1 21  ? 5.439   6.272   -2.443  1.00 40.71  ? 21  VAL A N   1 
ATOM   158  C  CA  . VAL A 1 21  ? 4.290   5.401   -2.546  1.00 40.69  ? 21  VAL A CA  1 
ATOM   159  C  C   . VAL A 1 21  ? 4.288   4.618   -3.845  1.00 45.02  ? 21  VAL A C   1 
ATOM   160  O  O   . VAL A 1 21  ? 3.294   3.974   -4.182  1.00 44.51  ? 21  VAL A O   1 
ATOM   161  C  CB  . VAL A 1 21  ? 2.998   6.214   -2.442  1.00 44.07  ? 21  VAL A CB  1 
ATOM   162  C  CG1 . VAL A 1 21  ? 2.951   6.928   -1.090  1.00 42.88  ? 21  VAL A CG1 1 
ATOM   163  C  CG2 . VAL A 1 21  ? 2.933   7.215   -3.578  1.00 33.66  ? 21  VAL A CG2 1 
ATOM   164  N  N   . SER A 1 22  ? 5.397   4.664   -4.578  1.00 49.45  ? 22  SER A N   1 
ATOM   165  C  CA  . SER A 1 22  ? 5.489   3.937   -5.848  1.00 51.16  ? 22  SER A CA  1 
ATOM   166  C  C   . SER A 1 22  ? 6.786   3.144   -5.990  1.00 55.44  ? 22  SER A C   1 
ATOM   167  O  O   . SER A 1 22  ? 6.797   2.082   -6.609  1.00 52.87  ? 22  SER A O   1 
ATOM   168  C  CB  . SER A 1 22  ? 5.339   4.902   -7.034  1.00 46.62  ? 22  SER A CB  1 
ATOM   169  O  OG  . SER A 1 22  ? 6.387   5.850   -7.097  1.00 48.62  ? 22  SER A OG  1 
ATOM   170  N  N   . ASP A 1 23  ? 7.872   3.658   -5.412  1.00 55.89  ? 23  ASP A N   1 
ATOM   171  C  CA  . ASP A 1 23  ? 9.163   2.989   -5.485  1.00 57.11  ? 23  ASP A CA  1 
ATOM   172  C  C   . ASP A 1 23  ? 9.341   1.863   -4.489  1.00 60.33  ? 23  ASP A C   1 
ATOM   173  O  O   . ASP A 1 23  ? 9.167   2.055   -3.289  1.00 60.02  ? 23  ASP A O   1 
ATOM   174  C  CB  . ASP A 1 23  ? 10.286  3.992   -5.298  1.00 65.26  ? 23  ASP A CB  1 
ATOM   175  C  CG  . ASP A 1 23  ? 10.633  4.698   -6.577  1.00 83.81  ? 23  ASP A CG  1 
ATOM   176  O  OD1 . ASP A 1 23  ? 11.050  4.004   -7.534  1.00 94.30  ? 23  ASP A OD1 1 
ATOM   177  O  OD2 . ASP A 1 23  ? 10.481  5.939   -6.636  1.00 92.25  ? 23  ASP A OD2 1 
ATOM   178  N  N   . GLY A 1 24  ? 9.712   0.692   -4.999  1.00 60.72  ? 24  GLY A N   1 
ATOM   179  C  CA  . GLY A 1 24  ? 9.911   -0.473  -4.157  1.00 61.31  ? 24  GLY A CA  1 
ATOM   180  C  C   . GLY A 1 24  ? 10.881  -0.270  -3.004  1.00 61.71  ? 24  GLY A C   1 
ATOM   181  O  O   . GLY A 1 24  ? 10.619  -0.713  -1.881  1.00 62.08  ? 24  GLY A O   1 
ATOM   182  N  N   . ALA A 1 25  ? 12.005  0.393   -3.275  1.00 57.68  ? 25  ALA A N   1 
ATOM   183  C  CA  . ALA A 1 25  ? 13.009  0.655   -2.246  1.00 50.83  ? 25  ALA A CA  1 
ATOM   184  C  C   . ALA A 1 25  ? 12.356  1.383   -1.080  1.00 53.40  ? 25  ALA A C   1 
ATOM   185  O  O   . ALA A 1 25  ? 12.562  1.027   0.084   1.00 58.84  ? 25  ALA A O   1 
ATOM   186  C  CB  . ALA A 1 25  ? 14.133  1.485   -2.816  1.00 48.91  ? 25  ALA A CB  1 
ATOM   187  N  N   . LYS A 1 26  ? 11.555  2.397   -1.400  1.00 50.80  ? 26  LYS A N   1 
ATOM   188  C  CA  . LYS A 1 26  ? 10.843  3.156   -0.382  1.00 53.93  ? 26  LYS A CA  1 
ATOM   189  C  C   . LYS A 1 26  ? 9.611   2.407   0.137   1.00 55.02  ? 26  LYS A C   1 
ATOM   190  O  O   . LYS A 1 26  ? 9.353   2.404   1.338   1.00 53.85  ? 26  LYS A O   1 
ATOM   191  C  CB  . LYS A 1 26  ? 10.412  4.528   -0.916  1.00 51.88  ? 26  LYS A CB  1 
ATOM   192  C  CG  . LYS A 1 26  ? 11.406  5.650   -0.640  1.00 61.53  ? 26  LYS A CG  1 
ATOM   193  C  CD  . LYS A 1 26  ? 12.512  5.720   -1.673  1.00 67.36  ? 26  LYS A CD  1 
ATOM   194  C  CE  . LYS A 1 26  ? 12.048  6.459   -2.899  1.00 64.62  ? 26  LYS A CE  1 
ATOM   195  N  NZ  . LYS A 1 26  ? 11.585  7.805   -2.511  1.00 66.33  ? 26  LYS A NZ  1 
ATOM   196  N  N   . LEU A 1 27  ? 8.855   1.771   -0.757  1.00 53.00  ? 27  LEU A N   1 
ATOM   197  C  CA  . LEU A 1 27  ? 7.666   1.045   -0.322  1.00 51.03  ? 27  LEU A CA  1 
ATOM   198  C  C   . LEU A 1 27  ? 8.024   -0.010  0.730   1.00 50.21  ? 27  LEU A C   1 
ATOM   199  O  O   . LEU A 1 27  ? 7.369   -0.100  1.765   1.00 50.56  ? 27  LEU A O   1 
ATOM   200  C  CB  . LEU A 1 27  ? 6.946   0.392   -1.519  1.00 46.69  ? 27  LEU A CB  1 
ATOM   201  C  CG  . LEU A 1 27  ? 6.068   1.239   -2.461  1.00 33.13  ? 27  LEU A CG  1 
ATOM   202  C  CD1 . LEU A 1 27  ? 5.427   0.309   -3.465  1.00 28.83  ? 27  LEU A CD1 1 
ATOM   203  C  CD2 . LEU A 1 27  ? 5.004   2.005   -1.706  1.00 25.14  ? 27  LEU A CD2 1 
ATOM   204  N  N   . LEU A 1 28  ? 9.077   -0.780  0.469   1.00 45.60  ? 28  LEU A N   1 
ATOM   205  C  CA  . LEU A 1 28  ? 9.551   -1.832  1.369   1.00 44.03  ? 28  LEU A CA  1 
ATOM   206  C  C   . LEU A 1 28  ? 9.954   -1.285  2.722   1.00 46.81  ? 28  LEU A C   1 
ATOM   207  O  O   . LEU A 1 28  ? 10.393  -2.026  3.603   1.00 50.87  ? 28  LEU A O   1 
ATOM   208  C  CB  . LEU A 1 28  ? 10.765  -2.529  0.754   1.00 45.39  ? 28  LEU A CB  1 
ATOM   209  C  CG  . LEU A 1 28  ? 10.491  -3.319  -0.529  1.00 54.15  ? 28  LEU A CG  1 
ATOM   210  C  CD1 . LEU A 1 28  ? 11.794  -3.715  -1.219  1.00 37.06  ? 28  LEU A CD1 1 
ATOM   211  C  CD2 . LEU A 1 28  ? 9.653   -4.532  -0.169  1.00 35.86  ? 28  LEU A CD2 1 
ATOM   212  N  N   . GLN A 1 29  ? 9.820   0.019   2.893   1.00 52.58  ? 29  GLN A N   1 
ATOM   213  C  CA  . GLN A 1 29  ? 10.218  0.623   4.152   1.00 52.78  ? 29  GLN A CA  1 
ATOM   214  C  C   . GLN A 1 29  ? 9.062   0.751   5.141   1.00 46.82  ? 29  GLN A C   1 
ATOM   215  O  O   . GLN A 1 29  ? 9.244   0.550   6.341   1.00 49.35  ? 29  GLN A O   1 
ATOM   216  C  CB  . GLN A 1 29  ? 10.861  1.987   3.876   1.00 52.61  ? 29  GLN A CB  1 
ATOM   217  C  CG  . GLN A 1 29  ? 12.024  2.314   4.788   1.00 62.42  ? 29  GLN A CG  1 
ATOM   218  C  CD  . GLN A 1 29  ? 13.152  1.284   4.716   1.00 73.54  ? 29  GLN A CD  1 
ATOM   219  O  OE1 . GLN A 1 29  ? 13.977  1.192   5.643   1.00 74.08  ? 29  GLN A OE1 1 
ATOM   220  N  NE2 . GLN A 1 29  ? 13.201  0.507   3.618   1.00 60.99  ? 29  GLN A NE2 1 
ATOM   221  N  N   . TRP A 1 30  ? 7.873   1.067   4.643   1.00 32.99  ? 30  TRP A N   1 
ATOM   222  C  CA  . TRP A 1 30  ? 6.723   1.212   5.522   1.00 42.25  ? 30  TRP A CA  1 
ATOM   223  C  C   . TRP A 1 30  ? 5.567   0.224   5.237   1.00 43.81  ? 30  TRP A C   1 
ATOM   224  O  O   . TRP A 1 30  ? 4.582   0.186   5.974   1.00 37.72  ? 30  TRP A O   1 
ATOM   225  C  CB  . TRP A 1 30  ? 6.203   2.649   5.442   1.00 41.42  ? 30  TRP A CB  1 
ATOM   226  C  CG  . TRP A 1 30  ? 5.852   3.078   4.046   1.00 50.91  ? 30  TRP A CG  1 
ATOM   227  C  CD1 . TRP A 1 30  ? 6.700   3.581   3.099   1.00 52.73  ? 30  TRP A CD1 1 
ATOM   228  C  CD2 . TRP A 1 30  ? 4.564   2.987   3.422   1.00 43.97  ? 30  TRP A CD2 1 
ATOM   229  N  NE1 . TRP A 1 30  ? 6.018   3.807   1.923   1.00 51.25  ? 30  TRP A NE1 1 
ATOM   230  C  CE2 . TRP A 1 30  ? 4.705   3.452   2.096   1.00 44.67  ? 30  TRP A CE2 1 
ATOM   231  C  CE3 . TRP A 1 30  ? 3.305   2.554   3.856   1.00 43.11  ? 30  TRP A CE3 1 
ATOM   232  C  CZ2 . TRP A 1 30  ? 3.633   3.499   1.200   1.00 37.13  ? 30  TRP A CZ2 1 
ATOM   233  C  CZ3 . TRP A 1 30  ? 2.236   2.597   2.960   1.00 45.37  ? 30  TRP A CZ3 1 
ATOM   234  C  CH2 . TRP A 1 30  ? 2.411   3.070   1.648   1.00 35.84  ? 30  TRP A CH2 1 
ATOM   235  N  N   . TRP A 1 31  ? 5.706   -0.588  4.190   1.00 42.77  ? 31  TRP A N   1 
ATOM   236  C  CA  . TRP A 1 31  ? 4.667   -1.530  3.800   1.00 40.01  ? 31  TRP A CA  1 
ATOM   237  C  C   . TRP A 1 31  ? 4.172   -2.413  4.943   1.00 45.68  ? 31  TRP A C   1 
ATOM   238  O  O   . TRP A 1 31  ? 4.943   -2.846  5.812   1.00 47.26  ? 31  TRP A O   1 
ATOM   239  C  CB  . TRP A 1 31  ? 5.152   -2.387  2.617   1.00 53.02  ? 31  TRP A CB  1 
ATOM   240  C  CG  . TRP A 1 31  ? 4.023   -3.046  1.793   1.00 57.40  ? 31  TRP A CG  1 
ATOM   241  C  CD1 . TRP A 1 31  ? 3.732   -4.387  1.713   1.00 53.34  ? 31  TRP A CD1 1 
ATOM   242  C  CD2 . TRP A 1 31  ? 3.042   -2.378  0.970   1.00 56.87  ? 31  TRP A CD2 1 
ATOM   243  N  NE1 . TRP A 1 31  ? 2.638   -4.590  0.903   1.00 49.51  ? 31  TRP A NE1 1 
ATOM   244  C  CE2 . TRP A 1 31  ? 2.194   -3.381  0.433   1.00 50.43  ? 31  TRP A CE2 1 
ATOM   245  C  CE3 . TRP A 1 31  ? 2.798   -1.034  0.638   1.00 49.46  ? 31  TRP A CE3 1 
ATOM   246  C  CZ2 . TRP A 1 31  ? 1.115   -3.081  -0.419  1.00 48.52  ? 31  TRP A CZ2 1 
ATOM   247  C  CZ3 . TRP A 1 31  ? 1.723   -0.740  -0.209  1.00 62.67  ? 31  TRP A CZ3 1 
ATOM   248  C  CH2 . TRP A 1 31  ? 0.896   -1.765  -0.726  1.00 46.81  ? 31  TRP A CH2 1 
ATOM   249  N  N   . GLY A 1 32  ? 2.864   -2.652  4.944   1.00 36.78  ? 32  GLY A N   1 
ATOM   250  C  CA  . GLY A 1 32  ? 2.268   -3.471  5.978   1.00 44.27  ? 32  GLY A CA  1 
ATOM   251  C  C   . GLY A 1 32  ? 2.134   -2.758  7.308   1.00 51.73  ? 32  GLY A C   1 
ATOM   252  O  O   . GLY A 1 32  ? 2.951   -1.904  7.656   1.00 49.59  ? 32  GLY A O   1 
ATOM   253  N  N   . PRO A 1 33  ? 1.095   -3.093  8.083   1.00 55.10  ? 33  PRO A N   1 
ATOM   254  C  CA  . PRO A 1 33  ? 0.886   -2.459  9.384   1.00 55.53  ? 33  PRO A CA  1 
ATOM   255  C  C   . PRO A 1 33  ? 2.098   -2.533  10.295  1.00 53.01  ? 33  PRO A C   1 
ATOM   256  O  O   . PRO A 1 33  ? 2.977   -3.381  10.127  1.00 51.17  ? 33  PRO A O   1 
ATOM   257  C  CB  . PRO A 1 33  ? -0.311  -3.226  9.937   1.00 47.21  ? 33  PRO A CB  1 
ATOM   258  C  CG  . PRO A 1 33  ? -1.096  -3.501  8.705   1.00 49.33  ? 33  PRO A CG  1 
ATOM   259  C  CD  . PRO A 1 33  ? -0.026  -3.992  7.765   1.00 48.95  ? 33  PRO A CD  1 
ATOM   260  N  N   . GLU A 1 34  ? 2.145   -1.623  11.258  1.00 61.76  ? 34  GLU A N   1 
ATOM   261  C  CA  . GLU A 1 34  ? 3.248   -1.604  12.202  1.00 68.28  ? 34  GLU A CA  1 
ATOM   262  C  C   . GLU A 1 34  ? 3.245   -2.945  12.917  1.00 68.41  ? 34  GLU A C   1 
ATOM   263  O  O   . GLU A 1 34  ? 2.214   -3.398  13.411  1.00 70.75  ? 34  GLU A O   1 
ATOM   264  C  CB  . GLU A 1 34  ? 3.065   -0.457  13.189  1.00 55.20  ? 34  GLU A CB  1 
ATOM   265  C  CG  . GLU A 1 34  ? 1.642   -0.296  13.654  1.00 63.28  ? 34  GLU A CG  1 
ATOM   266  C  CD  . GLU A 1 34  ? 1.360   1.108   14.141  1.00 70.34  ? 34  GLU A CD  1 
ATOM   267  O  OE1 . GLU A 1 34  ? 0.188   1.426   14.428  1.00 74.73  ? 34  GLU A OE1 1 
ATOM   268  O  OE2 . GLU A 1 34  ? 2.315   1.898   14.235  1.00 68.95  ? 34  GLU A OE2 1 
ATOM   269  N  N   . GLY A 1 35  ? 4.397   -3.598  12.938  1.00 66.52  ? 35  GLY A N   1 
ATOM   270  C  CA  . GLY A 1 35  ? 4.484   -4.884  13.595  1.00 66.66  ? 35  GLY A CA  1 
ATOM   271  C  C   . GLY A 1 35  ? 4.907   -5.958  12.620  1.00 67.94  ? 35  GLY A C   1 
ATOM   272  O  O   . GLY A 1 35  ? 5.612   -6.904  12.975  1.00 72.31  ? 35  GLY A O   1 
ATOM   273  N  N   . LEU A 1 36  ? 4.490   -5.824  11.373  1.00 69.83  ? 36  LEU A N   1 
ATOM   274  C  CA  . LEU A 1 36  ? 4.876   -6.820  10.386  1.00 67.85  ? 36  LEU A CA  1 
ATOM   275  C  C   . LEU A 1 36  ? 5.658   -6.191  9.236   1.00 61.10  ? 36  LEU A C   1 
ATOM   276  O  O   . LEU A 1 36  ? 5.526   -4.997  8.938   1.00 51.38  ? 36  LEU A O   1 
ATOM   277  C  CB  . LEU A 1 36  ? 3.634   -7.587  9.904   1.00 64.63  ? 36  LEU A CB  1 
ATOM   278  C  CG  . LEU A 1 36  ? 2.351   -6.763  9.837   1.00 58.61  ? 36  LEU A CG  1 
ATOM   279  C  CD1 . LEU A 1 36  ? 2.429   -5.857  8.620   1.00 61.80  ? 36  LEU A CD1 1 
ATOM   280  C  CD2 . LEU A 1 36  ? 1.154   -7.680  9.774   1.00 46.60  ? 36  LEU A CD2 1 
ATOM   281  N  N   . HIS A 1 37  ? 6.481   -7.019  8.606   1.00 52.69  ? 37  HIS A N   1 
ATOM   282  C  CA  . HIS A 1 37  ? 7.359   -6.594  7.520   1.00 48.95  ? 37  HIS A CA  1 
ATOM   283  C  C   . HIS A 1 37  ? 7.283   -7.523  6.316   1.00 44.94  ? 37  HIS A C   1 
ATOM   284  O  O   . HIS A 1 37  ? 6.623   -8.559  6.341   1.00 30.53  ? 37  HIS A O   1 
ATOM   285  C  CB  . HIS A 1 37  ? 8.808   -6.600  8.027   1.00 53.83  ? 37  HIS A CB  1 
ATOM   286  C  CG  . HIS A 1 37  ? 9.234   -7.935  8.564   1.00 56.05  ? 37  HIS A CG  1 
ATOM   287  N  ND1 . HIS A 1 37  ? 9.566   -8.997  7.744   1.00 56.90  ? 37  HIS A ND1 1 
ATOM   288  C  CD2 . HIS A 1 37  ? 9.262   -8.419  9.828   1.00 48.47  ? 37  HIS A CD2 1 
ATOM   289  C  CE1 . HIS A 1 37  ? 9.773   -10.074 8.479   1.00 48.92  ? 37  HIS A CE1 1 
ATOM   290  N  NE2 . HIS A 1 37  ? 9.594   -9.751  9.746   1.00 60.23  ? 37  HIS A NE2 1 
ATOM   291  N  N   . VAL A 1 38  ? 8.010   -7.155  5.272   1.00 46.06  ? 38  VAL A N   1 
ATOM   292  C  CA  . VAL A 1 38  ? 8.049   -7.979  4.081   1.00 50.35  ? 38  VAL A CA  1 
ATOM   293  C  C   . VAL A 1 38  ? 9.472   -8.511  3.844   1.00 50.29  ? 38  VAL A C   1 
ATOM   294  O  O   . VAL A 1 38  ? 10.449  -7.753  3.827   1.00 46.08  ? 38  VAL A O   1 
ATOM   295  C  CB  . VAL A 1 38  ? 7.494   -7.203  2.825   1.00 53.38  ? 38  VAL A CB  1 
ATOM   296  C  CG1 . VAL A 1 38  ? 7.976   -5.756  2.827   1.00 50.33  ? 38  VAL A CG1 1 
ATOM   297  C  CG2 . VAL A 1 38  ? 7.908   -7.926  1.534   1.00 48.17  ? 38  VAL A CG2 1 
ATOM   298  N  N   . PRO A 1 39  ? 9.605   -9.841  3.721   1.00 52.36  ? 39  PRO A N   1 
ATOM   299  C  CA  . PRO A 1 39  ? 10.924  -10.435 3.490   1.00 49.88  ? 39  PRO A CA  1 
ATOM   300  C  C   . PRO A 1 39  ? 11.423  -10.209 2.067   1.00 49.54  ? 39  PRO A C   1 
ATOM   301  O  O   . PRO A 1 39  ? 10.693  -10.455 1.111   1.00 49.94  ? 39  PRO A O   1 
ATOM   302  C  CB  . PRO A 1 39  ? 10.698  -11.912 3.830   1.00 55.92  ? 39  PRO A CB  1 
ATOM   303  C  CG  . PRO A 1 39  ? 9.216   -12.119 3.594   1.00 44.22  ? 39  PRO A CG  1 
ATOM   304  C  CD  . PRO A 1 39  ? 8.627   -10.865 4.142   1.00 45.82  ? 39  PRO A CD  1 
ATOM   305  N  N   . ALA A 1 40  ? 12.662  -9.728  1.933   1.00 54.00  ? 40  ALA A N   1 
ATOM   306  C  CA  . ALA A 1 40  ? 13.259  -9.460  0.618   1.00 63.50  ? 40  ALA A CA  1 
ATOM   307  C  C   . ALA A 1 40  ? 13.279  -10.740 -0.210  1.00 62.41  ? 40  ALA A C   1 
ATOM   308  O  O   . ALA A 1 40  ? 13.320  -10.735 -1.444  1.00 61.21  ? 40  ALA A O   1 
ATOM   309  C  CB  . ALA A 1 40  ? 14.674  -8.916  0.786   1.00 57.52  ? 40  ALA A CB  1 
ATOM   310  N  N   . ASP A 1 41  ? 13.243  -11.845 0.508   1.00 67.13  ? 41  ASP A N   1 
ATOM   311  C  CA  . ASP A 1 41  ? 13.239  -13.156 -0.090  1.00 68.16  ? 41  ASP A CA  1 
ATOM   312  C  C   . ASP A 1 41  ? 12.079  -13.289 -1.085  1.00 71.92  ? 41  ASP A C   1 
ATOM   313  O  O   . ASP A 1 41  ? 12.279  -13.694 -2.236  1.00 71.64  ? 41  ASP A O   1 
ATOM   314  C  CB  . ASP A 1 41  ? 13.085  -14.184 1.028   1.00 65.31  ? 41  ASP A CB  1 
ATOM   315  C  CG  . ASP A 1 41  ? 13.588  -15.531 0.642   1.00 72.04  ? 41  ASP A CG  1 
ATOM   316  O  OD1 . ASP A 1 41  ? 13.357  -16.493 1.410   1.00 71.68  ? 41  ASP A OD1 1 
ATOM   317  O  OD2 . ASP A 1 41  ? 14.229  -15.613 -0.430  1.00 77.32  ? 41  ASP A OD2 1 
ATOM   318  N  N   . GLN A 1 42  ? 10.874  -12.930 -0.633  1.00 69.16  ? 42  GLN A N   1 
ATOM   319  C  CA  . GLN A 1 42  ? 9.669   -13.064 -1.455  1.00 72.09  ? 42  GLN A CA  1 
ATOM   320  C  C   . GLN A 1 42  ? 8.738   -11.842 -1.610  1.00 61.63  ? 42  GLN A C   1 
ATOM   321  O  O   . GLN A 1 42  ? 7.917   -11.563 -0.744  1.00 63.33  ? 42  GLN A O   1 
ATOM   322  C  CB  . GLN A 1 42  ? 8.845   -14.264 -0.941  1.00 77.22  ? 42  GLN A CB  1 
ATOM   323  C  CG  . GLN A 1 42  ? 9.582   -15.617 -0.974  1.00 89.83  ? 42  GLN A CG  1 
ATOM   324  C  CD  . GLN A 1 42  ? 9.907   -16.106 -2.394  1.00 97.28  ? 42  GLN A CD  1 
ATOM   325  O  OE1 . GLN A 1 42  ? 9.012   -16.519 -3.145  1.00 98.21  ? 42  GLN A OE1 1 
ATOM   326  N  NE2 . GLN A 1 42  ? 11.193  -16.054 -2.765  1.00 90.73  ? 42  GLN A NE2 1 
ATOM   327  N  N   . HIS A 1 43  ? 8.859   -11.128 -2.723  1.00 52.51  ? 43  HIS A N   1 
ATOM   328  C  CA  . HIS A 1 43  ? 8.005   -9.977  -2.984  1.00 52.21  ? 43  HIS A CA  1 
ATOM   329  C  C   . HIS A 1 43  ? 8.343   -9.347  -4.337  1.00 57.54  ? 43  HIS A C   1 
ATOM   330  O  O   . HIS A 1 43  ? 9.402   -9.602  -4.921  1.00 59.51  ? 43  HIS A O   1 
ATOM   331  C  CB  . HIS A 1 43  ? 8.153   -8.899  -1.896  1.00 54.33  ? 43  HIS A CB  1 
ATOM   332  C  CG  . HIS A 1 43  ? 9.236   -7.898  -2.182  1.00 64.45  ? 43  HIS A CG  1 
ATOM   333  N  ND1 . HIS A 1 43  ? 10.554  -8.091  -1.824  1.00 65.90  ? 43  HIS A ND1 1 
ATOM   334  C  CD2 . HIS A 1 43  ? 9.199   -6.719  -2.850  1.00 52.18  ? 43  HIS A CD2 1 
ATOM   335  C  CE1 . HIS A 1 43  ? 11.282  -7.076  -2.258  1.00 57.26  ? 43  HIS A CE1 1 
ATOM   336  N  NE2 . HIS A 1 43  ? 10.483  -6.231  -2.883  1.00 53.53  ? 43  HIS A NE2 1 
ATOM   337  N  N   . ASP A 1 44  ? 7.435   -8.512  -4.822  1.00 61.21  ? 44  ASP A N   1 
ATOM   338  C  CA  . ASP A 1 44  ? 7.622   -7.786  -6.071  1.00 62.60  ? 44  ASP A CA  1 
ATOM   339  C  C   . ASP A 1 44  ? 6.856   -6.487  -5.870  1.00 58.62  ? 44  ASP A C   1 
ATOM   340  O  O   . ASP A 1 44  ? 6.029   -6.096  -6.695  1.00 50.84  ? 44  ASP A O   1 
ATOM   341  C  CB  . ASP A 1 44  ? 7.040   -8.565  -7.243  1.00 73.58  ? 44  ASP A CB  1 
ATOM   342  C  CG  . ASP A 1 44  ? 7.441   -7.975  -8.583  1.00 83.65  ? 44  ASP A CG  1 
ATOM   343  O  OD1 . ASP A 1 44  ? 6.962   -8.477  -9.626  1.00 92.71  ? 44  ASP A OD1 1 
ATOM   344  O  OD2 . ASP A 1 44  ? 8.240   -7.010  -8.589  1.00 78.61  ? 44  ASP A OD2 1 
ATOM   345  N  N   . LEU A 1 45  ? 7.144   -5.837  -4.744  1.00 57.26  ? 45  LEU A N   1 
ATOM   346  C  CA  . LEU A 1 45  ? 6.484   -4.604  -4.354  1.00 52.53  ? 45  LEU A CA  1 
ATOM   347  C  C   . LEU A 1 45  ? 7.046   -3.379  -5.052  1.00 49.23  ? 45  LEU A C   1 
ATOM   348  O  O   . LEU A 1 45  ? 8.077   -2.836  -4.656  1.00 53.17  ? 45  LEU A O   1 
ATOM   349  C  CB  . LEU A 1 45  ? 6.588   -4.419  -2.840  1.00 45.78  ? 45  LEU A CB  1 
ATOM   350  C  CG  . LEU A 1 45  ? 5.408   -3.815  -2.056  1.00 54.11  ? 45  LEU A CG  1 
ATOM   351  C  CD1 . LEU A 1 45  ? 5.986   -2.873  -1.009  1.00 46.11  ? 45  LEU A CD1 1 
ATOM   352  C  CD2 . LEU A 1 45  ? 4.429   -3.061  -2.959  1.00 47.00  ? 45  LEU A CD2 1 
ATOM   353  N  N   . ASP A 1 46  ? 6.342   -2.938  -6.086  1.00 46.52  ? 46  ASP A N   1 
ATOM   354  C  CA  . ASP A 1 46  ? 6.759   -1.774  -6.838  1.00 47.39  ? 46  ASP A CA  1 
ATOM   355  C  C   . ASP A 1 46  ? 5.673   -1.321  -7.811  1.00 47.98  ? 46  ASP A C   1 
ATOM   356  O  O   . ASP A 1 46  ? 5.306   -2.033  -8.747  1.00 43.43  ? 46  ASP A O   1 
ATOM   357  C  CB  . ASP A 1 46  ? 8.051   -2.085  -7.586  1.00 50.45  ? 46  ASP A CB  1 
ATOM   358  C  CG  . ASP A 1 46  ? 8.619   -0.874  -8.272  1.00 54.87  ? 46  ASP A CG  1 
ATOM   359  O  OD1 . ASP A 1 46  ? 8.043   -0.472  -9.310  1.00 57.24  ? 46  ASP A OD1 1 
ATOM   360  O  OD2 . ASP A 1 46  ? 9.622   -0.319  -7.763  1.00 46.82  ? 46  ASP A OD2 1 
ATOM   361  N  N   . PHE A 1 47  ? 5.176   -0.114  -7.585  1.00 52.76  ? 47  PHE A N   1 
ATOM   362  C  CA  . PHE A 1 47  ? 4.108   0.454   -8.406  1.00 58.69  ? 47  PHE A CA  1 
ATOM   363  C  C   . PHE A 1 47  ? 4.625   1.519   -9.359  1.00 62.17  ? 47  PHE A C   1 
ATOM   364  O  O   . PHE A 1 47  ? 3.930   2.496   -9.671  1.00 51.44  ? 47  PHE A O   1 
ATOM   365  C  CB  . PHE A 1 47  ? 3.067   1.068   -7.487  1.00 56.36  ? 47  PHE A CB  1 
ATOM   366  C  CG  . PHE A 1 47  ? 2.601   0.142   -6.407  1.00 54.41  ? 47  PHE A CG  1 
ATOM   367  C  CD1 . PHE A 1 47  ? 2.369   0.624   -5.122  1.00 39.75  ? 47  PHE A CD1 1 
ATOM   368  C  CD2 . PHE A 1 47  ? 2.354   -1.209  -6.682  1.00 44.58  ? 47  PHE A CD2 1 
ATOM   369  C  CE1 . PHE A 1 47  ? 1.895   -0.215  -4.133  1.00 41.29  ? 47  PHE A CE1 1 
ATOM   370  C  CE2 . PHE A 1 47  ? 1.879   -2.057  -5.695  1.00 40.44  ? 47  PHE A CE2 1 
ATOM   371  C  CZ  . PHE A 1 47  ? 1.647   -1.562  -4.416  1.00 35.07  ? 47  PHE A CZ  1 
ATOM   372  N  N   . THR A 1 48  ? 5.854   1.319   -9.814  1.00 64.47  ? 48  THR A N   1 
ATOM   373  C  CA  . THR A 1 48  ? 6.498   2.251   -10.712 1.00 64.61  ? 48  THR A CA  1 
ATOM   374  C  C   . THR A 1 48  ? 6.237   1.850   -12.169 1.00 68.35  ? 48  THR A C   1 
ATOM   375  O  O   . THR A 1 48  ? 6.341   2.676   -13.075 1.00 65.82  ? 48  THR A O   1 
ATOM   376  C  CB  . THR A 1 48  ? 8.019   2.305   -10.403 1.00 62.84  ? 48  THR A CB  1 
ATOM   377  O  OG1 . THR A 1 48  ? 8.500   3.634   -10.617 1.00 70.96  ? 48  THR A OG1 1 
ATOM   378  C  CG2 . THR A 1 48  ? 8.796   1.344   -11.287 1.00 56.41  ? 48  THR A CG2 1 
ATOM   379  N  N   . ARG A 1 49  ? 5.870   0.586   -12.383 1.00 72.08  ? 49  ARG A N   1 
ATOM   380  C  CA  . ARG A 1 49  ? 5.588   0.052   -13.726 1.00 69.77  ? 49  ARG A CA  1 
ATOM   381  C  C   . ARG A 1 49  ? 4.318   -0.810  -13.726 1.00 65.43  ? 49  ARG A C   1 
ATOM   382  O  O   . ARG A 1 49  ? 3.894   -1.310  -12.679 1.00 66.32  ? 49  ARG A O   1 
ATOM   383  C  CB  . ARG A 1 49  ? 6.783   -0.790  -14.213 1.00 70.51  ? 49  ARG A CB  1 
ATOM   384  C  CG  . ARG A 1 49  ? 7.349   -1.773  -13.151 1.00 88.16  ? 49  ARG A CG  1 
ATOM   385  C  CD  . ARG A 1 49  ? 6.305   -2.811  -12.695 1.00 91.24  ? 49  ARG A CD  1 
ATOM   386  N  NE  . ARG A 1 49  ? 6.608   -3.457  -11.412 1.00 85.74  ? 49  ARG A NE  1 
ATOM   387  C  CZ  . ARG A 1 49  ? 5.816   -4.364  -10.842 1.00 80.43  ? 49  ARG A CZ  1 
ATOM   388  N  NH1 . ARG A 1 49  ? 4.689   -4.721  -11.444 1.00 79.05  ? 49  ARG A NH1 1 
ATOM   389  N  NH2 . ARG A 1 49  ? 6.149   -4.917  -9.685  1.00 60.27  ? 49  ARG A NH2 1 
ATOM   390  N  N   . LEU A 1 50  ? 3.708   -1.001  -14.891 1.00 59.55  ? 50  LEU A N   1 
ATOM   391  C  CA  . LEU A 1 50  ? 2.505   -1.833  -14.946 1.00 59.00  ? 50  LEU A CA  1 
ATOM   392  C  C   . LEU A 1 50  ? 2.877   -3.300  -14.855 1.00 53.38  ? 50  LEU A C   1 
ATOM   393  O  O   . LEU A 1 50  ? 4.042   -3.664  -14.992 1.00 61.77  ? 50  LEU A O   1 
ATOM   394  C  CB  . LEU A 1 50  ? 1.728   -1.592  -16.238 1.00 53.53  ? 50  LEU A CB  1 
ATOM   395  C  CG  . LEU A 1 50  ? 1.313   -0.135  -16.400 1.00 58.69  ? 50  LEU A CG  1 
ATOM   396  C  CD1 . LEU A 1 50  ? 2.446   0.619   -17.092 1.00 54.59  ? 50  LEU A CD1 1 
ATOM   397  C  CD2 . LEU A 1 50  ? 0.031   -0.039  -17.178 1.00 42.92  ? 50  LEU A CD2 1 
ATOM   398  N  N   . GLY A 1 51  ? 1.889   -4.145  -14.613 1.00 47.68  ? 51  GLY A N   1 
ATOM   399  C  CA  . GLY A 1 51  ? 2.171   -5.559  -14.530 1.00 44.77  ? 51  GLY A CA  1 
ATOM   400  C  C   . GLY A 1 51  ? 1.901   -6.141  -13.166 1.00 49.83  ? 51  GLY A C   1 
ATOM   401  O  O   . GLY A 1 51  ? 1.441   -5.441  -12.260 1.00 50.51  ? 51  GLY A O   1 
ATOM   402  N  N   . PRO A 1 52  ? 2.180   -7.441  -12.990 1.00 52.75  ? 52  PRO A N   1 
ATOM   403  C  CA  . PRO A 1 52  ? 1.958   -8.108  -11.706 1.00 52.96  ? 52  PRO A CA  1 
ATOM   404  C  C   . PRO A 1 52  ? 2.837   -7.624  -10.559 1.00 47.42  ? 52  PRO A C   1 
ATOM   405  O  O   . PRO A 1 52  ? 4.040   -7.425  -10.719 1.00 49.74  ? 52  PRO A O   1 
ATOM   406  C  CB  . PRO A 1 52  ? 2.212   -9.578  -12.034 1.00 45.19  ? 52  PRO A CB  1 
ATOM   407  C  CG  . PRO A 1 52  ? 3.218   -9.499  -13.133 1.00 45.14  ? 52  PRO A CG  1 
ATOM   408  C  CD  . PRO A 1 52  ? 2.648   -8.407  -14.001 1.00 42.87  ? 52  PRO A CD  1 
ATOM   409  N  N   . TRP A 1 53  ? 2.205   -7.422  -9.409  1.00 51.22  ? 53  TRP A N   1 
ATOM   410  C  CA  . TRP A 1 53  ? 2.886   -7.017  -8.188  1.00 48.56  ? 53  TRP A CA  1 
ATOM   411  C  C   . TRP A 1 53  ? 2.342   -7.942  -7.102  1.00 54.36  ? 53  TRP A C   1 
ATOM   412  O  O   . TRP A 1 53  ? 1.178   -8.352  -7.158  1.00 54.16  ? 53  TRP A O   1 
ATOM   413  C  CB  . TRP A 1 53  ? 2.573   -5.558  -7.810  1.00 45.22  ? 53  TRP A CB  1 
ATOM   414  C  CG  . TRP A 1 53  ? 1.219   -5.359  -7.173  1.00 39.53  ? 53  TRP A CG  1 
ATOM   415  C  CD1 . TRP A 1 53  ? 0.054   -5.044  -7.807  1.00 32.59  ? 53  TRP A CD1 1 
ATOM   416  C  CD2 . TRP A 1 53  ? 0.880   -5.556  -5.788  1.00 44.17  ? 53  TRP A CD2 1 
ATOM   417  N  NE1 . TRP A 1 53  ? -0.986  -5.041  -6.913  1.00 27.40  ? 53  TRP A NE1 1 
ATOM   418  C  CE2 . TRP A 1 53  ? -0.514  -5.353  -5.669  1.00 36.17  ? 53  TRP A CE2 1 
ATOM   419  C  CE3 . TRP A 1 53  ? 1.618   -5.889  -4.639  1.00 49.76  ? 53  TRP A CE3 1 
ATOM   420  C  CZ2 . TRP A 1 53  ? -1.192  -5.476  -4.442  1.00 39.48  ? 53  TRP A CZ2 1 
ATOM   421  C  CZ3 . TRP A 1 53  ? 0.939   -6.012  -3.412  1.00 42.18  ? 53  TRP A CZ3 1 
ATOM   422  C  CH2 . TRP A 1 53  ? -0.450  -5.805  -3.331  1.00 44.84  ? 53  TRP A CH2 1 
ATOM   423  N  N   . PHE A 1 54  ? 3.176   -8.271  -6.119  1.00 56.85  ? 54  PHE A N   1 
ATOM   424  C  CA  . PHE A 1 54  ? 2.754   -9.125  -5.006  1.00 56.72  ? 54  PHE A CA  1 
ATOM   425  C  C   . PHE A 1 54  ? 3.679   -8.860  -3.825  1.00 56.41  ? 54  PHE A C   1 
ATOM   426  O  O   . PHE A 1 54  ? 4.735   -8.250  -3.997  1.00 54.40  ? 54  PHE A O   1 
ATOM   427  C  CB  . PHE A 1 54  ? 2.817   -10.598 -5.403  1.00 50.41  ? 54  PHE A CB  1 
ATOM   428  C  CG  . PHE A 1 54  ? 4.154   -11.222 -5.185  1.00 59.61  ? 54  PHE A CG  1 
ATOM   429  C  CD1 . PHE A 1 54  ? 4.411   -11.962 -4.031  1.00 58.88  ? 54  PHE A CD1 1 
ATOM   430  C  CD2 . PHE A 1 54  ? 5.172   -11.039 -6.112  1.00 55.35  ? 54  PHE A CD2 1 
ATOM   431  C  CE1 . PHE A 1 54  ? 5.672   -12.519 -3.804  1.00 64.34  ? 54  PHE A CE1 1 
ATOM   432  C  CE2 . PHE A 1 54  ? 6.433   -11.588 -5.900  1.00 62.56  ? 54  PHE A CE2 1 
ATOM   433  C  CZ  . PHE A 1 54  ? 6.689   -12.331 -4.739  1.00 64.46  ? 54  PHE A CZ  1 
ATOM   434  N  N   . SER A 1 55  ? 3.286   -9.312  -2.633  1.00 52.02  ? 55  SER A N   1 
ATOM   435  C  CA  . SER A 1 55  ? 4.098   -9.093  -1.430  1.00 54.06  ? 55  SER A CA  1 
ATOM   436  C  C   . SER A 1 55  ? 3.581   -9.811  -0.195  1.00 50.95  ? 55  SER A C   1 
ATOM   437  O  O   . SER A 1 55  ? 2.433   -9.624  0.189   1.00 50.73  ? 55  SER A O   1 
ATOM   438  C  CB  . SER A 1 55  ? 4.143   -7.610  -1.092  1.00 50.72  ? 55  SER A CB  1 
ATOM   439  O  OG  . SER A 1 55  ? 3.001   -7.258  -0.329  1.00 40.36  ? 55  SER A OG  1 
ATOM   440  N  N   . VAL A 1 56  ? 4.429   -10.617 0.437   1.00 54.69  ? 56  VAL A N   1 
ATOM   441  C  CA  . VAL A 1 56  ? 4.012   -11.310 1.651   1.00 62.71  ? 56  VAL A CA  1 
ATOM   442  C  C   . VAL A 1 56  ? 4.426   -10.503 2.874   1.00 60.04  ? 56  VAL A C   1 
ATOM   443  O  O   . VAL A 1 56  ? 5.396   -9.753  2.841   1.00 63.15  ? 56  VAL A O   1 
ATOM   444  C  CB  . VAL A 1 56  ? 4.611   -12.742 1.764   1.00 57.14  ? 56  VAL A CB  1 
ATOM   445  C  CG1 . VAL A 1 56  ? 4.251   -13.546 0.537   1.00 61.09  ? 56  VAL A CG1 1 
ATOM   446  C  CG2 . VAL A 1 56  ? 6.102   -12.691 1.952   1.00 61.57  ? 56  VAL A CG2 1 
HETATM 447  N  N   . MSE A 1 57  ? 3.677   -10.643 3.953   1.00 61.00  ? 57  MSE A N   1 
HETATM 448  C  CA  . MSE A 1 57  ? 4.005   -9.917  5.152   1.00 60.55  ? 57  MSE A CA  1 
HETATM 449  C  C   . MSE A 1 57  ? 4.131   -10.892 6.303   1.00 59.26  ? 57  MSE A C   1 
HETATM 450  O  O   . MSE A 1 57  ? 3.358   -11.839 6.430   1.00 59.96  ? 57  MSE A O   1 
HETATM 451  C  CB  . MSE A 1 57  ? 2.932   -8.874  5.425   1.00 61.44  ? 57  MSE A CB  1 
HETATM 452  C  CG  . MSE A 1 57  ? 2.640   -8.010  4.201   1.00 73.34  ? 57  MSE A CG  1 
HETATM 453  SE SE  . MSE A 1 57  ? 1.047   -6.926  4.456   1.00 85.38  ? 57  MSE A SE  1 
HETATM 454  C  CE  . MSE A 1 57  ? 0.039   -8.243  5.471   1.00 79.61  ? 57  MSE A CE  1 
ATOM   455  N  N   . VAL A 1 58  ? 5.138   -10.662 7.128   1.00 57.53  ? 58  VAL A N   1 
ATOM   456  C  CA  . VAL A 1 58  ? 5.384   -11.509 8.270   1.00 54.90  ? 58  VAL A CA  1 
ATOM   457  C  C   . VAL A 1 58  ? 5.359   -10.614 9.508   1.00 60.73  ? 58  VAL A C   1 
ATOM   458  O  O   . VAL A 1 58  ? 5.954   -9.529  9.518   1.00 55.03  ? 58  VAL A O   1 
ATOM   459  C  CB  . VAL A 1 58  ? 6.759   -12.190 8.140   1.00 56.22  ? 58  VAL A CB  1 
ATOM   460  C  CG1 . VAL A 1 58  ? 6.827   -13.404 9.040   1.00 62.87  ? 58  VAL A CG1 1 
ATOM   461  C  CG2 . VAL A 1 58  ? 7.017   -12.579 6.692   1.00 57.59  ? 58  VAL A CG2 1 
ATOM   462  N  N   . ASN A 1 59  ? 4.646   -11.058 10.540  1.00 66.01  ? 59  ASN A N   1 
ATOM   463  C  CA  . ASN A 1 59  ? 4.559   -10.305 11.785  1.00 71.92  ? 59  ASN A CA  1 
ATOM   464  C  C   . ASN A 1 59  ? 5.557   -10.817 12.809  1.00 72.85  ? 59  ASN A C   1 
ATOM   465  O  O   . ASN A 1 59  ? 6.349   -11.721 12.527  1.00 63.09  ? 59  ASN A O   1 
ATOM   466  C  CB  . ASN A 1 59  ? 3.146   -10.366 12.385  1.00 76.46  ? 59  ASN A CB  1 
ATOM   467  C  CG  . ASN A 1 59  ? 2.637   -11.792 12.576  1.00 81.98  ? 59  ASN A CG  1 
ATOM   468  O  OD1 . ASN A 1 59  ? 3.386   -12.696 12.966  1.00 70.70  ? 59  ASN A OD1 1 
ATOM   469  N  ND2 . ASN A 1 59  ? 1.342   -11.992 12.320  1.00 83.31  ? 59  ASN A ND2 1 
ATOM   470  N  N   . GLY A 1 60  ? 5.502   -10.228 14.001  1.00 76.80  ? 60  GLY A N   1 
ATOM   471  C  CA  . GLY A 1 60  ? 6.404   -10.596 15.076  1.00 81.86  ? 60  GLY A CA  1 
ATOM   472  C  C   . GLY A 1 60  ? 6.245   -12.001 15.614  1.00 88.41  ? 60  GLY A C   1 
ATOM   473  O  O   . GLY A 1 60  ? 6.989   -12.402 16.515  1.00 89.75  ? 60  GLY A O   1 
ATOM   474  N  N   . GLU A 1 61  ? 5.282   -12.750 15.076  1.00 90.04  ? 61  GLU A N   1 
ATOM   475  C  CA  . GLU A 1 61  ? 5.051   -14.120 15.523  1.00 86.94  ? 61  GLU A CA  1 
ATOM   476  C  C   . GLU A 1 61  ? 5.249   -15.135 14.405  1.00 82.96  ? 61  GLU A C   1 
ATOM   477  O  O   . GLU A 1 61  ? 4.933   -16.315 14.567  1.00 82.82  ? 61  GLU A O   1 
ATOM   478  C  CB  . GLU A 1 61  ? 3.650   -14.269 16.114  1.00 90.41  ? 61  GLU A CB  1 
ATOM   479  C  CG  . GLU A 1 61  ? 3.537   -15.404 17.133  1.00 107.09 ? 61  GLU A CG  1 
ATOM   480  C  CD  . GLU A 1 61  ? 4.563   -15.294 18.266  1.00 111.37 ? 61  GLU A CD  1 
ATOM   481  O  OE1 . GLU A 1 61  ? 5.727   -15.725 18.072  1.00 109.57 ? 61  GLU A OE1 1 
ATOM   482  O  OE2 . GLU A 1 61  ? 4.206   -14.766 19.346  1.00 104.50 ? 61  GLU A OE2 1 
ATOM   483  N  N   . GLY A 1 62  ? 5.772   -14.671 13.273  1.00 81.86  ? 62  GLY A N   1 
ATOM   484  C  CA  . GLY A 1 62  ? 6.033   -15.558 12.151  1.00 81.93  ? 62  GLY A CA  1 
ATOM   485  C  C   . GLY A 1 62  ? 4.877   -15.795 11.200  1.00 78.26  ? 62  GLY A C   1 
ATOM   486  O  O   . GLY A 1 62  ? 5.021   -16.530 10.220  1.00 77.75  ? 62  GLY A O   1 
ATOM   487  N  N   . GLN A 1 63  ? 3.735   -15.175 11.486  1.00 77.83  ? 63  GLN A N   1 
ATOM   488  C  CA  . GLN A 1 63  ? 2.546   -15.318 10.646  1.00 84.17  ? 63  GLN A CA  1 
ATOM   489  C  C   . GLN A 1 63  ? 2.778   -14.673 9.275   1.00 81.47  ? 63  GLN A C   1 
ATOM   490  O  O   . GLN A 1 63  ? 3.190   -13.515 9.182   1.00 80.09  ? 63  GLN A O   1 
ATOM   491  C  CB  . GLN A 1 63  ? 1.324   -14.675 11.325  1.00 88.63  ? 63  GLN A CB  1 
ATOM   492  C  CG  . GLN A 1 63  ? 0.927   -15.275 12.682  1.00 97.16  ? 63  GLN A CG  1 
ATOM   493  C  CD  . GLN A 1 63  ? 0.532   -16.749 12.599  1.00 102.05 ? 63  GLN A CD  1 
ATOM   494  O  OE1 . GLN A 1 63  ? -0.368  -17.125 11.842  1.00 98.05  ? 63  GLN A OE1 1 
ATOM   495  N  NE2 . GLN A 1 63  ? 1.200   -17.587 13.389  1.00 103.14 ? 63  GLN A NE2 1 
ATOM   496  N  N   . ARG A 1 64  ? 2.514   -15.432 8.215   1.00 77.67  ? 64  ARG A N   1 
ATOM   497  C  CA  . ARG A 1 64  ? 2.700   -14.944 6.852   1.00 73.65  ? 64  ARG A CA  1 
ATOM   498  C  C   . ARG A 1 64  ? 1.354   -14.550 6.215   1.00 73.42  ? 64  ARG A C   1 
ATOM   499  O  O   . ARG A 1 64  ? 0.319   -15.142 6.515   1.00 81.15  ? 64  ARG A O   1 
ATOM   500  C  CB  . ARG A 1 64  ? 3.391   -16.023 5.999   1.00 63.80  ? 64  ARG A CB  1 
ATOM   501  C  CG  . ARG A 1 64  ? 4.661   -16.629 6.620   1.00 66.50  ? 64  ARG A CG  1 
ATOM   502  C  CD  . ARG A 1 64  ? 5.869   -16.574 5.663   1.00 82.28  ? 64  ARG A CD  1 
ATOM   503  N  NE  . ARG A 1 64  ? 5.530   -17.031 4.307   1.00 93.82  ? 64  ARG A NE  1 
ATOM   504  C  CZ  . ARG A 1 64  ? 6.323   -16.920 3.237   1.00 90.84  ? 64  ARG A CZ  1 
ATOM   505  N  NH1 . ARG A 1 64  ? 5.905   -17.367 2.057   1.00 76.89  ? 64  ARG A NH1 1 
ATOM   506  N  NH2 . ARG A 1 64  ? 7.528   -16.363 3.340   1.00 85.43  ? 64  ARG A NH2 1 
ATOM   507  N  N   . TYR A 1 65  ? 1.369   -13.534 5.359   1.00 66.78  ? 65  TYR A N   1 
ATOM   508  C  CA  . TYR A 1 65  ? 0.165   -13.075 4.668   1.00 55.58  ? 65  TYR A CA  1 
ATOM   509  C  C   . TYR A 1 65  ? 0.607   -12.608 3.293   1.00 56.37  ? 65  TYR A C   1 
ATOM   510  O  O   . TYR A 1 65  ? 1.458   -11.735 3.174   1.00 64.48  ? 65  TYR A O   1 
ATOM   511  C  CB  . TYR A 1 65  ? -0.485  -11.894 5.390   1.00 62.72  ? 65  TYR A CB  1 
ATOM   512  C  CG  . TYR A 1 65  ? -0.927  -12.174 6.795   1.00 71.10  ? 65  TYR A CG  1 
ATOM   513  C  CD1 . TYR A 1 65  ? -0.008  -12.208 7.842   1.00 72.84  ? 65  TYR A CD1 1 
ATOM   514  C  CD2 . TYR A 1 65  ? -2.266  -12.426 7.079   1.00 72.82  ? 65  TYR A CD2 1 
ATOM   515  C  CE1 . TYR A 1 65  ? -0.411  -12.490 9.141   1.00 84.00  ? 65  TYR A CE1 1 
ATOM   516  C  CE2 . TYR A 1 65  ? -2.683  -12.712 8.368   1.00 82.51  ? 65  TYR A CE2 1 
ATOM   517  C  CZ  . TYR A 1 65  ? -1.755  -12.746 9.399   1.00 85.60  ? 65  TYR A CZ  1 
ATOM   518  O  OH  . TYR A 1 65  ? -2.172  -13.049 10.681  1.00 92.35  ? 65  TYR A OH  1 
ATOM   519  N  N   . LYS A 1 66  ? 0.030   -13.169 2.246   1.00 56.33  ? 66  LYS A N   1 
ATOM   520  C  CA  . LYS A 1 66  ? 0.428   -12.771 0.907   1.00 53.84  ? 66  LYS A CA  1 
ATOM   521  C  C   . LYS A 1 66  ? -0.687  -12.035 0.171   1.00 51.99  ? 66  LYS A C   1 
ATOM   522  O  O   . LYS A 1 66  ? -1.839  -12.458 0.175   1.00 57.29  ? 66  LYS A O   1 
ATOM   523  C  CB  . LYS A 1 66  ? 0.851   -14.021 0.137   1.00 51.09  ? 66  LYS A CB  1 
ATOM   524  C  CG  . LYS A 1 66  ? 1.156   -13.812 -1.322  1.00 58.22  ? 66  LYS A CG  1 
ATOM   525  C  CD  . LYS A 1 66  ? 1.487   -15.138 -1.989  1.00 64.28  ? 66  LYS A CD  1 
ATOM   526  C  CE  . LYS A 1 66  ? 1.801   -14.938 -3.463  1.00 68.79  ? 66  LYS A CE  1 
ATOM   527  N  NZ  . LYS A 1 66  ? 2.001   -16.221 -4.196  1.00 77.41  ? 66  LYS A NZ  1 
ATOM   528  N  N   . VAL A 1 67  ? -0.354  -10.919 -0.453  1.00 46.12  ? 67  VAL A N   1 
ATOM   529  C  CA  . VAL A 1 67  ? -1.370  -10.206 -1.194  1.00 48.97  ? 67  VAL A CA  1 
ATOM   530  C  C   . VAL A 1 67  ? -0.811  -9.919  -2.597  1.00 46.85  ? 67  VAL A C   1 
ATOM   531  O  O   . VAL A 1 67  ? 0.345   -9.524  -2.753  1.00 44.97  ? 67  VAL A O   1 
ATOM   532  C  CB  . VAL A 1 67  ? -1.825  -8.910  -0.425  1.00 50.14  ? 67  VAL A CB  1 
ATOM   533  C  CG1 . VAL A 1 67  ? -0.657  -7.950  -0.239  1.00 44.22  ? 67  VAL A CG1 1 
ATOM   534  C  CG2 . VAL A 1 67  ? -2.988  -8.234  -1.160  1.00 40.95  ? 67  VAL A CG2 1 
ATOM   535  N  N   . SER A 1 68  ? -1.635  -10.189 -3.610  1.00 49.87  ? 68  SER A N   1 
ATOM   536  C  CA  . SER A 1 68  ? -1.291  -10.004 -5.019  1.00 45.44  ? 68  SER A CA  1 
ATOM   537  C  C   . SER A 1 68  ? -2.130  -8.931  -5.657  1.00 47.54  ? 68  SER A C   1 
ATOM   538  O  O   . SER A 1 68  ? -3.127  -8.472  -5.092  1.00 52.40  ? 68  SER A O   1 
ATOM   539  C  CB  . SER A 1 68  ? -1.567  -11.267 -5.837  1.00 47.91  ? 68  SER A CB  1 
ATOM   540  O  OG  . SER A 1 68  ? -0.724  -12.337 -5.499  1.00 69.73  ? 68  SER A OG  1 
ATOM   541  N  N   . GLY A 1 69  ? -1.748  -8.589  -6.881  1.00 48.19  ? 69  GLY A N   1 
ATOM   542  C  CA  . GLY A 1 69  ? -2.481  -7.596  -7.637  1.00 46.07  ? 69  GLY A CA  1 
ATOM   543  C  C   . GLY A 1 69  ? -1.854  -7.305  -8.982  1.00 44.54  ? 69  GLY A C   1 
ATOM   544  O  O   . GLY A 1 69  ? -0.919  -7.976  -9.425  1.00 35.88  ? 69  GLY A O   1 
ATOM   545  N  N   . GLN A 1 70  ? -2.389  -6.281  -9.627  1.00 45.45  ? 70  GLN A N   1 
ATOM   546  C  CA  . GLN A 1 70  ? -1.920  -5.836  -10.930 1.00 52.81  ? 70  GLN A CA  1 
ATOM   547  C  C   . GLN A 1 70  ? -1.847  -4.326  -10.877 1.00 52.63  ? 70  GLN A C   1 
ATOM   548  O  O   . GLN A 1 70  ? -2.795  -3.688  -10.430 1.00 59.84  ? 70  GLN A O   1 
ATOM   549  C  CB  . GLN A 1 70  ? -2.915  -6.237  -12.019 1.00 50.57  ? 70  GLN A CB  1 
ATOM   550  C  CG  . GLN A 1 70  ? -2.858  -7.691  -12.442 1.00 62.82  ? 70  GLN A CG  1 
ATOM   551  C  CD  . GLN A 1 70  ? -1.559  -8.028  -13.150 1.00 65.11  ? 70  GLN A CD  1 
ATOM   552  O  OE1 . GLN A 1 70  ? -1.156  -7.336  -14.089 1.00 65.64  ? 70  GLN A OE1 1 
ATOM   553  N  NE2 . GLN A 1 70  ? -0.901  -9.098  -12.708 1.00 65.96  ? 70  GLN A NE2 1 
ATOM   554  N  N   . VAL A 1 71  ? -0.733  -3.739  -11.296 1.00 48.96  ? 71  VAL A N   1 
ATOM   555  C  CA  . VAL A 1 71  ? -0.665  -2.283  -11.293 1.00 48.11  ? 71  VAL A CA  1 
ATOM   556  C  C   . VAL A 1 71  ? -1.458  -1.901  -12.531 1.00 47.50  ? 71  VAL A C   1 
ATOM   557  O  O   . VAL A 1 71  ? -1.098  -2.288  -13.650 1.00 43.16  ? 71  VAL A O   1 
ATOM   558  C  CB  . VAL A 1 71  ? 0.770   -1.755  -11.433 1.00 49.14  ? 71  VAL A CB  1 
ATOM   559  C  CG1 . VAL A 1 71  ? 0.792   -0.263  -11.168 1.00 31.20  ? 71  VAL A CG1 1 
ATOM   560  C  CG2 . VAL A 1 71  ? 1.688   -2.483  -10.477 1.00 46.06  ? 71  VAL A CG2 1 
ATOM   561  N  N   . THR A 1 72  ? -2.540  -1.152  -12.328 1.00 45.87  ? 72  THR A N   1 
ATOM   562  C  CA  . THR A 1 72  ? -3.402  -0.767  -13.436 1.00 47.28  ? 72  THR A CA  1 
ATOM   563  C  C   . THR A 1 72  ? -3.021  0.532   -14.140 1.00 50.46  ? 72  THR A C   1 
ATOM   564  O  O   . THR A 1 72  ? -3.288  0.690   -15.328 1.00 57.98  ? 72  THR A O   1 
ATOM   565  C  CB  . THR A 1 72  ? -4.894  -0.722  -12.998 1.00 52.56  ? 72  THR A CB  1 
ATOM   566  O  OG1 . THR A 1 72  ? -5.142  0.414   -12.155 1.00 57.87  ? 72  THR A OG1 1 
ATOM   567  C  CG2 . THR A 1 72  ? -5.251  -2.006  -12.242 1.00 44.42  ? 72  THR A CG2 1 
ATOM   568  N  N   . HIS A 1 73  ? -2.395  1.459   -13.429 1.00 54.20  ? 73  HIS A N   1 
ATOM   569  C  CA  . HIS A 1 73  ? -1.974  2.702   -14.053 1.00 50.42  ? 73  HIS A CA  1 
ATOM   570  C  C   . HIS A 1 73  ? -0.901  3.372   -13.227 1.00 45.96  ? 73  HIS A C   1 
ATOM   571  O  O   . HIS A 1 73  ? -0.938  3.358   -11.995 1.00 38.27  ? 73  HIS A O   1 
ATOM   572  C  CB  . HIS A 1 73  ? -3.168  3.654   -14.262 1.00 45.88  ? 73  HIS A CB  1 
ATOM   573  C  CG  . HIS A 1 73  ? -3.601  4.396   -13.034 1.00 56.89  ? 73  HIS A CG  1 
ATOM   574  N  ND1 . HIS A 1 73  ? -3.071  5.618   -12.676 1.00 64.12  ? 73  HIS A ND1 1 
ATOM   575  C  CD2 . HIS A 1 73  ? -4.564  4.125   -12.120 1.00 62.14  ? 73  HIS A CD2 1 
ATOM   576  C  CE1 . HIS A 1 73  ? -3.694  6.071   -11.602 1.00 57.97  ? 73  HIS A CE1 1 
ATOM   577  N  NE2 . HIS A 1 73  ? -4.605  5.184   -11.245 1.00 54.71  ? 73  HIS A NE2 1 
ATOM   578  N  N   . VAL A 1 74  ? 0.079   3.941   -13.910 1.00 44.68  ? 74  VAL A N   1 
ATOM   579  C  CA  . VAL A 1 74  ? 1.139   4.631   -13.207 1.00 47.84  ? 74  VAL A CA  1 
ATOM   580  C  C   . VAL A 1 74  ? 1.348   5.992   -13.836 1.00 50.90  ? 74  VAL A C   1 
ATOM   581  O  O   . VAL A 1 74  ? 2.007   6.105   -14.868 1.00 59.68  ? 74  VAL A O   1 
ATOM   582  C  CB  . VAL A 1 74  ? 2.470   3.869   -13.254 1.00 44.87  ? 74  VAL A CB  1 
ATOM   583  C  CG1 . VAL A 1 74  ? 3.420   4.496   -12.262 1.00 42.01  ? 74  VAL A CG1 1 
ATOM   584  C  CG2 . VAL A 1 74  ? 2.271   2.396   -12.952 1.00 32.48  ? 74  VAL A CG2 1 
ATOM   585  N  N   . LYS A 1 75  ? 0.769   7.016   -13.215 1.00 54.01  ? 75  LYS A N   1 
ATOM   586  C  CA  . LYS A 1 75  ? 0.885   8.393   -13.693 1.00 55.41  ? 75  LYS A CA  1 
ATOM   587  C  C   . LYS A 1 75  ? 1.995   9.061   -12.877 1.00 57.89  ? 75  LYS A C   1 
ATOM   588  O  O   . LYS A 1 75  ? 1.724   9.811   -11.948 1.00 52.31  ? 75  LYS A O   1 
ATOM   589  C  CB  . LYS A 1 75  ? -0.442  9.125   -13.480 1.00 51.31  ? 75  LYS A CB  1 
ATOM   590  C  CG  . LYS A 1 75  ? -0.743  10.208  -14.495 1.00 58.02  ? 75  LYS A CG  1 
ATOM   591  C  CD  . LYS A 1 75  ? 0.340   11.282  -14.512 1.00 86.93  ? 75  LYS A CD  1 
ATOM   592  C  CE  . LYS A 1 75  ? -0.055  12.492  -15.372 1.00 90.57  ? 75  LYS A CE  1 
ATOM   593  N  NZ  . LYS A 1 75  ? 0.891   13.631  -15.174 1.00 85.03  ? 75  LYS A NZ  1 
ATOM   594  N  N   . PRO A 1 76  ? 3.262   8.810   -13.245 1.00 64.11  ? 76  PRO A N   1 
ATOM   595  C  CA  . PRO A 1 76  ? 4.482   9.319   -12.615 1.00 74.14  ? 76  PRO A CA  1 
ATOM   596  C  C   . PRO A 1 76  ? 4.394   10.384  -11.522 1.00 82.28  ? 76  PRO A C   1 
ATOM   597  O  O   . PRO A 1 76  ? 4.867   10.158  -10.407 1.00 93.01  ? 76  PRO A O   1 
ATOM   598  C  CB  . PRO A 1 76  ? 5.312   9.761   -13.807 1.00 80.43  ? 76  PRO A CB  1 
ATOM   599  C  CG  . PRO A 1 76  ? 5.086   8.622   -14.732 1.00 86.42  ? 76  PRO A CG  1 
ATOM   600  C  CD  . PRO A 1 76  ? 3.567   8.381   -14.622 1.00 74.55  ? 76  PRO A CD  1 
ATOM   601  N  N   . PRO A 1 77  ? 3.822   11.563  -11.812 1.00 79.30  ? 77  PRO A N   1 
ATOM   602  C  CA  . PRO A 1 77  ? 3.780   12.535  -10.706 1.00 73.59  ? 77  PRO A CA  1 
ATOM   603  C  C   . PRO A 1 77  ? 2.452   12.498  -9.967  1.00 73.03  ? 77  PRO A C   1 
ATOM   604  O  O   . PRO A 1 77  ? 2.381   12.635  -8.739  1.00 63.92  ? 77  PRO A O   1 
ATOM   605  C  CB  . PRO A 1 77  ? 4.001   13.855  -11.420 1.00 63.95  ? 77  PRO A CB  1 
ATOM   606  C  CG  . PRO A 1 77  ? 3.231   13.639  -12.705 1.00 84.45  ? 77  PRO A CG  1 
ATOM   607  C  CD  . PRO A 1 77  ? 3.555   12.208  -13.110 1.00 77.92  ? 77  PRO A CD  1 
ATOM   608  N  N   . GLN A 1 78  ? 1.412   12.278  -10.760 1.00 74.93  ? 78  GLN A N   1 
ATOM   609  C  CA  . GLN A 1 78  ? 0.022   12.231  -10.329 1.00 72.14  ? 78  GLN A CA  1 
ATOM   610  C  C   . GLN A 1 78  ? -0.397  11.125  -9.358  1.00 72.58  ? 78  GLN A C   1 
ATOM   611  O  O   . GLN A 1 78  ? -0.556  11.362  -8.156  1.00 66.40  ? 78  GLN A O   1 
ATOM   612  C  CB  . GLN A 1 78  ? -0.866  12.166  -11.579 1.00 74.83  ? 78  GLN A CB  1 
ATOM   613  C  CG  . GLN A 1 78  ? -1.547  13.466  -11.946 1.00 65.13  ? 78  GLN A CG  1 
ATOM   614  C  CD  . GLN A 1 78  ? -2.664  13.782  -10.990 1.00 66.23  ? 78  GLN A CD  1 
ATOM   615  O  OE1 . GLN A 1 78  ? -2.443  13.883  -9.789  1.00 67.39  ? 78  GLN A OE1 1 
ATOM   616  N  NE2 . GLN A 1 78  ? -3.876  13.933  -11.513 1.00 64.83  ? 78  GLN A NE2 1 
ATOM   617  N  N   . SER A 1 79  ? -0.577  9.916   -9.881  1.00 70.65  ? 79  SER A N   1 
ATOM   618  C  CA  . SER A 1 79  ? -1.045  8.825   -9.042  1.00 61.45  ? 79  SER A CA  1 
ATOM   619  C  C   . SER A 1 79  ? -0.728  7.428   -9.553  1.00 59.54  ? 79  SER A C   1 
ATOM   620  O  O   . SER A 1 79  ? -0.195  7.253   -10.648 1.00 57.50  ? 79  SER A O   1 
ATOM   621  C  CB  . SER A 1 79  ? -2.562  8.952   -8.887  1.00 69.47  ? 79  SER A CB  1 
ATOM   622  O  OG  . SER A 1 79  ? -3.205  8.929   -10.157 1.00 45.86  ? 79  SER A OG  1 
ATOM   623  N  N   . VAL A 1 80  ? -1.106  6.440   -8.745  1.00 59.12  ? 80  VAL A N   1 
ATOM   624  C  CA  . VAL A 1 80  ? -0.915  5.025   -9.054  1.00 52.17  ? 80  VAL A CA  1 
ATOM   625  C  C   . VAL A 1 80  ? -2.189  4.236   -8.708  1.00 49.77  ? 80  VAL A C   1 
ATOM   626  O  O   . VAL A 1 80  ? -2.998  4.660   -7.880  1.00 51.79  ? 80  VAL A O   1 
ATOM   627  C  CB  . VAL A 1 80  ? 0.303   4.471   -8.274  1.00 47.37  ? 80  VAL A CB  1 
ATOM   628  C  CG1 . VAL A 1 80  ? 0.220   2.970   -8.139  1.00 49.98  ? 80  VAL A CG1 1 
ATOM   629  C  CG2 . VAL A 1 80  ? 1.579   4.848   -9.007  1.00 43.20  ? 80  VAL A CG2 1 
ATOM   630  N  N   . GLY A 1 81  ? -2.378  3.099   -9.366  1.00 46.09  ? 81  GLY A N   1 
ATOM   631  C  CA  . GLY A 1 81  ? -3.544  2.284   -9.096  1.00 39.22  ? 81  GLY A CA  1 
ATOM   632  C  C   . GLY A 1 81  ? -3.194  0.825   -9.249  1.00 41.42  ? 81  GLY A C   1 
ATOM   633  O  O   . GLY A 1 81  ? -2.503  0.437   -10.189 1.00 39.63  ? 81  GLY A O   1 
ATOM   634  N  N   . PHE A 1 82  ? -3.667  -0.002  -8.327  1.00 40.98  ? 82  PHE A N   1 
ATOM   635  C  CA  . PHE A 1 82  ? -3.361  -1.425  -8.407  1.00 45.44  ? 82  PHE A CA  1 
ATOM   636  C  C   . PHE A 1 82  ? -4.452  -2.302  -7.846  1.00 42.33  ? 82  PHE A C   1 
ATOM   637  O  O   . PHE A 1 82  ? -5.286  -1.872  -7.061  1.00 42.05  ? 82  PHE A O   1 
ATOM   638  C  CB  . PHE A 1 82  ? -2.017  -1.748  -7.713  1.00 38.82  ? 82  PHE A CB  1 
ATOM   639  C  CG  . PHE A 1 82  ? -1.913  -1.218  -6.312  1.00 44.45  ? 82  PHE A CG  1 
ATOM   640  C  CD1 . PHE A 1 82  ? -1.721  0.145   -6.082  1.00 49.05  ? 82  PHE A CD1 1 
ATOM   641  C  CD2 . PHE A 1 82  ? -2.043  -2.067  -5.224  1.00 45.43  ? 82  PHE A CD2 1 
ATOM   642  C  CE1 . PHE A 1 82  ? -1.665  0.656   -4.785  1.00 41.87  ? 82  PHE A CE1 1 
ATOM   643  C  CE2 . PHE A 1 82  ? -1.989  -1.573  -3.922  1.00 47.56  ? 82  PHE A CE2 1 
ATOM   644  C  CZ  . PHE A 1 82  ? -1.798  -0.204  -3.701  1.00 49.67  ? 82  PHE A CZ  1 
ATOM   645  N  N   . THR A 1 83  ? -4.410  -3.551  -8.283  1.00 50.62  ? 83  THR A N   1 
ATOM   646  C  CA  . THR A 1 83  ? -5.345  -4.593  -7.904  1.00 43.17  ? 83  THR A CA  1 
ATOM   647  C  C   . THR A 1 83  ? -4.963  -5.187  -6.555  1.00 45.58  ? 83  THR A C   1 
ATOM   648  O  O   . THR A 1 83  ? -3.785  -5.246  -6.203  1.00 42.46  ? 83  THR A O   1 
ATOM   649  C  CB  . THR A 1 83  ? -5.334  -5.673  -8.977  1.00 47.59  ? 83  THR A CB  1 
ATOM   650  O  OG1 . THR A 1 83  ? -6.126  -5.235  -10.084 1.00 34.83  ? 83  THR A OG1 1 
ATOM   651  C  CG2 . THR A 1 83  ? -5.843  -6.978  -8.438  1.00 55.27  ? 83  THR A CG2 1 
ATOM   652  N  N   . TRP A 1 84  ? -5.958  -5.660  -5.813  1.00 43.83  ? 84  TRP A N   1 
ATOM   653  C  CA  . TRP A 1 84  ? -5.701  -6.194  -4.491  1.00 41.71  ? 84  TRP A CA  1 
ATOM   654  C  C   . TRP A 1 84  ? -6.395  -7.515  -4.212  1.00 43.93  ? 84  TRP A C   1 
ATOM   655  O  O   . TRP A 1 84  ? -7.608  -7.634  -4.361  1.00 47.21  ? 84  TRP A O   1 
ATOM   656  C  CB  . TRP A 1 84  ? -6.131  -5.151  -3.456  1.00 48.72  ? 84  TRP A CB  1 
ATOM   657  C  CG  . TRP A 1 84  ? -5.785  -5.473  -2.037  1.00 54.34  ? 84  TRP A CG  1 
ATOM   658  C  CD1 . TRP A 1 84  ? -6.455  -6.312  -1.189  1.00 53.04  ? 84  TRP A CD1 1 
ATOM   659  C  CD2 . TRP A 1 84  ? -4.696  -4.931  -1.289  1.00 54.38  ? 84  TRP A CD2 1 
ATOM   660  N  NE1 . TRP A 1 84  ? -5.850  -6.319  0.043   1.00 51.57  ? 84  TRP A NE1 1 
ATOM   661  C  CE2 . TRP A 1 84  ? -4.769  -5.478  0.010   1.00 57.13  ? 84  TRP A CE2 1 
ATOM   662  C  CE3 . TRP A 1 84  ? -3.662  -4.030  -1.589  1.00 57.67  ? 84  TRP A CE3 1 
ATOM   663  C  CZ2 . TRP A 1 84  ? -3.848  -5.149  1.010   1.00 62.23  ? 84  TRP A CZ2 1 
ATOM   664  C  CZ3 . TRP A 1 84  ? -2.747  -3.707  -0.595  1.00 53.85  ? 84  TRP A CZ3 1 
ATOM   665  C  CH2 . TRP A 1 84  ? -2.847  -4.263  0.687   1.00 54.61  ? 84  TRP A CH2 1 
ATOM   666  N  N   . GLY A 1 85  ? -5.621  -8.507  -3.788  1.00 46.70  ? 85  GLY A N   1 
ATOM   667  C  CA  . GLY A 1 85  ? -6.205  -9.798  -3.472  1.00 48.42  ? 85  GLY A CA  1 
ATOM   668  C  C   . GLY A 1 85  ? -5.327  -10.601 -2.538  1.00 50.83  ? 85  GLY A C   1 
ATOM   669  O  O   . GLY A 1 85  ? -4.131  -10.749 -2.788  1.00 51.19  ? 85  GLY A O   1 
ATOM   670  N  N   . TRP A 1 86  ? -5.911  -11.114 -1.455  1.00 56.78  ? 86  TRP A N   1 
ATOM   671  C  CA  . TRP A 1 86  ? -5.161  -11.920 -0.481  1.00 56.34  ? 86  TRP A CA  1 
ATOM   672  C  C   . TRP A 1 86  ? -5.065  -13.364 -0.933  1.00 58.12  ? 86  TRP A C   1 
ATOM   673  O  O   . TRP A 1 86  ? -5.883  -13.823 -1.720  1.00 59.17  ? 86  TRP A O   1 
ATOM   674  C  CB  . TRP A 1 86  ? -5.829  -11.903 0.892   1.00 49.50  ? 86  TRP A CB  1 
ATOM   675  C  CG  . TRP A 1 86  ? -5.807  -10.582 1.547   1.00 57.40  ? 86  TRP A CG  1 
ATOM   676  C  CD1 . TRP A 1 86  ? -6.828  -9.678  1.607   1.00 47.18  ? 86  TRP A CD1 1 
ATOM   677  C  CD2 . TRP A 1 86  ? -4.687  -9.976  2.198   1.00 55.44  ? 86  TRP A CD2 1 
ATOM   678  N  NE1 . TRP A 1 86  ? -6.414  -8.541  2.254   1.00 60.56  ? 86  TRP A NE1 1 
ATOM   679  C  CE2 . TRP A 1 86  ? -5.103  -8.695  2.630   1.00 62.52  ? 86  TRP A CE2 1 
ATOM   680  C  CE3 . TRP A 1 86  ? -3.370  -10.389 2.457   1.00 59.52  ? 86  TRP A CE3 1 
ATOM   681  C  CZ2 . TRP A 1 86  ? -4.244  -7.814  3.312   1.00 56.73  ? 86  TRP A CZ2 1 
ATOM   682  C  CZ3 . TRP A 1 86  ? -2.513  -9.511  3.134   1.00 57.83  ? 86  TRP A CZ3 1 
ATOM   683  C  CH2 . TRP A 1 86  ? -2.960  -8.240  3.553   1.00 53.13  ? 86  TRP A CH2 1 
ATOM   684  N  N   . HIS A 1 87  ? -4.073  -14.081 -0.423  1.00 66.09  ? 87  HIS A N   1 
ATOM   685  C  CA  . HIS A 1 87  ? -3.893  -15.473 -0.798  1.00 70.17  ? 87  HIS A CA  1 
ATOM   686  C  C   . HIS A 1 87  ? -4.327  -16.496 0.245   1.00 78.20  ? 87  HIS A C   1 
ATOM   687  O  O   . HIS A 1 87  ? -4.199  -16.277 1.449   1.00 79.33  ? 87  HIS A O   1 
ATOM   688  C  CB  . HIS A 1 87  ? -2.442  -15.732 -1.202  1.00 65.63  ? 87  HIS A CB  1 
ATOM   689  C  CG  . HIS A 1 87  ? -2.150  -15.371 -2.623  1.00 68.33  ? 87  HIS A CG  1 
ATOM   690  N  ND1 . HIS A 1 87  ? -1.502  -16.225 -3.490  1.00 63.99  ? 87  HIS A ND1 1 
ATOM   691  C  CD2 . HIS A 1 87  ? -2.465  -14.268 -3.344  1.00 61.72  ? 87  HIS A CD2 1 
ATOM   692  C  CE1 . HIS A 1 87  ? -1.438  -15.666 -4.686  1.00 63.75  ? 87  HIS A CE1 1 
ATOM   693  N  NE2 . HIS A 1 87  ? -2.016  -14.479 -4.624  1.00 57.96  ? 87  HIS A NE2 1 
ATOM   694  N  N   . ASP A 1 88  ? -4.835  -17.621 -0.254  1.00 85.30  ? 88  ASP A N   1 
ATOM   695  C  CA  . ASP A 1 88  ? -5.320  -18.732 0.557   1.00 84.84  ? 88  ASP A CA  1 
ATOM   696  C  C   . ASP A 1 88  ? -4.195  -19.429 1.318   1.00 85.61  ? 88  ASP A C   1 
ATOM   697  O  O   . ASP A 1 88  ? -3.030  -19.025 1.264   1.00 81.64  ? 88  ASP A O   1 
ATOM   698  C  CB  . ASP A 1 88  ? -6.017  -19.751 -0.352  1.00 87.86  ? 88  ASP A CB  1 
ATOM   699  C  CG  . ASP A 1 88  ? -7.176  -20.453 0.326   1.00 97.58  ? 88  ASP A CG  1 
ATOM   700  O  OD1 . ASP A 1 88  ? -6.948  -21.152 1.342   1.00 103.98 ? 88  ASP A OD1 1 
ATOM   701  O  OD2 . ASP A 1 88  ? -8.321  -20.300 -0.167  1.00 91.24  ? 88  ASP A OD2 1 
ATOM   702  N  N   . ASP A 1 89  ? -4.563  -20.487 2.029   1.00 88.55  ? 89  ASP A N   1 
ATOM   703  C  CA  . ASP A 1 89  ? -3.608  -21.272 2.793   1.00 88.84  ? 89  ASP A CA  1 
ATOM   704  C  C   . ASP A 1 89  ? -2.875  -22.162 1.807   1.00 85.55  ? 89  ASP A C   1 
ATOM   705  O  O   . ASP A 1 89  ? -1.868  -22.788 2.137   1.00 82.87  ? 89  ASP A O   1 
ATOM   706  C  CB  . ASP A 1 89  ? -4.350  -22.103 3.837   1.00 95.63  ? 89  ASP A CB  1 
ATOM   707  C  CG  . ASP A 1 89  ? -5.189  -21.239 4.770   1.00 105.70 ? 89  ASP A CG  1 
ATOM   708  O  OD1 . ASP A 1 89  ? -6.101  -21.780 5.439   1.00 106.47 ? 89  ASP A OD1 1 
ATOM   709  O  OD2 . ASP A 1 89  ? -4.928  -20.012 4.836   1.00 109.88 ? 89  ASP A OD2 1 
ATOM   710  N  N   . ASP A 1 90  ? -3.396  -22.210 0.587   1.00 83.06  ? 90  ASP A N   1 
ATOM   711  C  CA  . ASP A 1 90  ? -2.772  -22.997 -0.453  1.00 85.02  ? 90  ASP A CA  1 
ATOM   712  C  C   . ASP A 1 90  ? -2.391  -22.146 -1.652  1.00 83.39  ? 90  ASP A C   1 
ATOM   713  O  O   . ASP A 1 90  ? -2.282  -22.650 -2.768  1.00 83.96  ? 90  ASP A O   1 
ATOM   714  C  CB  . ASP A 1 90  ? -3.690  -24.130 -0.888  1.00 92.61  ? 90  ASP A CB  1 
ATOM   715  C  CG  . ASP A 1 90  ? -3.313  -25.450 -0.249  1.00 99.04  ? 90  ASP A CG  1 
ATOM   716  O  OD1 . ASP A 1 90  ? -2.128  -25.840 -0.365  1.00 99.05  ? 90  ASP A OD1 1 
ATOM   717  O  OD2 . ASP A 1 90  ? -4.196  -26.094 0.365   1.00 96.63  ? 90  ASP A OD2 1 
ATOM   718  N  N   . ASP A 1 91  ? -2.180  -20.856 -1.412  1.00 78.26  ? 91  ASP A N   1 
ATOM   719  C  CA  . ASP A 1 91  ? -1.791  -19.926 -2.464  1.00 76.91  ? 91  ASP A CA  1 
ATOM   720  C  C   . ASP A 1 91  ? -2.901  -19.801 -3.497  1.00 78.96  ? 91  ASP A C   1 
ATOM   721  O  O   . ASP A 1 91  ? -2.707  -20.081 -4.678  1.00 83.50  ? 91  ASP A O   1 
ATOM   722  C  CB  . ASP A 1 91  ? -0.509  -20.405 -3.144  1.00 75.64  ? 91  ASP A CB  1 
ATOM   723  C  CG  . ASP A 1 91  ? 0.193   -19.302 -3.903  1.00 78.23  ? 91  ASP A CG  1 
ATOM   724  O  OD1 . ASP A 1 91  ? -0.337  -18.824 -4.928  1.00 86.70  ? 91  ASP A OD1 1 
ATOM   725  O  OD2 . ASP A 1 91  ? 1.286   -18.900 -3.463  1.00 88.24  ? 91  ASP A OD2 1 
ATOM   726  N  N   . ARG A 1 92  ? -4.066  -19.372 -3.036  1.00 75.35  ? 92  ARG A N   1 
ATOM   727  C  CA  . ARG A 1 92  ? -5.230  -19.210 -3.894  1.00 76.61  ? 92  ARG A CA  1 
ATOM   728  C  C   . ARG A 1 92  ? -5.845  -17.859 -3.550  1.00 70.21  ? 92  ARG A C   1 
ATOM   729  O  O   . ARG A 1 92  ? -6.433  -17.694 -2.484  1.00 71.13  ? 92  ARG A O   1 
ATOM   730  C  CB  . ARG A 1 92  ? -6.189  -20.388 -3.629  1.00 85.11  ? 92  ARG A CB  1 
ATOM   731  C  CG  . ARG A 1 92  ? -7.695  -20.137 -3.742  1.00 99.99  ? 92  ARG A CG  1 
ATOM   732  C  CD  . ARG A 1 92  ? -8.152  -19.741 -5.140  1.00 103.17 ? 92  ARG A CD  1 
ATOM   733  N  NE  . ARG A 1 92  ? -9.611  -19.811 -5.284  1.00 102.13 ? 92  ARG A NE  1 
ATOM   734  C  CZ  . ARG A 1 92  ? -10.488 -19.132 -4.544  1.00 100.59 ? 92  ARG A CZ  1 
ATOM   735  N  NH1 . ARG A 1 92  ? -10.075 -18.312 -3.587  1.00 90.79  ? 92  ARG A NH1 1 
ATOM   736  N  NH2 . ARG A 1 92  ? -11.790 -19.277 -4.762  1.00 92.43  ? 92  ARG A NH2 1 
ATOM   737  N  N   . ARG A 1 93  ? -5.693  -16.882 -4.437  1.00 63.68  ? 93  ARG A N   1 
ATOM   738  C  CA  . ARG A 1 93  ? -6.240  -15.569 -4.136  1.00 66.98  ? 93  ARG A CA  1 
ATOM   739  C  C   . ARG A 1 93  ? -7.739  -15.476 -4.345  1.00 63.12  ? 93  ARG A C   1 
ATOM   740  O  O   . ARG A 1 93  ? -8.272  -15.919 -5.364  1.00 70.86  ? 93  ARG A O   1 
ATOM   741  C  CB  . ARG A 1 93  ? -5.540  -14.464 -4.932  1.00 61.25  ? 93  ARG A CB  1 
ATOM   742  C  CG  . ARG A 1 93  ? -5.772  -14.499 -6.413  1.00 72.12  ? 93  ARG A CG  1 
ATOM   743  C  CD  . ARG A 1 93  ? -6.234  -13.141 -6.916  1.00 79.57  ? 93  ARG A CD  1 
ATOM   744  N  NE  . ARG A 1 93  ? -5.425  -12.044 -6.377  1.00 73.63  ? 93  ARG A NE  1 
ATOM   745  C  CZ  . ARG A 1 93  ? -5.592  -10.767 -6.710  1.00 69.30  ? 93  ARG A CZ  1 
ATOM   746  N  NH1 . ARG A 1 93  ? -6.533  -10.424 -7.578  1.00 58.02  ? 93  ARG A NH1 1 
ATOM   747  N  NH2 . ARG A 1 93  ? -4.830  -9.833  -6.169  1.00 67.81  ? 93  ARG A NH2 1 
ATOM   748  N  N   . GLY A 1 94  ? -8.402  -14.887 -3.353  1.00 59.18  ? 94  GLY A N   1 
ATOM   749  C  CA  . GLY A 1 94  ? -9.838  -14.725 -3.378  1.00 51.80  ? 94  GLY A CA  1 
ATOM   750  C  C   . GLY A 1 94  ? -10.306 -13.386 -3.901  1.00 51.06  ? 94  GLY A C   1 
ATOM   751  O  O   . GLY A 1 94  ? -9.759  -12.862 -4.881  1.00 50.63  ? 94  GLY A O   1 
ATOM   752  N  N   . ALA A 1 95  ? -11.323 -12.835 -3.235  1.00 49.07  ? 95  ALA A N   1 
ATOM   753  C  CA  . ALA A 1 95  ? -11.919 -11.556 -3.617  1.00 50.51  ? 95  ALA A CA  1 
ATOM   754  C  C   . ALA A 1 95  ? -10.910 -10.491 -3.990  1.00 55.02  ? 95  ALA A C   1 
ATOM   755  O  O   . ALA A 1 95  ? -9.957  -10.209 -3.247  1.00 64.30  ? 95  ALA A O   1 
ATOM   756  C  CB  . ALA A 1 95  ? -12.818 -11.040 -2.506  1.00 55.43  ? 95  ALA A CB  1 
ATOM   757  N  N   . GLU A 1 96  ? -11.143 -9.887  -5.147  1.00 45.68  ? 96  GLU A N   1 
ATOM   758  C  CA  . GLU A 1 96  ? -10.264 -8.849  -5.655  1.00 50.01  ? 96  GLU A CA  1 
ATOM   759  C  C   . GLU A 1 96  ? -10.827 -7.444  -5.491  1.00 48.74  ? 96  GLU A C   1 
ATOM   760  O  O   . GLU A 1 96  ? -12.020 -7.215  -5.691  1.00 58.27  ? 96  GLU A O   1 
ATOM   761  C  CB  . GLU A 1 96  ? -9.952  -9.097  -7.127  1.00 44.93  ? 96  GLU A CB  1 
ATOM   762  C  CG  . GLU A 1 96  ? -9.138  -7.988  -7.745  1.00 48.83  ? 96  GLU A CG  1 
ATOM   763  C  CD  . GLU A 1 96  ? -8.804  -8.237  -9.194  1.00 55.97  ? 96  GLU A CD  1 
ATOM   764  O  OE1 . GLU A 1 96  ? -9.670  -7.975  -10.070 1.00 58.94  ? 96  GLU A OE1 1 
ATOM   765  O  OE2 . GLU A 1 96  ? -7.670  -8.704  -9.463  1.00 61.80  ? 96  GLU A OE2 1 
ATOM   766  N  N   . SER A 1 97  ? -9.944  -6.515  -5.125  1.00 51.66  ? 97  SER A N   1 
ATOM   767  C  CA  . SER A 1 97  ? -10.280 -5.100  -4.910  1.00 52.12  ? 97  SER A CA  1 
ATOM   768  C  C   . SER A 1 97  ? -9.288  -4.208  -5.657  1.00 47.74  ? 97  SER A C   1 
ATOM   769  O  O   . SER A 1 97  ? -8.327  -4.704  -6.253  1.00 45.95  ? 97  SER A O   1 
ATOM   770  C  CB  . SER A 1 97  ? -10.226 -4.779  -3.413  1.00 47.11  ? 97  SER A CB  1 
ATOM   771  O  OG  . SER A 1 97  ? -9.332  -5.663  -2.754  1.00 48.84  ? 97  SER A OG  1 
ATOM   772  N  N   . HIS A 1 98  ? -9.524  -2.899  -5.641  1.00 41.80  ? 98  HIS A N   1 
ATOM   773  C  CA  . HIS A 1 98  ? -8.618  -1.965  -6.311  1.00 41.41  ? 98  HIS A CA  1 
ATOM   774  C  C   . HIS A 1 98  ? -8.171  -0.877  -5.345  1.00 44.45  ? 98  HIS A C   1 
ATOM   775  O  O   . HIS A 1 98  ? -8.988  -0.260  -4.664  1.00 44.45  ? 98  HIS A O   1 
ATOM   776  C  CB  . HIS A 1 98  ? -9.280  -1.310  -7.533  1.00 30.70  ? 98  HIS A CB  1 
ATOM   777  C  CG  . HIS A 1 98  ? -8.316  -0.599  -8.437  1.00 37.93  ? 98  HIS A CG  1 
ATOM   778  N  ND1 . HIS A 1 98  ? -7.449  -1.267  -9.278  1.00 42.42  ? 98  HIS A ND1 1 
ATOM   779  C  CD2 . HIS A 1 98  ? -8.051  0.720   -8.600  1.00 43.05  ? 98  HIS A CD2 1 
ATOM   780  C  CE1 . HIS A 1 98  ? -6.691  -0.391  -9.916  1.00 38.65  ? 98  HIS A CE1 1 
ATOM   781  N  NE2 . HIS A 1 98  ? -7.035  0.822   -9.523  1.00 42.53  ? 98  HIS A NE2 1 
ATOM   782  N  N   . VAL A 1 99  ? -6.864  -0.650  -5.293  1.00 46.81  ? 99  VAL A N   1 
ATOM   783  C  CA  . VAL A 1 99  ? -6.296  0.363   -4.427  1.00 44.35  ? 99  VAL A CA  1 
ATOM   784  C  C   . VAL A 1 99  ? -5.742  1.463   -5.290  1.00 47.92  ? 99  VAL A C   1 
ATOM   785  O  O   . VAL A 1 99  ? -5.204  1.204   -6.368  1.00 45.46  ? 99  VAL A O   1 
ATOM   786  C  CB  . VAL A 1 99  ? -5.132  -0.180  -3.596  1.00 39.83  ? 99  VAL A CB  1 
ATOM   787  C  CG1 . VAL A 1 99  ? -4.817  0.783   -2.478  1.00 45.67  ? 99  VAL A CG1 1 
ATOM   788  C  CG2 . VAL A 1 99  ? -5.456  -1.556  -3.065  1.00 38.93  ? 99  VAL A CG2 1 
HETATM 789  N  N   . MSE A 1 100 ? -5.883  2.692   -4.807  1.00 53.00  ? 100 MSE A N   1 
HETATM 790  C  CA  . MSE A 1 100 ? -5.364  3.860   -5.501  1.00 55.08  ? 100 MSE A CA  1 
HETATM 791  C  C   . MSE A 1 100 ? -4.689  4.868   -4.567  1.00 54.16  ? 100 MSE A C   1 
HETATM 792  O  O   . MSE A 1 100 ? -5.248  5.263   -3.539  1.00 51.91  ? 100 MSE A O   1 
HETATM 793  C  CB  . MSE A 1 100 ? -6.481  4.554   -6.259  1.00 53.00  ? 100 MSE A CB  1 
HETATM 794  C  CG  . MSE A 1 100 ? -6.830  3.886   -7.558  1.00 71.87  ? 100 MSE A CG  1 
HETATM 795  SE SE  . MSE A 1 100 ? -7.841  5.082   -8.685  1.00 83.01  ? 100 MSE A SE  1 
HETATM 796  C  CE  . MSE A 1 100 ? -6.391  6.220   -9.284  1.00 62.19  ? 100 MSE A CE  1 
ATOM   797  N  N   . PHE A 1 101 ? -3.474  5.263   -4.930  1.00 48.91  ? 101 PHE A N   1 
ATOM   798  C  CA  . PHE A 1 101 ? -2.713  6.243   -4.167  1.00 50.83  ? 101 PHE A CA  1 
ATOM   799  C  C   . PHE A 1 101 ? -2.667  7.475   -5.030  1.00 48.62  ? 101 PHE A C   1 
ATOM   800  O  O   . PHE A 1 101 ? -2.184  7.412   -6.151  1.00 55.89  ? 101 PHE A O   1 
ATOM   801  C  CB  . PHE A 1 101 ? -1.266  5.782   -3.918  1.00 45.76  ? 101 PHE A CB  1 
ATOM   802  C  CG  . PHE A 1 101 ? -1.144  4.546   -3.061  1.00 49.20  ? 101 PHE A CG  1 
ATOM   803  C  CD1 . PHE A 1 101 ? -2.202  4.131   -2.250  1.00 52.64  ? 101 PHE A CD1 1 
ATOM   804  C  CD2 . PHE A 1 101 ? 0.050   3.827   -3.022  1.00 39.98  ? 101 PHE A CD2 1 
ATOM   805  C  CE1 . PHE A 1 101 ? -2.072  3.026   -1.418  1.00 48.83  ? 101 PHE A CE1 1 
ATOM   806  C  CE2 . PHE A 1 101 ? 0.188   2.720   -2.191  1.00 41.12  ? 101 PHE A CE2 1 
ATOM   807  C  CZ  . PHE A 1 101 ? -0.872  2.321   -1.387  1.00 49.80  ? 101 PHE A CZ  1 
ATOM   808  N  N   . ILE A 1 102 ? -3.175  8.594   -4.545  1.00 50.80  ? 102 ILE A N   1 
ATOM   809  C  CA  . ILE A 1 102 ? -3.115  9.797   -5.356  1.00 57.40  ? 102 ILE A CA  1 
ATOM   810  C  C   . ILE A 1 102 ? -2.546  10.929  -4.530  1.00 59.68  ? 102 ILE A C   1 
ATOM   811  O  O   . ILE A 1 102 ? -2.869  11.033  -3.354  1.00 60.55  ? 102 ILE A O   1 
ATOM   812  C  CB  . ILE A 1 102 ? -4.505  10.181  -5.878  1.00 66.53  ? 102 ILE A CB  1 
ATOM   813  C  CG1 . ILE A 1 102 ? -4.497  11.644  -6.323  1.00 71.10  ? 102 ILE A CG1 1 
ATOM   814  C  CG2 . ILE A 1 102 ? -5.551  9.892   -4.823  1.00 71.32  ? 102 ILE A CG2 1 
ATOM   815  C  CD1 . ILE A 1 102 ? -3.432  11.969  -7.359  1.00 81.56  ? 102 ILE A CD1 1 
ATOM   816  N  N   . VAL A 1 103 ? -1.706  11.772  -5.132  1.00 62.38  ? 103 VAL A N   1 
ATOM   817  C  CA  . VAL A 1 103 ? -1.120  12.877  -4.380  1.00 71.21  ? 103 VAL A CA  1 
ATOM   818  C  C   . VAL A 1 103 ? -1.913  14.174  -4.347  1.00 76.56  ? 103 VAL A C   1 
ATOM   819  O  O   . VAL A 1 103 ? -2.934  14.255  -3.664  1.00 79.77  ? 103 VAL A O   1 
ATOM   820  C  CB  . VAL A 1 103 ? 0.326   13.223  -4.827  1.00 69.11  ? 103 VAL A CB  1 
ATOM   821  C  CG1 . VAL A 1 103 ? 1.264   12.103  -4.435  1.00 57.52  ? 103 VAL A CG1 1 
ATOM   822  C  CG2 . VAL A 1 103 ? 0.372   13.518  -6.319  1.00 67.60  ? 103 VAL A CG2 1 
ATOM   823  N  N   . GLU A 1 104 ? -1.433  15.187  -5.066  1.00 79.15  ? 104 GLU A N   1 
ATOM   824  C  CA  . GLU A 1 104 ? -2.057  16.513  -5.094  1.00 84.21  ? 104 GLU A CA  1 
ATOM   825  C  C   . GLU A 1 104 ? -1.434  17.372  -3.992  1.00 80.47  ? 104 GLU A C   1 
ATOM   826  O  O   . GLU A 1 104 ? -1.707  17.175  -2.802  1.00 82.24  ? 104 GLU A O   1 
ATOM   827  C  CB  . GLU A 1 104 ? -3.571  16.424  -4.862  1.00 88.37  ? 104 GLU A CB  1 
ATOM   828  C  CG  . GLU A 1 104 ? -4.247  17.771  -4.671  1.00 89.84  ? 104 GLU A CG  1 
ATOM   829  C  CD  . GLU A 1 104 ? -5.219  17.764  -3.516  1.00 92.34  ? 104 GLU A CD  1 
ATOM   830  O  OE1 . GLU A 1 104 ? -5.657  18.856  -3.097  1.00 103.26 ? 104 GLU A OE1 1 
ATOM   831  O  OE2 . GLU A 1 104 ? -5.546  16.666  -3.024  1.00 81.17  ? 104 GLU A OE2 1 
ATOM   832  N  N   . PRO A 1 105 ? -0.594  18.339  -4.374  1.00 80.30  ? 105 PRO A N   1 
ATOM   833  C  CA  . PRO A 1 105 ? 0.066   19.225  -3.413  1.00 83.16  ? 105 PRO A CA  1 
ATOM   834  C  C   . PRO A 1 105 ? -0.893  20.194  -2.731  1.00 83.83  ? 105 PRO A C   1 
ATOM   835  O  O   . PRO A 1 105 ? -2.099  20.171  -2.982  1.00 82.18  ? 105 PRO A O   1 
ATOM   836  C  CB  . PRO A 1 105 ? 1.100   19.943  -4.267  1.00 80.28  ? 105 PRO A CB  1 
ATOM   837  C  CG  . PRO A 1 105 ? 0.405   20.036  -5.593  1.00 77.69  ? 105 PRO A CG  1 
ATOM   838  C  CD  . PRO A 1 105 ? -0.177  18.655  -5.749  1.00 75.16  ? 105 PRO A CD  1 
ATOM   839  N  N   . CYS A 1 106 ? -0.344  21.039  -1.863  1.00 85.39  ? 106 CYS A N   1 
ATOM   840  C  CA  . CYS A 1 106 ? -1.131  22.028  -1.131  1.00 89.72  ? 106 CYS A CA  1 
ATOM   841  C  C   . CYS A 1 106 ? -0.202  22.958  -0.360  1.00 89.46  ? 106 CYS A C   1 
ATOM   842  O  O   . CYS A 1 106 ? 1.010   22.732  -0.304  1.00 90.58  ? 106 CYS A O   1 
ATOM   843  C  CB  . CYS A 1 106 ? -2.077  21.331  -0.155  1.00 89.03  ? 106 CYS A CB  1 
ATOM   844  S  SG  . CYS A 1 106 ? -1.205  20.289  1.022   1.00 94.78  ? 106 CYS A SG  1 
ATOM   845  N  N   . GLY A 1 109 ? 3.252   21.931  0.972   1.00 70.92  ? 109 GLY A N   1 
ATOM   846  C  CA  . GLY A 1 109 ? 3.673   20.545  1.063   1.00 72.25  ? 109 GLY A CA  1 
ATOM   847  C  C   . GLY A 1 109 ? 3.030   19.647  0.017   1.00 72.59  ? 109 GLY A C   1 
ATOM   848  O  O   . GLY A 1 109 ? 3.148   19.888  -1.186  1.00 75.64  ? 109 GLY A O   1 
ATOM   849  N  N   . ALA A 1 110 ? 2.349   18.602  0.478   1.00 68.23  ? 110 ALA A N   1 
ATOM   850  C  CA  . ALA A 1 110 ? 1.680   17.655  -0.410  1.00 67.29  ? 110 ALA A CA  1 
ATOM   851  C  C   . ALA A 1 110 ? 0.875   16.670  0.428   1.00 67.93  ? 110 ALA A C   1 
ATOM   852  O  O   . ALA A 1 110 ? 1.311   16.263  1.506   1.00 70.18  ? 110 ALA A O   1 
ATOM   853  C  CB  . ALA A 1 110 ? 2.707   16.910  -1.258  1.00 51.68  ? 110 ALA A CB  1 
ATOM   854  N  N   . ARG A 1 111 ? -0.302  16.288  -0.057  1.00 70.68  ? 111 ARG A N   1 
ATOM   855  C  CA  . ARG A 1 111 ? -1.145  15.360  0.692   1.00 70.53  ? 111 ARG A CA  1 
ATOM   856  C  C   . ARG A 1 111 ? -1.413  14.083  -0.084  1.00 66.49  ? 111 ARG A C   1 
ATOM   857  O  O   . ARG A 1 111 ? -1.440  14.091  -1.308  1.00 62.71  ? 111 ARG A O   1 
ATOM   858  C  CB  . ARG A 1 111 ? -2.469  16.026  1.042   1.00 75.35  ? 111 ARG A CB  1 
ATOM   859  C  CG  . ARG A 1 111 ? -3.345  16.261  -0.151  1.00 83.40  ? 111 ARG A CG  1 
ATOM   860  C  CD  . ARG A 1 111 ? -4.587  15.386  -0.078  1.00 96.85  ? 111 ARG A CD  1 
ATOM   861  N  NE  . ARG A 1 111 ? -5.446  15.731  1.056   1.00 97.42  ? 111 ARG A NE  1 
ATOM   862  C  CZ  . ARG A 1 111 ? -5.998  16.927  1.253   1.00 100.72 ? 111 ARG A CZ  1 
ATOM   863  N  NH1 . ARG A 1 111 ? -6.764  17.132  2.321   1.00 98.16  ? 111 ARG A NH1 1 
ATOM   864  N  NH2 . ARG A 1 111 ? -5.789  17.914  0.388   1.00 97.83  ? 111 ARG A NH2 1 
ATOM   865  N  N   . LEU A 1 112 ? -1.613  12.991  0.644   1.00 64.76  ? 112 LEU A N   1 
ATOM   866  C  CA  . LEU A 1 112 ? -1.873  11.684  0.044   1.00 63.78  ? 112 LEU A CA  1 
ATOM   867  C  C   . LEU A 1 112 ? -3.297  11.201  0.302   1.00 64.52  ? 112 LEU A C   1 
ATOM   868  O  O   . LEU A 1 112 ? -3.828  11.329  1.407   1.00 65.90  ? 112 LEU A O   1 
ATOM   869  C  CB  . LEU A 1 112 ? -0.889  10.638  0.594   1.00 55.87  ? 112 LEU A CB  1 
ATOM   870  C  CG  . LEU A 1 112 ? -1.268  9.165   0.398   1.00 34.91  ? 112 LEU A CG  1 
ATOM   871  C  CD1 . LEU A 1 112 ? -1.188  8.798   -1.071  1.00 33.84  ? 112 LEU A CD1 1 
ATOM   872  C  CD2 . LEU A 1 112 ? -0.360  8.301   1.212   1.00 31.16  ? 112 LEU A CD2 1 
ATOM   873  N  N   . ILE A 1 113 ? -3.908  10.628  -0.725  1.00 62.28  ? 113 ILE A N   1 
ATOM   874  C  CA  . ILE A 1 113 ? -5.256  10.108  -0.615  1.00 58.78  ? 113 ILE A CA  1 
ATOM   875  C  C   . ILE A 1 113 ? -5.156  8.631   -0.951  1.00 54.33  ? 113 ILE A C   1 
ATOM   876  O  O   . ILE A 1 113 ? -4.584  8.253   -1.973  1.00 56.18  ? 113 ILE A O   1 
ATOM   877  C  CB  . ILE A 1 113 ? -6.204  10.818  -1.618  1.00 63.65  ? 113 ILE A CB  1 
ATOM   878  C  CG1 . ILE A 1 113 ? -6.187  12.326  -1.355  1.00 58.87  ? 113 ILE A CG1 1 
ATOM   879  C  CG2 . ILE A 1 113 ? -7.625  10.287  -1.486  1.00 56.34  ? 113 ILE A CG2 1 
ATOM   880  C  CD1 . ILE A 1 113 ? -6.920  13.122  -2.384  1.00 48.71  ? 113 ILE A CD1 1 
ATOM   881  N  N   . LEU A 1 114 ? -5.682  7.792   -0.077  1.00 44.28  ? 114 LEU A N   1 
ATOM   882  C  CA  . LEU A 1 114 ? -5.644  6.362   -0.304  1.00 50.19  ? 114 LEU A CA  1 
ATOM   883  C  C   . LEU A 1 114 ? -7.093  5.956   -0.486  1.00 51.77  ? 114 LEU A C   1 
ATOM   884  O  O   . LEU A 1 114 ? -7.920  6.202   0.383   1.00 57.52  ? 114 LEU A O   1 
ATOM   885  C  CB  . LEU A 1 114 ? -5.025  5.670   0.915   1.00 46.59  ? 114 LEU A CB  1 
ATOM   886  C  CG  . LEU A 1 114 ? -4.740  4.170   0.872   1.00 45.16  ? 114 LEU A CG  1 
ATOM   887  C  CD1 . LEU A 1 114 ? -3.764  3.830   1.952   1.00 45.21  ? 114 LEU A CD1 1 
ATOM   888  C  CD2 . LEU A 1 114 ? -6.013  3.371   1.027   1.00 41.74  ? 114 LEU A CD2 1 
ATOM   889  N  N   . ASP A 1 115 ? -7.417  5.353   -1.618  1.00 58.83  ? 115 ASP A N   1 
ATOM   890  C  CA  . ASP A 1 115 ? -8.799  4.953   -1.845  1.00 67.08  ? 115 ASP A CA  1 
ATOM   891  C  C   . ASP A 1 115 ? -8.885  3.476   -2.200  1.00 68.33  ? 115 ASP A C   1 
ATOM   892  O  O   . ASP A 1 115 ? -8.395  3.038   -3.250  1.00 72.28  ? 115 ASP A O   1 
ATOM   893  C  CB  . ASP A 1 115 ? -9.419  5.807   -2.955  1.00 71.47  ? 115 ASP A CB  1 
ATOM   894  C  CG  . ASP A 1 115 ? -10.941 5.799   -2.919  1.00 87.89  ? 115 ASP A CG  1 
ATOM   895  O  OD1 . ASP A 1 115 ? -11.547 4.768   -3.282  1.00 100.34 ? 115 ASP A OD1 1 
ATOM   896  O  OD2 . ASP A 1 115 ? -11.543 6.821   -2.516  1.00 92.88  ? 115 ASP A OD2 1 
ATOM   897  N  N   . HIS A 1 116 ? -9.505  2.707   -1.313  1.00 59.71  ? 116 HIS A N   1 
ATOM   898  C  CA  . HIS A 1 116 ? -9.644  1.281   -1.534  1.00 57.88  ? 116 HIS A CA  1 
ATOM   899  C  C   . HIS A 1 116 ? -11.116 0.921   -1.719  1.00 58.08  ? 116 HIS A C   1 
ATOM   900  O  O   . HIS A 1 116 ? -11.927 1.107   -0.816  1.00 58.89  ? 116 HIS A O   1 
ATOM   901  C  CB  . HIS A 1 116 ? -9.029  0.520   -0.361  1.00 50.06  ? 116 HIS A CB  1 
ATOM   902  C  CG  . HIS A 1 116 ? -8.661  -0.892  -0.686  1.00 55.15  ? 116 HIS A CG  1 
ATOM   903  N  ND1 . HIS A 1 116 ? -7.861  -1.656  0.130   1.00 56.60  ? 116 HIS A ND1 1 
ATOM   904  C  CD2 . HIS A 1 116 ? -8.994  -1.682  -1.736  1.00 62.06  ? 116 HIS A CD2 1 
ATOM   905  C  CE1 . HIS A 1 116 ? -7.712  -2.858  -0.400  1.00 65.83  ? 116 HIS A CE1 1 
ATOM   906  N  NE2 . HIS A 1 116 ? -8.391  -2.899  -1.532  1.00 62.96  ? 116 HIS A NE2 1 
ATOM   907  N  N   . ARG A 1 117 ? -11.449 0.414   -2.906  1.00 60.72  ? 117 ARG A N   1 
ATOM   908  C  CA  . ARG A 1 117 ? -12.825 0.053   -3.249  1.00 62.86  ? 117 ARG A CA  1 
ATOM   909  C  C   . ARG A 1 117 ? -13.046 -1.418  -3.642  1.00 64.22  ? 117 ARG A C   1 
ATOM   910  O  O   . ARG A 1 117 ? -12.091 -2.166  -3.866  1.00 65.44  ? 117 ARG A O   1 
ATOM   911  C  CB  . ARG A 1 117 ? -13.305 0.944   -4.393  1.00 54.60  ? 117 ARG A CB  1 
ATOM   912  C  CG  . ARG A 1 117 ? -13.145 2.422   -4.124  1.00 58.97  ? 117 ARG A CG  1 
ATOM   913  C  CD  . ARG A 1 117 ? -13.313 3.197   -5.404  1.00 58.86  ? 117 ARG A CD  1 
ATOM   914  N  NE  . ARG A 1 117 ? -12.436 2.650   -6.439  1.00 73.94  ? 117 ARG A NE  1 
ATOM   915  C  CZ  . ARG A 1 117 ? -11.108 2.573   -6.337  1.00 78.50  ? 117 ARG A CZ  1 
ATOM   916  N  NH1 . ARG A 1 117 ? -10.375 2.064   -7.319  1.00 71.75  ? 117 ARG A NH1 1 
ATOM   917  N  NH2 . ARG A 1 117 ? -10.498 3.017   -5.251  1.00 92.28  ? 117 ARG A NH2 1 
ATOM   918  N  N   . GLU A 1 118 ? -14.322 -1.802  -3.731  1.00 62.96  ? 118 GLU A N   1 
ATOM   919  C  CA  . GLU A 1 118 ? -14.768 -3.150  -4.105  1.00 57.53  ? 118 GLU A CA  1 
ATOM   920  C  C   . GLU A 1 118 ? -14.347 -4.254  -3.134  1.00 61.77  ? 118 GLU A C   1 
ATOM   921  O  O   . GLU A 1 118 ? -13.964 -5.347  -3.557  1.00 60.07  ? 118 GLU A O   1 
ATOM   922  C  CB  . GLU A 1 118 ? -14.281 -3.510  -5.515  1.00 62.71  ? 118 GLU A CB  1 
ATOM   923  C  CG  . GLU A 1 118 ? -15.221 -4.436  -6.306  1.00 76.27  ? 118 GLU A CG  1 
ATOM   924  C  CD  . GLU A 1 118 ? -16.161 -3.661  -7.240  1.00 88.59  ? 118 GLU A CD  1 
ATOM   925  O  OE1 . GLU A 1 118 ? -16.796 -2.676  -6.778  1.00 80.69  ? 118 GLU A OE1 1 
ATOM   926  O  OE2 . GLU A 1 118 ? -16.270 -4.040  -8.435  1.00 86.32  ? 118 GLU A OE2 1 
ATOM   927  N  N   . LEU A 1 119 ? -14.421 -3.986  -1.835  1.00 60.58  ? 119 LEU A N   1 
ATOM   928  C  CA  . LEU A 1 119 ? -14.046 -5.007  -0.861  1.00 70.28  ? 119 LEU A CA  1 
ATOM   929  C  C   . LEU A 1 119 ? -15.209 -5.935  -0.538  1.00 75.18  ? 119 LEU A C   1 
ATOM   930  O  O   . LEU A 1 119 ? -16.366 -5.605  -0.799  1.00 70.98  ? 119 LEU A O   1 
ATOM   931  C  CB  . LEU A 1 119 ? -13.534 -4.369  0.426   1.00 67.66  ? 119 LEU A CB  1 
ATOM   932  C  CG  . LEU A 1 119 ? -12.106 -3.830  0.375   1.00 61.97  ? 119 LEU A CG  1 
ATOM   933  C  CD1 . LEU A 1 119 ? -12.122 -2.298  0.481   1.00 66.14  ? 119 LEU A CD1 1 
ATOM   934  C  CD2 . LEU A 1 119 ? -11.319 -4.440  1.510   1.00 43.11  ? 119 LEU A CD2 1 
ATOM   935  N  N   . GLY A 1 120 ? -14.892 -7.097  0.032   1.00 80.64  ? 120 GLY A N   1 
ATOM   936  C  CA  . GLY A 1 120 ? -15.922 -8.063  0.385   1.00 86.45  ? 120 GLY A CA  1 
ATOM   937  C  C   . GLY A 1 120 ? -17.206 -7.456  0.936   1.00 86.78  ? 120 GLY A C   1 
ATOM   938  O  O   . GLY A 1 120 ? -18.302 -7.782  0.481   1.00 82.16  ? 120 GLY A O   1 
ATOM   939  N  N   . ASP A 1 121 ? -17.075 -6.565  1.913   1.00 95.98  ? 121 ASP A N   1 
ATOM   940  C  CA  . ASP A 1 121 ? -18.232 -5.915  2.528   1.00 97.39  ? 121 ASP A CA  1 
ATOM   941  C  C   . ASP A 1 121 ? -17.754 -4.799  3.453   1.00 96.78  ? 121 ASP A C   1 
ATOM   942  O  O   . ASP A 1 121 ? -16.681 -4.231  3.252   1.00 97.35  ? 121 ASP A O   1 
ATOM   943  C  CB  . ASP A 1 121 ? -19.034 -6.926  3.342   1.00 97.18  ? 121 ASP A CB  1 
ATOM   944  C  CG  . ASP A 1 121 ? -18.222 -7.525  4.467   1.00 102.52 ? 121 ASP A CG  1 
ATOM   945  O  OD1 . ASP A 1 121 ? -17.318 -8.337  4.183   1.00 105.43 ? 121 ASP A OD1 1 
ATOM   946  O  OD2 . ASP A 1 121 ? -18.477 -7.168  5.637   1.00 105.53 ? 121 ASP A OD2 1 
ATOM   947  N  N   . ASP A 1 122 ? -18.546 -4.495  4.477   1.00 92.72  ? 122 ASP A N   1 
ATOM   948  C  CA  . ASP A 1 122 ? -18.177 -3.442  5.412   1.00 94.34  ? 122 ASP A CA  1 
ATOM   949  C  C   . ASP A 1 122 ? -17.213 -3.924  6.481   1.00 97.02  ? 122 ASP A C   1 
ATOM   950  O  O   . ASP A 1 122 ? -16.237 -3.242  6.794   1.00 96.16  ? 122 ASP A O   1 
ATOM   951  C  CB  . ASP A 1 122 ? -19.416 -2.857  6.078   1.00 91.21  ? 122 ASP A CB  1 
ATOM   952  C  CG  . ASP A 1 122 ? -20.323 -2.172  5.097   1.00 94.74  ? 122 ASP A CG  1 
ATOM   953  O  OD1 . ASP A 1 122 ? -19.850 -1.254  4.389   1.00 90.45  ? 122 ASP A OD1 1 
ATOM   954  O  OD2 . ASP A 1 122 ? -21.511 -2.553  5.033   1.00 106.13 ? 122 ASP A OD2 1 
ATOM   955  N  N   . GLU A 1 123 ? -17.493 -5.093  7.048   1.00 98.13  ? 123 GLU A N   1 
ATOM   956  C  CA  . GLU A 1 123 ? -16.642 -5.661  8.091   1.00 99.07  ? 123 GLU A CA  1 
ATOM   957  C  C   . GLU A 1 123 ? -15.205 -5.768  7.584   1.00 97.28  ? 123 GLU A C   1 
ATOM   958  O  O   . GLU A 1 123 ? -14.250 -5.712  8.362   1.00 90.38  ? 123 GLU A O   1 
ATOM   959  C  CB  . GLU A 1 123 ? -17.194 -7.032  8.506   1.00 107.06 ? 123 GLU A CB  1 
ATOM   960  C  CG  . GLU A 1 123 ? -16.358 -7.803  9.513   1.00 112.08 ? 123 GLU A CG  1 
ATOM   961  C  CD  . GLU A 1 123 ? -15.335 -8.703  8.845   1.00 120.16 ? 123 GLU A CD  1 
ATOM   962  O  OE1 . GLU A 1 123 ? -14.649 -9.464  9.561   1.00 118.89 ? 123 GLU A OE1 1 
ATOM   963  O  OE2 . GLU A 1 123 ? -15.222 -8.653  7.600   1.00 127.35 ? 123 GLU A OE2 1 
HETATM 964  N  N   . MSE A 1 124 ? -15.065 -5.906  6.269   1.00 99.04  ? 124 MSE A N   1 
HETATM 965  C  CA  . MSE A 1 124 ? -13.759 -5.993  5.631   1.00 98.46  ? 124 MSE A CA  1 
HETATM 966  C  C   . MSE A 1 124 ? -13.227 -4.592  5.318   1.00 94.75  ? 124 MSE A C   1 
HETATM 967  O  O   . MSE A 1 124 ? -12.023 -4.349  5.394   1.00 90.87  ? 124 MSE A O   1 
HETATM 968  C  CB  . MSE A 1 124 ? -13.855 -6.809  4.341   1.00 106.54 ? 124 MSE A CB  1 
HETATM 969  C  CG  . MSE A 1 124 ? -13.750 -8.318  4.535   1.00 118.48 ? 124 MSE A CG  1 
HETATM 970  SE SE  . MSE A 1 124 ? -11.952 -8.896  5.023   1.00 135.57 ? 124 MSE A SE  1 
HETATM 971  C  CE  . MSE A 1 124 ? -12.189 -9.046  6.949   1.00 132.78 ? 124 MSE A CE  1 
ATOM   972  N  N   . SER A 1 125 ? -14.133 -3.677  4.971   1.00 87.45  ? 125 SER A N   1 
ATOM   973  C  CA  . SER A 1 125 ? -13.767 -2.299  4.656   1.00 86.43  ? 125 SER A CA  1 
ATOM   974  C  C   . SER A 1 125 ? -13.240 -1.596  5.916   1.00 89.72  ? 125 SER A C   1 
ATOM   975  O  O   . SER A 1 125 ? -12.657 -0.510  5.848   1.00 85.14  ? 125 SER A O   1 
ATOM   976  C  CB  . SER A 1 125 ? -14.983 -1.550  4.089   1.00 80.99  ? 125 SER A CB  1 
ATOM   977  O  OG  . SER A 1 125 ? -14.613 -0.329  3.465   1.00 72.01  ? 125 SER A OG  1 
ATOM   978  N  N   . LEU A 1 126 ? -13.455 -2.233  7.066   1.00 91.22  ? 126 LEU A N   1 
ATOM   979  C  CA  . LEU A 1 126 ? -12.993 -1.722  8.351   1.00 90.44  ? 126 LEU A CA  1 
ATOM   980  C  C   . LEU A 1 126 ? -11.593 -2.283  8.600   1.00 88.59  ? 126 LEU A C   1 
ATOM   981  O  O   . LEU A 1 126 ? -10.622 -1.531  8.725   1.00 83.33  ? 126 LEU A O   1 
ATOM   982  C  CB  . LEU A 1 126 ? -13.932 -2.178  9.476   1.00 93.05  ? 126 LEU A CB  1 
ATOM   983  C  CG  . LEU A 1 126 ? -13.426 -1.953  10.909  1.00 98.20  ? 126 LEU A CG  1 
ATOM   984  C  CD1 . LEU A 1 126 ? -13.363 -0.459  11.187  1.00 99.05  ? 126 LEU A CD1 1 
ATOM   985  C  CD2 . LEU A 1 126 ? -14.332 -2.655  11.914  1.00 91.95  ? 126 LEU A CD2 1 
ATOM   986  N  N   . ARG A 1 127 ? -11.517 -3.615  8.665   1.00 80.20  ? 127 ARG A N   1 
ATOM   987  C  CA  . ARG A 1 127 ? -10.273 -4.352  8.881   1.00 76.88  ? 127 ARG A CA  1 
ATOM   988  C  C   . ARG A 1 127 ? -9.153  -3.776  8.007   1.00 69.40  ? 127 ARG A C   1 
ATOM   989  O  O   . ARG A 1 127 ? -8.006  -3.673  8.434   1.00 63.01  ? 127 ARG A O   1 
ATOM   990  C  CB  . ARG A 1 127 ? -10.513 -5.845  8.579   1.00 81.92  ? 127 ARG A CB  1 
ATOM   991  C  CG  . ARG A 1 127 ? -9.366  -6.616  7.891   1.00 97.52  ? 127 ARG A CG  1 
ATOM   992  C  CD  . ARG A 1 127 ? -8.333  -7.229  8.856   1.00 96.10  ? 127 ARG A CD  1 
ATOM   993  N  NE  . ARG A 1 127 ? -7.772  -8.470  8.313   1.00 94.13  ? 127 ARG A NE  1 
ATOM   994  C  CZ  . ARG A 1 127 ? -7.113  -8.565  7.159   1.00 95.09  ? 127 ARG A CZ  1 
ATOM   995  N  NH1 . ARG A 1 127 ? -6.912  -7.487  6.409   1.00 89.78  ? 127 ARG A NH1 1 
ATOM   996  N  NH2 . ARG A 1 127 ? -6.675  -9.746  6.738   1.00 84.22  ? 127 ARG A NH2 1 
ATOM   997  N  N   . HIS A 1 128 ? -9.490  -3.392  6.786   1.00 63.99  ? 128 HIS A N   1 
ATOM   998  C  CA  . HIS A 1 128 ? -8.500  -2.820  5.907   1.00 57.29  ? 128 HIS A CA  1 
ATOM   999  C  C   . HIS A 1 128 ? -8.190  -1.393  6.311   1.00 56.72  ? 128 HIS A C   1 
ATOM   1000 O  O   . HIS A 1 128 ? -7.030  -1.005  6.318   1.00 57.52  ? 128 HIS A O   1 
ATOM   1001 C  CB  . HIS A 1 128 ? -8.969  -2.863  4.454   1.00 62.07  ? 128 HIS A CB  1 
ATOM   1002 C  CG  . HIS A 1 128 ? -8.649  -4.152  3.757   1.00 71.86  ? 128 HIS A CG  1 
ATOM   1003 N  ND1 . HIS A 1 128 ? -9.173  -5.367  4.150   1.00 70.54  ? 128 HIS A ND1 1 
ATOM   1004 C  CD2 . HIS A 1 128 ? -7.836  -4.417  2.706   1.00 65.65  ? 128 HIS A CD2 1 
ATOM   1005 C  CE1 . HIS A 1 128 ? -8.695  -6.321  3.373   1.00 65.22  ? 128 HIS A CE1 1 
ATOM   1006 N  NE2 . HIS A 1 128 ? -7.881  -5.772  2.489   1.00 61.14  ? 128 HIS A NE2 1 
ATOM   1007 N  N   . GLU A 1 129 ? -9.212  -0.612  6.658   1.00 61.17  ? 129 GLU A N   1 
ATOM   1008 C  CA  . GLU A 1 129 ? -8.986  0.778   7.059   1.00 62.45  ? 129 GLU A CA  1 
ATOM   1009 C  C   . GLU A 1 129 ? -7.978  0.843   8.195   1.00 63.92  ? 129 GLU A C   1 
ATOM   1010 O  O   . GLU A 1 129 ? -6.976  1.551   8.109   1.00 62.28  ? 129 GLU A O   1 
ATOM   1011 C  CB  . GLU A 1 129 ? -10.283 1.457   7.510   1.00 65.17  ? 129 GLU A CB  1 
ATOM   1012 C  CG  . GLU A 1 129 ? -10.139 2.985   7.653   1.00 83.31  ? 129 GLU A CG  1 
ATOM   1013 C  CD  . GLU A 1 129 ? -11.349 3.664   8.300   1.00 93.09  ? 129 GLU A CD  1 
ATOM   1014 O  OE1 . GLU A 1 129 ? -11.409 4.921   8.309   1.00 91.30  ? 129 GLU A OE1 1 
ATOM   1015 O  OE2 . GLU A 1 129 ? -12.234 2.936   8.806   1.00 96.89  ? 129 GLU A OE2 1 
ATOM   1016 N  N   . GLU A 1 130 ? -8.247  0.106   9.266   1.00 60.00  ? 130 GLU A N   1 
ATOM   1017 C  CA  . GLU A 1 130 ? -7.332  0.106   10.390  1.00 61.61  ? 130 GLU A CA  1 
ATOM   1018 C  C   . GLU A 1 130 ? -5.966  -0.403  9.954   1.00 56.25  ? 130 GLU A C   1 
ATOM   1019 O  O   . GLU A 1 130 ? -4.937  0.060   10.444  1.00 61.36  ? 130 GLU A O   1 
ATOM   1020 C  CB  . GLU A 1 130 ? -7.898  -0.740  11.530  1.00 65.23  ? 130 GLU A CB  1 
ATOM   1021 C  CG  . GLU A 1 130 ? -8.975  -1.689  11.088  1.00 86.61  ? 130 GLU A CG  1 
ATOM   1022 C  CD  . GLU A 1 130 ? -9.981  -1.986  12.190  1.00 99.56  ? 130 GLU A CD  1 
ATOM   1023 O  OE1 . GLU A 1 130 ? -10.508 -1.022  12.797  1.00 104.19 ? 130 GLU A OE1 1 
ATOM   1024 O  OE2 . GLU A 1 130 ? -10.255 -3.179  12.443  1.00 105.27 ? 130 GLU A OE2 1 
ATOM   1025 N  N   . GLY A 1 131 ? -5.952  -1.340  9.014   1.00 52.05  ? 131 GLY A N   1 
ATOM   1026 C  CA  . GLY A 1 131 ? -4.686  -1.863  8.532   1.00 49.78  ? 131 GLY A CA  1 
ATOM   1027 C  C   . GLY A 1 131 ? -3.892  -0.778  7.832   1.00 48.50  ? 131 GLY A C   1 
ATOM   1028 O  O   . GLY A 1 131 ? -2.699  -0.603  8.088   1.00 50.77  ? 131 GLY A O   1 
ATOM   1029 N  N   . TRP A 1 132 ? -4.557  -0.056  6.933   1.00 49.27  ? 132 TRP A N   1 
ATOM   1030 C  CA  . TRP A 1 132 ? -3.931  1.030   6.194   1.00 49.40  ? 132 TRP A CA  1 
ATOM   1031 C  C   . TRP A 1 132 ? -3.545  2.122   7.169   1.00 51.86  ? 132 TRP A C   1 
ATOM   1032 O  O   . TRP A 1 132 ? -2.472  2.713   7.062   1.00 48.87  ? 132 TRP A O   1 
ATOM   1033 C  CB  . TRP A 1 132 ? -4.891  1.611   5.154   1.00 48.89  ? 132 TRP A CB  1 
ATOM   1034 C  CG  . TRP A 1 132 ? -5.021  0.797   3.893   1.00 50.79  ? 132 TRP A CG  1 
ATOM   1035 C  CD1 . TRP A 1 132 ? -6.157  0.228   3.402   1.00 47.96  ? 132 TRP A CD1 1 
ATOM   1036 C  CD2 . TRP A 1 132 ? -3.981  0.495   2.949   1.00 46.91  ? 132 TRP A CD2 1 
ATOM   1037 N  NE1 . TRP A 1 132 ? -5.896  -0.407  2.212   1.00 45.47  ? 132 TRP A NE1 1 
ATOM   1038 C  CE2 . TRP A 1 132 ? -4.570  -0.259  1.907   1.00 45.49  ? 132 TRP A CE2 1 
ATOM   1039 C  CE3 . TRP A 1 132 ? -2.611  0.792   2.881   1.00 47.86  ? 132 TRP A CE3 1 
ATOM   1040 C  CZ2 . TRP A 1 132 ? -3.840  -0.723  0.806   1.00 40.57  ? 132 TRP A CZ2 1 
ATOM   1041 C  CZ3 . TRP A 1 132 ? -1.882  0.335   1.788   1.00 45.01  ? 132 TRP A CZ3 1 
ATOM   1042 C  CH2 . TRP A 1 132 ? -2.503  -0.418  0.762   1.00 53.97  ? 132 TRP A CH2 1 
ATOM   1043 N  N   . THR A 1 133 ? -4.426  2.393   8.122   1.00 47.56  ? 133 THR A N   1 
ATOM   1044 C  CA  . THR A 1 133 ? -4.150  3.432   9.091   1.00 51.66  ? 133 THR A CA  1 
ATOM   1045 C  C   . THR A 1 133 ? -2.859  3.119   9.804   1.00 51.35  ? 133 THR A C   1 
ATOM   1046 O  O   . THR A 1 133 ? -1.996  3.987   9.970   1.00 52.17  ? 133 THR A O   1 
ATOM   1047 C  CB  . THR A 1 133 ? -5.265  3.538   10.131  1.00 58.67  ? 133 THR A CB  1 
ATOM   1048 O  OG1 . THR A 1 133 ? -6.483  3.940   9.485   1.00 66.39  ? 133 THR A OG1 1 
ATOM   1049 C  CG2 . THR A 1 133 ? -4.887  4.559   11.201  1.00 46.80  ? 133 THR A CG2 1 
ATOM   1050 N  N   . SER A 1 134 ? -2.739  1.866   10.219  1.00 41.13  ? 134 SER A N   1 
ATOM   1051 C  CA  . SER A 1 134 ? -1.562  1.392   10.938  1.00 46.46  ? 134 SER A CA  1 
ATOM   1052 C  C   . SER A 1 134 ? -0.301  1.461   10.086  1.00 46.72  ? 134 SER A C   1 
ATOM   1053 O  O   . SER A 1 134 ? 0.785   1.797   10.569  1.00 40.71  ? 134 SER A O   1 
ATOM   1054 C  CB  . SER A 1 134 ? -1.787  -0.053  11.382  1.00 34.70  ? 134 SER A CB  1 
ATOM   1055 O  OG  . SER A 1 134 ? -0.629  -0.574  12.000  1.00 44.21  ? 134 SER A OG  1 
ATOM   1056 N  N   . SER A 1 135 ? -0.475  1.134   8.810   1.00 43.73  ? 135 SER A N   1 
ATOM   1057 C  CA  . SER A 1 135 ? 0.611   1.112   7.847   1.00 47.87  ? 135 SER A CA  1 
ATOM   1058 C  C   . SER A 1 135 ? 1.086   2.530   7.484   1.00 49.45  ? 135 SER A C   1 
ATOM   1059 O  O   . SER A 1 135 ? 2.271   2.760   7.223   1.00 46.73  ? 135 SER A O   1 
ATOM   1060 C  CB  . SER A 1 135 ? 0.153   0.346   6.601   1.00 39.93  ? 135 SER A CB  1 
ATOM   1061 O  OG  . SER A 1 135 ? 1.251   -0.117  5.843   1.00 40.52  ? 135 SER A OG  1 
ATOM   1062 N  N   . LEU A 1 136 ? 0.162   3.483   7.475   1.00 53.40  ? 136 LEU A N   1 
ATOM   1063 C  CA  . LEU A 1 136 ? 0.520   4.862   7.156   1.00 56.59  ? 136 LEU A CA  1 
ATOM   1064 C  C   . LEU A 1 136 ? 1.379   5.470   8.262   1.00 61.81  ? 136 LEU A C   1 
ATOM   1065 O  O   . LEU A 1 136 ? 2.193   6.378   8.020   1.00 62.15  ? 136 LEU A O   1 
ATOM   1066 C  CB  . LEU A 1 136 ? -0.734  5.721   6.942   1.00 51.93  ? 136 LEU A CB  1 
ATOM   1067 C  CG  . LEU A 1 136 ? -1.501  5.409   5.647   1.00 58.72  ? 136 LEU A CG  1 
ATOM   1068 C  CD1 . LEU A 1 136 ? -2.891  5.994   5.726   1.00 48.60  ? 136 LEU A CD1 1 
ATOM   1069 C  CD2 . LEU A 1 136 ? -0.734  5.922   4.425   1.00 33.28  ? 136 LEU A CD2 1 
ATOM   1070 N  N   . ARG A 1 137 ? 1.207   4.981   9.483   1.00 55.26  ? 137 ARG A N   1 
ATOM   1071 C  CA  . ARG A 1 137 ? 2.008   5.515   10.570  1.00 47.90  ? 137 ARG A CA  1 
ATOM   1072 C  C   . ARG A 1 137 ? 3.479   5.323   10.185  1.00 53.32  ? 137 ARG A C   1 
ATOM   1073 O  O   . ARG A 1 137 ? 4.292   6.249   10.298  1.00 53.00  ? 137 ARG A O   1 
ATOM   1074 C  CB  . ARG A 1 137 ? 1.690   4.788   11.875  1.00 44.38  ? 137 ARG A CB  1 
ATOM   1075 C  CG  . ARG A 1 137 ? 0.253   4.952   12.363  1.00 36.81  ? 137 ARG A CG  1 
ATOM   1076 C  CD  . ARG A 1 137 ? 0.200   4.417   13.763  1.00 53.04  ? 137 ARG A CD  1 
ATOM   1077 N  NE  . ARG A 1 137 ? -1.007  3.675   14.137  1.00 55.42  ? 137 ARG A NE  1 
ATOM   1078 C  CZ  . ARG A 1 137 ? -2.223  4.196   14.224  1.00 61.61  ? 137 ARG A CZ  1 
ATOM   1079 N  NH1 . ARG A 1 137 ? -2.420  5.484   13.943  1.00 56.75  ? 137 ARG A NH1 1 
ATOM   1080 N  NH2 . ARG A 1 137 ? -3.223  3.430   14.646  1.00 43.41  ? 137 ARG A NH2 1 
ATOM   1081 N  N   . LYS A 1 138 ? 3.804   4.126   9.692   1.00 49.06  ? 138 LYS A N   1 
ATOM   1082 C  CA  . LYS A 1 138 ? 5.171   3.799   9.287   1.00 46.95  ? 138 LYS A CA  1 
ATOM   1083 C  C   . LYS A 1 138 ? 5.706   4.704   8.162   1.00 50.09  ? 138 LYS A C   1 
ATOM   1084 O  O   . LYS A 1 138 ? 6.897   5.058   8.132   1.00 46.71  ? 138 LYS A O   1 
ATOM   1085 C  CB  . LYS A 1 138 ? 5.244   2.325   8.885   1.00 39.81  ? 138 LYS A CB  1 
ATOM   1086 C  CG  . LYS A 1 138 ? 4.875   1.354   10.030  1.00 46.32  ? 138 LYS A CG  1 
ATOM   1087 C  CD  . LYS A 1 138 ? 6.057   1.089   11.001  1.00 32.77  ? 138 LYS A CD  1 
ATOM   1088 C  CE  . LYS A 1 138 ? 5.817   1.702   12.337  1.00 11.21  ? 138 LYS A CE  1 
ATOM   1089 N  NZ  . LYS A 1 138 ? 5.359   3.080   12.117  1.00 15.41  ? 138 LYS A NZ  1 
ATOM   1090 N  N   . LEU A 1 139 ? 4.830   5.084   7.241   1.00 47.85  ? 139 LEU A N   1 
ATOM   1091 C  CA  . LEU A 1 139 ? 5.233   5.968   6.159   1.00 47.25  ? 139 LEU A CA  1 
ATOM   1092 C  C   . LEU A 1 139 ? 5.568   7.339   6.766   1.00 49.80  ? 139 LEU A C   1 
ATOM   1093 O  O   . LEU A 1 139 ? 6.667   7.873   6.572   1.00 38.92  ? 139 LEU A O   1 
ATOM   1094 C  CB  . LEU A 1 139 ? 4.098   6.099   5.145   1.00 40.35  ? 139 LEU A CB  1 
ATOM   1095 C  CG  . LEU A 1 139 ? 4.267   7.110   4.010   1.00 40.89  ? 139 LEU A CG  1 
ATOM   1096 C  CD1 . LEU A 1 139 ? 5.506   6.807   3.174   1.00 39.57  ? 139 LEU A CD1 1 
ATOM   1097 C  CD2 . LEU A 1 139 ? 3.015   7.058   3.164   1.00 42.07  ? 139 LEU A CD2 1 
ATOM   1098 N  N   . ALA A 1 140 ? 4.610   7.889   7.512   1.00 44.45  ? 140 ALA A N   1 
ATOM   1099 C  CA  . ALA A 1 140 ? 4.779   9.183   8.167   1.00 41.49  ? 140 ALA A CA  1 
ATOM   1100 C  C   . ALA A 1 140 ? 6.150   9.267   8.834   1.00 44.23  ? 140 ALA A C   1 
ATOM   1101 O  O   . ALA A 1 140 ? 6.918   10.210  8.605   1.00 45.18  ? 140 ALA A O   1 
ATOM   1102 C  CB  . ALA A 1 140 ? 3.691   9.378   9.205   1.00 34.37  ? 140 ALA A CB  1 
ATOM   1103 N  N   . ALA A 1 141 ? 6.439   8.270   9.662   1.00 42.88  ? 141 ALA A N   1 
ATOM   1104 C  CA  . ALA A 1 141 ? 7.706   8.183   10.377  1.00 46.59  ? 141 ALA A CA  1 
ATOM   1105 C  C   . ALA A 1 141 ? 8.884   8.101   9.409   1.00 58.80  ? 141 ALA A C   1 
ATOM   1106 O  O   . ALA A 1 141 ? 9.929   8.741   9.609   1.00 52.58  ? 141 ALA A O   1 
ATOM   1107 C  CB  . ALA A 1 141 ? 7.700   6.964   11.276  1.00 36.97  ? 141 ALA A CB  1 
ATOM   1108 N  N   . GLU A 1 142 ? 8.707   7.312   8.354   1.00 60.75  ? 142 GLU A N   1 
ATOM   1109 C  CA  . GLU A 1 142 ? 9.753   7.127   7.360   1.00 58.00  ? 142 GLU A CA  1 
ATOM   1110 C  C   . GLU A 1 142 ? 10.086  8.435   6.657   1.00 56.39  ? 142 GLU A C   1 
ATOM   1111 O  O   . GLU A 1 142 ? 11.241  8.684   6.296   1.00 55.30  ? 142 GLU A O   1 
ATOM   1112 C  CB  . GLU A 1 142 ? 9.313   6.078   6.347   1.00 51.76  ? 142 GLU A CB  1 
ATOM   1113 C  CG  . GLU A 1 142 ? 10.418  5.118   5.966   1.00 59.39  ? 142 GLU A CG  1 
ATOM   1114 C  CD  . GLU A 1 142 ? 11.048  4.444   7.169   1.00 61.91  ? 142 GLU A CD  1 
ATOM   1115 O  OE1 . GLU A 1 142 ? 10.299  3.992   8.058   1.00 63.46  ? 142 GLU A OE1 1 
ATOM   1116 O  OE2 . GLU A 1 142 ? 12.292  4.353   7.216   1.00 56.38  ? 142 GLU A OE2 1 
ATOM   1117 N  N   . LEU A 1 143 ? 9.063   9.265   6.482   1.00 53.47  ? 143 LEU A N   1 
ATOM   1118 C  CA  . LEU A 1 143 ? 9.201   10.564  5.837   1.00 58.01  ? 143 LEU A CA  1 
ATOM   1119 C  C   . LEU A 1 143 ? 9.838   11.569  6.767   1.00 60.57  ? 143 LEU A C   1 
ATOM   1120 O  O   . LEU A 1 143 ? 10.727  12.314  6.371   1.00 63.41  ? 143 LEU A O   1 
ATOM   1121 C  CB  . LEU A 1 143 ? 7.833   11.095  5.412   1.00 55.32  ? 143 LEU A CB  1 
ATOM   1122 C  CG  . LEU A 1 143 ? 7.424   10.869  3.962   1.00 55.46  ? 143 LEU A CG  1 
ATOM   1123 C  CD1 . LEU A 1 143 ? 8.061   9.601   3.414   1.00 52.65  ? 143 LEU A CD1 1 
ATOM   1124 C  CD2 . LEU A 1 143 ? 5.910   10.805  3.896   1.00 52.21  ? 143 LEU A CD2 1 
ATOM   1125 N  N   . ALA A 1 144 ? 9.374   11.603  8.007   1.00 65.16  ? 144 ALA A N   1 
ATOM   1126 C  CA  . ALA A 1 144 ? 9.927   12.554  8.954   1.00 65.40  ? 144 ALA A CA  1 
ATOM   1127 C  C   . ALA A 1 144 ? 11.421  12.302  9.207   1.00 64.01  ? 144 ALA A C   1 
ATOM   1128 O  O   . ALA A 1 144 ? 12.128  13.191  9.672   1.00 64.99  ? 144 ALA A O   1 
ATOM   1129 C  CB  . ALA A 1 144 ? 9.139   12.517  10.260  1.00 58.12  ? 144 ALA A CB  1 
ATOM   1130 N  N   . LEU A 1 145 ? 11.897  11.100  8.893   1.00 62.62  ? 145 LEU A N   1 
ATOM   1131 C  CA  . LEU A 1 145 ? 13.304  10.760  9.087   1.00 69.94  ? 145 LEU A CA  1 
ATOM   1132 C  C   . LEU A 1 145 ? 14.176  11.237  7.928   1.00 78.04  ? 145 LEU A C   1 
ATOM   1133 O  O   . LEU A 1 145 ? 15.399  11.359  8.060   1.00 87.26  ? 145 LEU A O   1 
ATOM   1134 C  CB  . LEU A 1 145 ? 13.460  9.249   9.264   1.00 69.78  ? 145 LEU A CB  1 
ATOM   1135 C  CG  . LEU A 1 145 ? 12.950  8.688   10.593  1.00 66.84  ? 145 LEU A CG  1 
ATOM   1136 C  CD1 . LEU A 1 145 ? 12.674  7.203   10.453  1.00 62.12  ? 145 LEU A CD1 1 
ATOM   1137 C  CD2 . LEU A 1 145 ? 13.955  8.960   11.693  1.00 47.70  ? 145 LEU A CD2 1 
ATOM   1138 N  N   . GLU A 1 146 ? 13.539  11.494  6.790   1.00 81.76  ? 146 GLU A N   1 
ATOM   1139 C  CA  . GLU A 1 146 ? 14.227  11.975  5.596   1.00 83.48  ? 146 GLU A CA  1 
ATOM   1140 C  C   . GLU A 1 146 ? 13.961  13.470  5.411   1.00 84.47  ? 146 GLU A C   1 
ATOM   1141 O  O   . GLU A 1 146 ? 14.588  14.122  4.574   1.00 87.33  ? 146 GLU A O   1 
ATOM   1142 C  CB  . GLU A 1 146 ? 13.749  11.193  4.368   1.00 84.75  ? 146 GLU A CB  1 
ATOM   1143 C  CG  . GLU A 1 146 ? 14.557  9.942   4.070   1.00 89.99  ? 146 GLU A CG  1 
ATOM   1144 C  CD  . GLU A 1 146 ? 15.917  10.268  3.472   1.00 98.27  ? 146 GLU A CD  1 
ATOM   1145 O  OE1 . GLU A 1 146 ? 16.644  9.329   3.079   1.00 98.70  ? 146 GLU A OE1 1 
ATOM   1146 O  OE2 . GLU A 1 146 ? 16.262  11.468  3.392   1.00 101.43 ? 146 GLU A OE2 1 
ATOM   1147 N  N   . HIS A 1 147 ? 13.024  13.995  6.201   1.00 85.34  ? 147 HIS A N   1 
ATOM   1148 C  CA  . HIS A 1 147 ? 12.651  15.410  6.187   1.00 84.86  ? 147 HIS A CA  1 
ATOM   1149 C  C   . HIS A 1 147 ? 12.304  15.919  4.791   1.00 84.05  ? 147 HIS A C   1 
ATOM   1150 O  O   . HIS A 1 147 ? 12.222  17.130  4.562   1.00 81.68  ? 147 HIS A O   1 
ATOM   1151 C  CB  . HIS A 1 147 ? 13.791  16.247  6.783   1.00 91.93  ? 147 HIS A CB  1 
ATOM   1152 C  CG  . HIS A 1 147 ? 14.572  15.528  7.843   1.00 101.98 ? 147 HIS A CG  1 
ATOM   1153 N  ND1 . HIS A 1 147 ? 13.995  15.042  8.996   1.00 98.52  ? 147 HIS A ND1 1 
ATOM   1154 C  CD2 . HIS A 1 147 ? 15.881  15.181  7.905   1.00 102.69 ? 147 HIS A CD2 1 
ATOM   1155 C  CE1 . HIS A 1 147 ? 14.912  14.426  9.721   1.00 95.81  ? 147 HIS A CE1 1 
ATOM   1156 N  NE2 . HIS A 1 147 ? 16.066  14.496  9.080   1.00 99.38  ? 147 HIS A NE2 1 
HETATM 1157 O  O   . HOH B 2 .   ? -14.706 -7.538  -4.507  1.00 35.58  ? 153 HOH A O   1 
HETATM 1158 O  O   . HOH B 2 .   ? -12.595 7.156   5.943   1.00 37.54  ? 154 HOH A O   1 
HETATM 1159 O  O   . HOH B 2 .   ? -8.550  5.989   10.091  1.00 39.41  ? 155 HOH A O   1 
HETATM 1160 O  O   . HOH B 2 .   ? 2.133   14.885  9.008   1.00 56.17  ? 156 HOH A O   1 
HETATM 1161 O  O   . HOH B 2 .   ? 11.597  1.232   7.894   1.00 31.91  ? 157 HOH A O   1 
HETATM 1162 O  O   . HOH B 2 .   ? 5.096   -2.055  8.547   1.00 8.07   ? 158 HOH A O   1 
HETATM 1163 O  O   . HOH B 2 .   ? 0.835   -5.399  15.237  1.00 40.53  ? 159 HOH A O   1 
HETATM 1164 O  O   . HOH B 2 .   ? 6.575   -1.953  11.796  1.00 32.41  ? 160 HOH A O   1 
HETATM 1165 O  O   . HOH B 2 .   ? 12.619  -17.997 -1.740  1.00 49.71  ? 161 HOH A O   1 
HETATM 1166 O  O   . HOH B 2 .   ? -1.101  -19.341 -7.344  1.00 50.97  ? 162 HOH A O   1 
# 
